data_5MZR
#
_entry.id   5MZR
#
_cell.length_a   182.842
_cell.length_b   132.989
_cell.length_c   161.162
_cell.angle_alpha   90.00
_cell.angle_beta   102.83
_cell.angle_gamma   90.00
#
_symmetry.space_group_name_H-M   'C 1 2 1'
#
loop_
_entity.id
_entity.type
_entity.pdbx_description
1 polymer 'Proton-gated ion channel'
2 non-polymer 'DIUNDECYL PHOSPHATIDYL CHOLINE'
3 non-polymer 'CHLORIDE ION'
4 non-polymer 'SODIUM ION'
5 non-polymer 'ACETATE ION'
6 non-polymer DODECYL-BETA-D-MALTOSIDE
7 non-polymer 2,6-BIS(1-METHYLETHYL)PHENOL
8 water water
#
_entity_poly.entity_id   1
_entity_poly.type   'polypeptide(L)'
_entity_poly.pdbx_seq_one_letter_code
;GQDMVSPPPPIADEPLTVNTGIYLIECYSLDDKAETFKVNAFLSLSWKDRRLAFDPVRSGVRVKTYEPEAIWIPEIRFVN
VENARDADVVDISVSPDGTVQYLERFSARVLSPLDFRRYPFDSQTLHIYLIVRSVDTRNIVLAVDLEKVGKNDDVFLTGW
DIESFTAVVKPANFALEDRLESKLDYQLRISRQYFSYIPNIILPMLFILFISWTAFWSTSYEANVTLVVSTLIAQIAFNI
LVETNLPKTPYMTYTGAIIFMIYLFYFVAVIEVTVQHYLKVESQPARAASITRASRIAFPVVFLLANIILAFLFFGFGYP
YDVPDYA
;
_entity_poly.pdbx_strand_id   A,B,C,D,E
#
loop_
_chem_comp.id
_chem_comp.type
_chem_comp.name
_chem_comp.formula
ACT non-polymer 'ACETATE ION' 'C2 H3 O2 -1'
CL non-polymer 'CHLORIDE ION' 'Cl -1'
LMT D-saccharide DODECYL-BETA-D-MALTOSIDE 'C24 H46 O11'
NA non-polymer 'SODIUM ION' 'Na 1'
PFL non-polymer 2,6-BIS(1-METHYLETHYL)PHENOL 'C12 H18 O'
PLC non-polymer 'DIUNDECYL PHOSPHATIDYL CHOLINE' 'C32 H65 N O8 P 1'
#
# COMPACT_ATOMS: atom_id res chain seq x y z
N VAL A 5 -3.23 42.77 8.20
CA VAL A 5 -4.44 42.93 9.02
C VAL A 5 -4.22 42.35 10.42
N SER A 6 -4.74 43.07 11.43
CA SER A 6 -4.67 42.72 12.85
C SER A 6 -6.06 42.23 13.34
N PRO A 7 -6.19 41.61 14.54
CA PRO A 7 -7.52 41.16 15.00
C PRO A 7 -8.46 42.31 15.39
N PRO A 8 -9.82 42.10 15.46
CA PRO A 8 -10.71 43.21 15.84
C PRO A 8 -10.40 43.73 17.24
N PRO A 9 -10.38 45.07 17.45
CA PRO A 9 -10.07 45.59 18.78
C PRO A 9 -11.26 45.48 19.73
N PRO A 10 -11.00 45.19 21.01
CA PRO A 10 -12.12 45.02 21.95
C PRO A 10 -12.77 46.33 22.40
N ILE A 11 -14.12 46.35 22.54
CA ILE A 11 -14.87 47.52 23.03
C ILE A 11 -14.38 47.83 24.46
N ALA A 12 -14.29 46.78 25.28
CA ALA A 12 -13.76 46.75 26.64
C ALA A 12 -12.66 45.65 26.56
N ASP A 13 -12.36 44.92 27.66
CA ASP A 13 -11.32 43.87 27.72
C ASP A 13 -11.87 42.43 27.49
N GLU A 14 -13.01 42.31 26.79
CA GLU A 14 -13.65 41.02 26.53
C GLU A 14 -12.89 40.13 25.53
N PRO A 15 -12.89 38.77 25.69
CA PRO A 15 -12.27 37.92 24.67
C PRO A 15 -13.18 37.87 23.42
N LEU A 16 -12.60 37.56 22.25
CA LEU A 16 -13.34 37.48 20.99
C LEU A 16 -13.94 36.08 20.81
N THR A 17 -15.25 36.04 20.56
CA THR A 17 -15.99 34.81 20.37
C THR A 17 -16.09 34.44 18.89
N VAL A 18 -15.63 33.23 18.55
CA VAL A 18 -15.74 32.70 17.21
C VAL A 18 -16.74 31.57 17.26
N ASN A 19 -17.91 31.78 16.64
CA ASN A 19 -18.94 30.77 16.57
C ASN A 19 -18.57 29.82 15.46
N THR A 20 -18.60 28.51 15.78
CA THR A 20 -18.21 27.47 14.83
C THR A 20 -19.35 26.50 14.56
N GLY A 21 -19.22 25.77 13.47
CA GLY A 21 -20.16 24.75 13.04
C GLY A 21 -19.50 23.80 12.05
N ILE A 22 -19.82 22.53 12.15
CA ILE A 22 -19.32 21.53 11.22
C ILE A 22 -20.52 20.78 10.65
N TYR A 23 -20.59 20.71 9.33
CA TYR A 23 -21.65 20.01 8.66
C TYR A 23 -20.97 18.91 7.84
N LEU A 24 -21.15 17.63 8.24
CA LEU A 24 -20.54 16.50 7.56
C LEU A 24 -21.19 16.17 6.25
N ILE A 25 -20.37 16.14 5.19
CA ILE A 25 -20.81 15.78 3.85
C ILE A 25 -20.50 14.28 3.63
N GLU A 26 -19.26 13.84 3.96
N GLU A 26 -19.26 13.84 3.99
CA GLU A 26 -18.84 12.44 3.80
CA GLU A 26 -18.82 12.45 3.83
C GLU A 26 -17.95 11.95 4.95
C GLU A 26 -17.98 11.95 5.01
N CYS A 27 -18.08 10.64 5.28
CA CYS A 27 -17.31 9.90 6.29
C CYS A 27 -16.93 8.65 5.58
N TYR A 28 -15.65 8.37 5.55
CA TYR A 28 -15.14 7.19 4.87
C TYR A 28 -13.86 6.74 5.55
N SER A 29 -13.33 5.60 5.09
CA SER A 29 -12.08 4.99 5.52
C SER A 29 -11.84 5.00 7.05
N LEU A 30 -12.73 4.34 7.83
CA LEU A 30 -12.46 4.16 9.23
C LEU A 30 -11.51 2.94 9.34
N ASP A 31 -10.22 3.22 9.51
CA ASP A 31 -9.15 2.25 9.66
C ASP A 31 -9.01 1.92 11.15
N ASP A 32 -9.35 0.69 11.54
CA ASP A 32 -9.28 0.24 12.94
C ASP A 32 -7.85 0.09 13.43
N LYS A 33 -7.00 -0.52 12.60
CA LYS A 33 -5.59 -0.75 12.92
C LYS A 33 -4.87 0.58 13.09
N ALA A 34 -5.16 1.55 12.18
CA ALA A 34 -4.55 2.88 12.23
C ALA A 34 -5.22 3.86 13.16
N GLU A 35 -6.46 3.55 13.61
CA GLU A 35 -7.32 4.37 14.48
C GLU A 35 -7.56 5.76 13.85
N THR A 36 -7.78 5.77 12.53
CA THR A 36 -8.04 6.99 11.74
C THR A 36 -9.34 6.85 10.92
N PHE A 37 -9.88 8.01 10.50
CA PHE A 37 -11.03 8.14 9.61
C PHE A 37 -10.91 9.40 8.76
N LYS A 38 -11.53 9.39 7.59
CA LYS A 38 -11.45 10.55 6.71
C LYS A 38 -12.81 11.21 6.70
N VAL A 39 -12.78 12.52 6.66
CA VAL A 39 -13.96 13.35 6.72
C VAL A 39 -13.91 14.43 5.63
N ASN A 40 -15.07 14.70 5.02
CA ASN A 40 -15.26 15.76 4.05
C ASN A 40 -16.44 16.57 4.59
N ALA A 41 -16.19 17.82 4.99
CA ALA A 41 -17.21 18.63 5.67
C ALA A 41 -17.15 20.10 5.34
N PHE A 42 -18.14 20.85 5.86
CA PHE A 42 -18.19 22.30 5.82
C PHE A 42 -17.76 22.79 7.19
N LEU A 43 -16.89 23.79 7.25
CA LEU A 43 -16.53 24.42 8.51
C LEU A 43 -17.07 25.82 8.38
N SER A 44 -17.98 26.18 9.27
CA SER A 44 -18.57 27.51 9.27
C SER A 44 -18.02 28.26 10.48
N LEU A 45 -17.60 29.52 10.26
CA LEU A 45 -17.08 30.42 11.31
C LEU A 45 -17.83 31.72 11.28
N SER A 46 -18.01 32.35 12.45
CA SER A 46 -18.68 33.64 12.59
C SER A 46 -18.19 34.42 13.79
N TRP A 47 -17.88 35.70 13.57
CA TRP A 47 -17.37 36.61 14.59
C TRP A 47 -17.72 38.02 14.16
N LYS A 48 -17.69 38.97 15.11
CA LYS A 48 -17.94 40.38 14.85
C LYS A 48 -16.62 41.17 14.71
N ASP A 49 -16.52 41.97 13.63
CA ASP A 49 -15.41 42.89 13.36
C ASP A 49 -16.03 44.27 13.13
N ARG A 50 -16.07 45.12 14.17
CA ARG A 50 -16.68 46.47 14.11
C ARG A 50 -16.06 47.36 13.01
N ARG A 51 -14.78 47.17 12.68
CA ARG A 51 -14.07 47.87 11.60
C ARG A 51 -14.72 47.62 10.23
N LEU A 52 -15.45 46.50 10.09
CA LEU A 52 -16.12 46.09 8.85
C LEU A 52 -17.59 46.53 8.76
N ALA A 53 -18.12 47.21 9.82
CA ALA A 53 -19.48 47.73 9.88
C ALA A 53 -19.76 48.81 8.82
N PHE A 54 -21.03 48.91 8.39
CA PHE A 54 -21.49 49.85 7.36
C PHE A 54 -22.98 50.19 7.51
N ASP A 55 -23.43 51.24 6.81
CA ASP A 55 -24.83 51.66 6.78
C ASP A 55 -25.45 51.06 5.51
N PRO A 56 -26.53 50.24 5.63
CA PRO A 56 -27.12 49.63 4.41
C PRO A 56 -27.75 50.64 3.44
N VAL A 57 -28.20 51.79 3.97
CA VAL A 57 -28.84 52.90 3.23
C VAL A 57 -27.82 53.60 2.29
N ARG A 58 -26.68 54.06 2.84
CA ARG A 58 -25.61 54.75 2.13
C ARG A 58 -24.90 53.88 1.08
N SER A 59 -24.66 52.59 1.41
CA SER A 59 -23.98 51.63 0.54
C SER A 59 -24.88 50.98 -0.51
N GLY A 60 -26.19 50.91 -0.22
CA GLY A 60 -27.18 50.34 -1.13
C GLY A 60 -27.27 48.82 -1.09
N VAL A 61 -26.27 48.17 -0.46
CA VAL A 61 -26.15 46.72 -0.28
C VAL A 61 -26.49 46.32 1.16
N ARG A 62 -27.06 45.11 1.33
CA ARG A 62 -27.43 44.59 2.65
C ARG A 62 -26.34 43.67 3.21
N VAL A 63 -25.48 43.17 2.32
CA VAL A 63 -24.39 42.24 2.62
C VAL A 63 -23.16 42.56 1.77
N LYS A 64 -21.96 42.53 2.34
CA LYS A 64 -20.72 42.75 1.60
C LYS A 64 -19.94 41.42 1.52
N THR A 65 -19.41 41.09 0.34
CA THR A 65 -18.60 39.89 0.10
C THR A 65 -17.14 40.30 0.10
N TYR A 66 -16.26 39.48 0.71
CA TYR A 66 -14.83 39.76 0.76
C TYR A 66 -14.00 38.55 0.33
N GLU A 67 -12.72 38.81 0.03
CA GLU A 67 -11.75 37.77 -0.29
C GLU A 67 -10.96 37.51 1.00
N PRO A 68 -10.58 36.24 1.31
CA PRO A 68 -9.89 35.98 2.59
C PRO A 68 -8.74 36.93 2.95
N GLU A 69 -7.91 37.26 1.95
CA GLU A 69 -6.76 38.16 2.04
C GLU A 69 -7.13 39.60 2.41
N ALA A 70 -8.35 40.04 2.02
CA ALA A 70 -8.84 41.39 2.27
C ALA A 70 -9.12 41.70 3.73
N ILE A 71 -9.54 40.70 4.53
CA ILE A 71 -9.90 40.93 5.94
C ILE A 71 -9.18 39.99 6.90
N TRP A 72 -9.32 40.26 8.21
CA TRP A 72 -8.75 39.41 9.26
C TRP A 72 -9.65 38.20 9.46
N ILE A 73 -9.04 37.00 9.47
CA ILE A 73 -9.71 35.72 9.67
C ILE A 73 -8.96 34.96 10.79
N PRO A 74 -9.69 34.40 11.79
CA PRO A 74 -8.99 33.68 12.88
C PRO A 74 -8.33 32.40 12.40
N GLU A 75 -7.10 32.12 12.85
CA GLU A 75 -6.39 30.88 12.48
C GLU A 75 -6.92 29.72 13.32
N ILE A 76 -7.89 29.01 12.76
CA ILE A 76 -8.52 27.84 13.37
C ILE A 76 -7.85 26.58 12.80
N ARG A 77 -7.34 25.70 13.66
CA ARG A 77 -6.73 24.42 13.25
C ARG A 77 -7.45 23.24 13.91
N PHE A 78 -7.17 22.02 13.47
CA PHE A 78 -7.66 20.79 14.09
C PHE A 78 -6.52 20.22 14.90
N VAL A 79 -6.83 19.75 16.11
CA VAL A 79 -5.82 19.17 16.99
C VAL A 79 -5.40 17.78 16.47
N ASN A 80 -6.38 16.89 16.29
CA ASN A 80 -6.14 15.49 15.99
C ASN A 80 -6.15 15.11 14.48
N VAL A 81 -5.40 15.85 13.67
CA VAL A 81 -5.26 15.56 12.25
C VAL A 81 -3.88 15.02 11.95
N GLU A 82 -3.75 14.22 10.87
CA GLU A 82 -2.46 13.69 10.41
C GLU A 82 -1.66 14.90 9.87
N ASN A 83 -2.18 15.47 8.80
CA ASN A 83 -1.64 16.67 8.18
C ASN A 83 -2.72 17.74 8.26
N ALA A 84 -2.34 19.03 8.16
CA ALA A 84 -3.32 20.13 8.16
C ALA A 84 -4.34 19.90 7.04
N ARG A 85 -5.62 20.25 7.30
CA ARG A 85 -6.72 20.08 6.36
C ARG A 85 -6.50 20.75 4.98
N ASP A 86 -7.12 20.14 3.96
CA ASP A 86 -7.17 20.59 2.58
C ASP A 86 -8.47 21.40 2.55
N ALA A 87 -8.38 22.75 2.51
CA ALA A 87 -9.56 23.62 2.58
C ALA A 87 -9.73 24.60 1.43
N ASP A 88 -10.99 24.81 1.01
CA ASP A 88 -11.38 25.75 -0.04
CA ASP A 88 -11.41 25.72 -0.06
C ASP A 88 -12.48 26.66 0.51
N VAL A 89 -12.19 27.98 0.55
CA VAL A 89 -13.15 28.97 1.06
C VAL A 89 -14.33 29.02 0.06
N VAL A 90 -15.54 28.81 0.58
CA VAL A 90 -16.76 28.83 -0.19
C VAL A 90 -17.30 30.29 -0.24
N ASP A 91 -17.37 30.97 0.92
CA ASP A 91 -17.90 32.32 0.99
C ASP A 91 -17.49 33.05 2.26
N ILE A 92 -17.34 34.39 2.16
CA ILE A 92 -17.10 35.33 3.27
C ILE A 92 -18.11 36.47 3.06
N SER A 93 -18.98 36.69 4.06
CA SER A 93 -20.06 37.67 4.02
C SER A 93 -20.15 38.51 5.28
N VAL A 94 -20.21 39.84 5.12
CA VAL A 94 -20.29 40.79 6.23
C VAL A 94 -21.66 41.49 6.24
N SER A 95 -22.29 41.54 7.42
CA SER A 95 -23.57 42.19 7.64
C SER A 95 -23.31 43.65 8.11
N PRO A 96 -24.32 44.58 8.04
CA PRO A 96 -24.07 45.98 8.42
C PRO A 96 -23.39 46.21 9.78
N ASP A 97 -23.70 45.40 10.81
CA ASP A 97 -23.08 45.54 12.14
C ASP A 97 -21.64 45.01 12.21
N GLY A 98 -21.17 44.43 11.11
CA GLY A 98 -19.82 43.89 11.01
C GLY A 98 -19.70 42.43 11.41
N THR A 99 -20.83 41.71 11.39
CA THR A 99 -20.85 40.28 11.70
C THR A 99 -20.37 39.54 10.45
N VAL A 100 -19.20 38.88 10.58
CA VAL A 100 -18.60 38.13 9.50
C VAL A 100 -19.12 36.69 9.53
N GLN A 101 -19.44 36.15 8.35
CA GLN A 101 -19.89 34.78 8.16
C GLN A 101 -18.99 34.12 7.11
N TYR A 102 -18.08 33.27 7.60
CA TYR A 102 -17.09 32.54 6.81
C TYR A 102 -17.56 31.08 6.63
N LEU A 103 -17.31 30.53 5.43
CA LEU A 103 -17.65 29.15 5.12
C LEU A 103 -16.59 28.52 4.22
N GLU A 104 -16.03 27.38 4.65
CA GLU A 104 -15.04 26.62 3.86
C GLU A 104 -15.47 25.19 3.80
N ARG A 105 -15.04 24.52 2.75
CA ARG A 105 -15.24 23.09 2.63
C ARG A 105 -13.85 22.46 2.77
N PHE A 106 -13.71 21.47 3.65
CA PHE A 106 -12.43 20.82 3.88
C PHE A 106 -12.53 19.32 3.86
N SER A 107 -11.38 18.68 3.71
CA SER A 107 -11.18 17.24 3.83
C SER A 107 -9.99 17.07 4.78
N ALA A 108 -10.06 16.06 5.68
CA ALA A 108 -8.99 15.80 6.65
C ALA A 108 -8.98 14.37 7.11
N ARG A 109 -7.78 13.84 7.45
CA ARG A 109 -7.60 12.49 8.02
C ARG A 109 -7.43 12.69 9.52
N VAL A 110 -8.43 12.24 10.28
CA VAL A 110 -8.55 12.44 11.72
C VAL A 110 -8.04 11.21 12.50
N LEU A 111 -7.25 11.45 13.56
CA LEU A 111 -6.69 10.47 14.49
C LEU A 111 -7.62 10.42 15.66
N SER A 112 -8.33 9.32 15.83
CA SER A 112 -9.19 9.19 16.98
C SER A 112 -9.07 7.80 17.57
N PRO A 113 -8.63 7.68 18.86
CA PRO A 113 -8.48 6.34 19.47
C PRO A 113 -9.77 5.56 19.70
N LEU A 114 -9.69 4.25 19.55
CA LEU A 114 -10.84 3.36 19.68
C LEU A 114 -10.70 2.39 20.83
N ASP A 115 -11.85 2.01 21.44
CA ASP A 115 -11.89 1.03 22.53
C ASP A 115 -12.33 -0.33 21.99
N PHE A 116 -11.39 -1.25 21.84
CA PHE A 116 -11.68 -2.56 21.25
C PHE A 116 -12.14 -3.65 22.21
N ARG A 117 -12.26 -3.33 23.51
CA ARG A 117 -12.70 -4.25 24.56
C ARG A 117 -13.94 -5.13 24.20
N ARG A 118 -14.96 -4.57 23.52
CA ARG A 118 -16.18 -5.31 23.17
C ARG A 118 -16.31 -5.68 21.68
N TYR A 119 -15.19 -5.59 20.93
CA TYR A 119 -15.14 -5.90 19.50
C TYR A 119 -15.49 -7.37 19.25
N PRO A 120 -16.29 -7.70 18.20
CA PRO A 120 -16.86 -6.82 17.15
C PRO A 120 -18.23 -6.21 17.44
N PHE A 121 -18.63 -6.16 18.73
CA PHE A 121 -19.95 -5.67 19.19
C PHE A 121 -19.77 -4.31 19.86
N ASP A 122 -18.74 -3.57 19.40
CA ASP A 122 -18.38 -2.30 20.00
C ASP A 122 -19.07 -1.08 19.38
N SER A 123 -18.98 0.04 20.13
CA SER A 123 -19.46 1.36 19.77
C SER A 123 -18.32 2.33 20.05
N GLN A 124 -18.25 3.38 19.27
CA GLN A 124 -17.18 4.36 19.41
C GLN A 124 -17.72 5.76 19.38
N THR A 125 -16.95 6.67 19.99
CA THR A 125 -17.17 8.11 19.93
C THR A 125 -15.93 8.67 19.26
N LEU A 126 -16.08 9.06 18.00
CA LEU A 126 -15.01 9.68 17.24
C LEU A 126 -15.00 11.18 17.56
N HIS A 127 -13.80 11.78 17.70
CA HIS A 127 -13.65 13.20 18.02
C HIS A 127 -12.98 13.99 16.94
N ILE A 128 -13.41 15.24 16.78
CA ILE A 128 -12.82 16.23 15.90
C ILE A 128 -12.59 17.43 16.82
N TYR A 129 -11.33 17.70 17.16
CA TYR A 129 -11.03 18.81 18.06
C TYR A 129 -10.62 20.06 17.32
N LEU A 130 -11.43 21.11 17.44
CA LEU A 130 -11.20 22.42 16.83
C LEU A 130 -10.42 23.29 17.82
N ILE A 131 -9.39 23.99 17.37
CA ILE A 131 -8.61 24.85 18.28
C ILE A 131 -8.26 26.25 17.69
N VAL A 132 -8.16 27.25 18.56
CA VAL A 132 -7.74 28.60 18.22
C VAL A 132 -6.70 29.08 19.25
N ARG A 133 -5.64 29.75 18.77
CA ARG A 133 -4.60 30.31 19.64
C ARG A 133 -4.76 31.83 19.73
N SER A 134 -4.78 32.34 20.97
CA SER A 134 -4.90 33.77 21.21
C SER A 134 -3.67 34.50 20.73
N VAL A 135 -3.89 35.73 20.29
CA VAL A 135 -2.87 36.62 19.75
C VAL A 135 -2.47 37.67 20.79
N ASP A 136 -1.29 38.29 20.59
CA ASP A 136 -0.72 39.33 21.48
C ASP A 136 -1.71 40.41 21.85
N THR A 137 -2.49 40.85 20.84
CA THR A 137 -3.46 41.93 20.94
C THR A 137 -4.74 41.46 21.63
N ARG A 138 -5.22 40.23 21.37
CA ARG A 138 -6.42 39.80 22.09
C ARG A 138 -6.65 38.30 22.20
N ASN A 139 -7.48 37.95 23.20
CA ASN A 139 -7.85 36.58 23.54
C ASN A 139 -9.01 36.10 22.71
N ILE A 140 -8.82 34.99 21.97
CA ILE A 140 -9.85 34.40 21.13
C ILE A 140 -10.38 33.15 21.83
N VAL A 141 -11.72 32.98 21.78
CA VAL A 141 -12.47 31.90 22.42
C VAL A 141 -13.55 31.31 21.44
N LEU A 142 -13.66 29.98 21.40
CA LEU A 142 -14.58 29.27 20.49
C LEU A 142 -15.95 29.01 21.08
N ALA A 143 -16.96 28.95 20.21
CA ALA A 143 -18.35 28.69 20.57
C ALA A 143 -19.01 27.81 19.52
N VAL A 144 -20.12 27.17 19.87
CA VAL A 144 -20.86 26.29 18.96
C VAL A 144 -22.19 26.94 18.55
N ASP A 145 -22.40 27.13 17.23
CA ASP A 145 -23.67 27.58 16.68
C ASP A 145 -24.40 26.30 16.30
N LEU A 146 -25.26 25.78 17.21
CA LEU A 146 -25.97 24.51 17.05
C LEU A 146 -26.81 24.42 15.77
N GLU A 147 -27.27 25.55 15.26
CA GLU A 147 -28.04 25.63 14.02
C GLU A 147 -27.16 25.32 12.78
N LYS A 148 -25.82 25.25 12.99
CA LYS A 148 -24.86 25.03 11.91
C LYS A 148 -24.01 23.76 12.10
N VAL A 149 -24.45 22.87 13.02
CA VAL A 149 -23.85 21.57 13.29
C VAL A 149 -24.82 20.51 12.75
N GLY A 150 -24.32 19.60 11.94
CA GLY A 150 -25.12 18.56 11.34
C GLY A 150 -24.36 17.64 10.41
N LYS A 151 -25.11 16.79 9.70
CA LYS A 151 -24.58 15.83 8.74
C LYS A 151 -25.60 15.56 7.63
N ASN A 152 -25.10 15.20 6.46
CA ASN A 152 -25.93 14.84 5.32
C ASN A 152 -26.58 13.46 5.62
N ASP A 153 -27.86 13.27 5.20
CA ASP A 153 -28.66 12.05 5.39
C ASP A 153 -27.99 10.83 4.77
N ASP A 154 -27.34 11.04 3.59
CA ASP A 154 -26.62 10.03 2.81
C ASP A 154 -25.35 9.51 3.50
N VAL A 155 -24.66 10.35 4.36
CA VAL A 155 -23.43 10.03 5.10
C VAL A 155 -23.46 8.59 5.60
N PHE A 156 -22.62 7.75 4.99
CA PHE A 156 -22.49 6.33 5.25
C PHE A 156 -21.02 6.00 5.56
N LEU A 157 -20.79 5.37 6.70
CA LEU A 157 -19.46 4.92 7.08
C LEU A 157 -19.57 3.41 6.96
N THR A 158 -18.96 2.84 5.91
CA THR A 158 -18.99 1.41 5.58
C THR A 158 -18.69 0.57 6.81
N GLY A 159 -19.65 -0.29 7.17
CA GLY A 159 -19.55 -1.19 8.32
C GLY A 159 -19.91 -0.57 9.66
N TRP A 160 -20.45 0.64 9.64
CA TRP A 160 -20.83 1.35 10.87
C TRP A 160 -22.17 2.00 10.74
N ASP A 161 -22.84 2.17 11.88
CA ASP A 161 -24.10 2.89 11.99
C ASP A 161 -23.78 4.23 12.64
N ILE A 162 -24.17 5.34 12.01
CA ILE A 162 -23.94 6.66 12.60
C ILE A 162 -25.13 7.00 13.51
N GLU A 163 -24.88 7.05 14.83
CA GLU A 163 -25.88 7.35 15.83
C GLU A 163 -26.19 8.86 15.94
N SER A 164 -25.14 9.71 16.12
CA SER A 164 -25.28 11.16 16.28
C SER A 164 -23.98 11.91 16.03
N PHE A 165 -24.10 13.19 15.61
CA PHE A 165 -22.98 14.12 15.45
C PHE A 165 -23.34 15.37 16.21
N THR A 166 -22.71 15.56 17.38
CA THR A 166 -22.97 16.71 18.25
C THR A 166 -21.66 17.36 18.69
N ALA A 167 -21.74 18.56 19.30
CA ALA A 167 -20.57 19.26 19.84
C ALA A 167 -20.77 19.56 21.31
N VAL A 168 -19.70 19.42 22.11
CA VAL A 168 -19.68 19.79 23.53
C VAL A 168 -19.53 21.33 23.46
N VAL A 169 -20.64 22.05 23.77
CA VAL A 169 -20.79 23.52 23.62
C VAL A 169 -19.81 24.39 24.44
N LYS A 170 -19.31 23.88 25.57
CA LYS A 170 -18.37 24.65 26.37
C LYS A 170 -16.95 24.29 25.96
N PRO A 171 -16.11 25.23 25.46
CA PRO A 171 -14.75 24.85 25.09
C PRO A 171 -13.85 24.53 26.29
N ALA A 172 -12.79 23.77 26.04
CA ALA A 172 -11.79 23.40 26.99
C ALA A 172 -10.69 24.44 26.83
N ASN A 173 -10.75 25.51 27.63
CA ASN A 173 -9.77 26.60 27.60
C ASN A 173 -8.54 26.25 28.46
N PHE A 174 -7.32 26.68 28.01
CA PHE A 174 -6.07 26.39 28.71
C PHE A 174 -4.88 27.16 28.17
N ALA A 175 -3.79 27.23 28.95
CA ALA A 175 -2.58 27.90 28.50
C ALA A 175 -1.61 26.90 27.91
N LEU A 176 -1.09 27.24 26.72
CA LEU A 176 -0.09 26.48 26.02
C LEU A 176 0.98 27.48 25.58
N GLU A 177 2.18 27.37 26.16
CA GLU A 177 3.31 28.26 25.87
C GLU A 177 2.91 29.72 26.07
N ASP A 178 2.29 29.99 27.26
CA ASP A 178 1.83 31.28 27.76
C ASP A 178 0.80 32.01 26.87
N ARG A 179 -0.09 31.26 26.23
CA ARG A 179 -1.22 31.83 25.47
C ARG A 179 -2.46 30.99 25.61
N LEU A 180 -3.61 31.68 25.80
CA LEU A 180 -4.90 31.01 25.89
C LEU A 180 -5.18 30.26 24.57
N GLU A 181 -5.70 29.03 24.68
CA GLU A 181 -6.06 28.16 23.57
C GLU A 181 -7.46 27.66 23.85
N SER A 182 -8.41 27.93 22.96
CA SER A 182 -9.82 27.52 23.11
C SER A 182 -10.08 26.31 22.23
N LYS A 183 -10.41 25.16 22.85
CA LYS A 183 -10.58 23.89 22.15
C LYS A 183 -12.02 23.37 22.20
N LEU A 184 -12.60 23.02 21.04
CA LEU A 184 -13.96 22.46 20.95
C LEU A 184 -13.93 21.01 20.57
N ASP A 185 -14.83 20.23 21.19
CA ASP A 185 -14.96 18.80 20.94
C ASP A 185 -16.23 18.48 20.15
N TYR A 186 -16.05 18.09 18.87
CA TYR A 186 -17.14 17.62 18.00
C TYR A 186 -17.10 16.08 18.05
N GLN A 187 -18.19 15.47 18.54
CA GLN A 187 -18.29 14.03 18.74
C GLN A 187 -19.25 13.32 17.81
N LEU A 188 -18.72 12.33 17.08
CA LEU A 188 -19.48 11.47 16.18
C LEU A 188 -19.62 10.06 16.79
N ARG A 189 -20.85 9.74 17.26
CA ARG A 189 -21.15 8.46 17.89
C ARG A 189 -21.53 7.44 16.85
N ILE A 190 -20.78 6.35 16.81
CA ILE A 190 -20.96 5.27 15.83
C ILE A 190 -21.01 3.90 16.50
N SER A 191 -21.71 2.95 15.88
CA SER A 191 -21.74 1.58 16.37
C SER A 191 -21.52 0.61 15.22
N ARG A 192 -20.67 -0.36 15.46
CA ARG A 192 -20.26 -1.35 14.48
C ARG A 192 -21.41 -2.25 14.02
N GLN A 193 -21.44 -2.56 12.70
CA GLN A 193 -22.41 -3.48 12.09
C GLN A 193 -21.80 -4.88 12.22
N TYR A 194 -22.15 -5.56 13.31
CA TYR A 194 -21.62 -6.88 13.67
C TYR A 194 -22.18 -8.05 12.85
N PHE A 195 -23.31 -7.83 12.09
CA PHE A 195 -23.97 -8.85 11.25
C PHE A 195 -22.99 -9.86 10.64
N SER A 196 -22.13 -9.41 9.69
CA SER A 196 -21.18 -10.22 8.92
C SER A 196 -20.27 -11.11 9.76
N TYR A 197 -19.86 -10.67 10.96
CA TYR A 197 -19.01 -11.45 11.86
C TYR A 197 -19.62 -12.81 12.22
N ILE A 198 -20.96 -12.87 12.33
CA ILE A 198 -21.67 -14.09 12.67
C ILE A 198 -21.49 -15.20 11.57
N PRO A 199 -21.95 -15.03 10.31
CA PRO A 199 -21.75 -16.10 9.33
C PRO A 199 -20.32 -16.27 8.82
N ASN A 200 -19.50 -15.21 8.86
CA ASN A 200 -18.16 -15.27 8.28
C ASN A 200 -17.06 -15.74 9.22
N ILE A 201 -17.20 -15.50 10.55
CA ILE A 201 -16.15 -15.85 11.51
C ILE A 201 -16.65 -16.71 12.67
N ILE A 202 -17.68 -16.24 13.41
CA ILE A 202 -18.23 -16.95 14.60
C ILE A 202 -18.72 -18.33 14.27
N LEU A 203 -19.68 -18.46 13.31
CA LEU A 203 -20.24 -19.78 12.96
C LEU A 203 -19.19 -20.72 12.37
N PRO A 204 -18.29 -20.31 11.44
CA PRO A 204 -17.24 -21.23 10.98
C PRO A 204 -16.39 -21.78 12.12
N MET A 205 -15.97 -20.93 13.09
CA MET A 205 -15.19 -21.35 14.26
C MET A 205 -15.93 -22.44 15.06
N LEU A 206 -17.27 -22.28 15.28
CA LEU A 206 -18.07 -23.27 16.00
C LEU A 206 -18.14 -24.58 15.26
N PHE A 207 -18.40 -24.53 13.93
CA PHE A 207 -18.47 -25.74 13.09
C PHE A 207 -17.20 -26.56 13.17
N ILE A 208 -16.02 -25.92 13.05
CA ILE A 208 -14.75 -26.67 13.10
C ILE A 208 -14.51 -27.20 14.53
N LEU A 209 -14.95 -26.46 15.57
CA LEU A 209 -14.84 -26.90 16.97
C LEU A 209 -15.69 -28.17 17.21
N PHE A 210 -16.94 -28.18 16.70
CA PHE A 210 -17.83 -29.31 16.80
C PHE A 210 -17.29 -30.52 16.05
N ILE A 211 -16.60 -30.29 14.90
CA ILE A 211 -15.94 -31.35 14.11
C ILE A 211 -14.85 -32.01 14.99
N SER A 212 -14.06 -31.20 15.72
CA SER A 212 -13.03 -31.72 16.62
C SER A 212 -13.64 -32.58 17.74
N TRP A 213 -14.89 -32.28 18.15
CA TRP A 213 -15.62 -32.99 19.21
C TRP A 213 -16.14 -34.37 18.78
N THR A 214 -16.17 -34.65 17.46
CA THR A 214 -16.57 -35.98 16.96
C THR A 214 -15.53 -37.04 17.42
N ALA A 215 -14.31 -36.61 17.84
CA ALA A 215 -13.23 -37.46 18.37
C ALA A 215 -13.67 -38.14 19.68
N PHE A 216 -14.74 -37.61 20.31
CA PHE A 216 -15.31 -38.20 21.52
C PHE A 216 -16.22 -39.39 21.22
N TRP A 217 -16.44 -39.68 19.93
CA TRP A 217 -17.24 -40.83 19.47
C TRP A 217 -16.35 -41.78 18.67
N SER A 218 -15.02 -41.69 18.86
CA SER A 218 -14.05 -42.51 18.16
C SER A 218 -13.00 -43.07 19.10
N THR A 219 -12.58 -44.32 18.84
CA THR A 219 -11.54 -45.02 19.61
C THR A 219 -10.23 -45.07 18.82
N SER A 220 -10.27 -44.57 17.56
CA SER A 220 -9.16 -44.56 16.61
C SER A 220 -8.23 -43.38 16.84
N TYR A 221 -7.11 -43.60 17.60
CA TYR A 221 -6.11 -42.55 17.90
C TYR A 221 -5.62 -41.80 16.66
N GLU A 222 -5.25 -42.51 15.60
CA GLU A 222 -4.78 -41.88 14.36
C GLU A 222 -5.80 -40.87 13.77
N ALA A 223 -7.08 -41.27 13.66
CA ALA A 223 -8.20 -40.46 13.17
C ALA A 223 -8.46 -39.30 14.12
N ASN A 224 -8.40 -39.55 15.45
CA ASN A 224 -8.59 -38.53 16.48
C ASN A 224 -7.53 -37.46 16.40
N VAL A 225 -6.24 -37.87 16.29
CA VAL A 225 -5.09 -36.97 16.13
C VAL A 225 -5.35 -36.08 14.89
N THR A 226 -5.70 -36.70 13.73
CA THR A 226 -6.04 -36.01 12.47
C THR A 226 -7.13 -34.98 12.69
N LEU A 227 -8.28 -35.38 13.28
CA LEU A 227 -9.41 -34.49 13.58
C LEU A 227 -9.01 -33.29 14.40
N VAL A 228 -8.42 -33.50 15.59
CA VAL A 228 -8.08 -32.41 16.52
C VAL A 228 -6.98 -31.47 15.97
N VAL A 229 -5.92 -32.03 15.40
CA VAL A 229 -4.80 -31.25 14.88
C VAL A 229 -5.18 -30.49 13.61
N SER A 230 -5.96 -31.09 12.69
CA SER A 230 -6.39 -30.43 11.45
C SER A 230 -7.33 -29.29 11.75
N THR A 231 -8.35 -29.52 12.64
CA THR A 231 -9.28 -28.45 13.02
C THR A 231 -8.53 -27.33 13.73
N LEU A 232 -7.50 -27.67 14.53
CA LEU A 232 -6.67 -26.66 15.17
C LEU A 232 -6.00 -25.78 14.11
N ILE A 233 -5.49 -26.36 13.02
CA ILE A 233 -4.87 -25.58 11.93
C ILE A 233 -5.90 -24.62 11.28
N ALA A 234 -7.13 -25.08 11.03
CA ALA A 234 -8.21 -24.24 10.49
C ALA A 234 -8.53 -23.08 11.44
N GLN A 235 -8.62 -23.34 12.76
CA GLN A 235 -8.85 -22.31 13.79
C GLN A 235 -7.75 -21.25 13.80
N ILE A 236 -6.46 -21.63 13.66
CA ILE A 236 -5.35 -20.68 13.61
C ILE A 236 -5.47 -19.75 12.40
N ALA A 237 -5.98 -20.30 11.27
CA ALA A 237 -6.22 -19.49 10.06
C ALA A 237 -7.24 -18.42 10.41
N PHE A 238 -8.34 -18.77 11.08
CA PHE A 238 -9.35 -17.80 11.50
C PHE A 238 -8.81 -16.82 12.53
N ASN A 239 -8.00 -17.30 13.51
CA ASN A 239 -7.37 -16.46 14.54
C ASN A 239 -6.50 -15.40 13.89
N ILE A 240 -5.60 -15.81 12.97
CA ILE A 240 -4.74 -14.89 12.22
C ILE A 240 -5.58 -13.89 11.45
N LEU A 241 -6.58 -14.38 10.69
CA LEU A 241 -7.49 -13.57 9.89
C LEU A 241 -8.13 -12.45 10.69
N VAL A 242 -8.62 -12.78 11.86
CA VAL A 242 -9.27 -11.86 12.78
C VAL A 242 -8.32 -10.82 13.37
N GLU A 243 -7.20 -11.28 13.97
CA GLU A 243 -6.23 -10.43 14.66
C GLU A 243 -5.54 -9.45 13.74
N THR A 244 -5.44 -9.76 12.43
CA THR A 244 -4.81 -8.85 11.44
C THR A 244 -5.60 -7.56 11.24
N ASN A 245 -6.94 -7.58 11.42
CA ASN A 245 -7.83 -6.41 11.30
C ASN A 245 -7.89 -5.56 12.60
N LEU A 246 -7.16 -5.96 13.65
CA LEU A 246 -7.14 -5.27 14.93
C LEU A 246 -5.75 -4.74 15.28
N PRO A 247 -5.64 -3.60 15.97
CA PRO A 247 -4.30 -3.18 16.44
C PRO A 247 -3.93 -3.96 17.72
N LYS A 248 -2.66 -3.88 18.12
CA LYS A 248 -2.16 -4.54 19.34
C LYS A 248 -2.57 -3.65 20.53
N THR A 249 -3.52 -4.16 21.33
CA THR A 249 -4.08 -3.46 22.50
C THR A 249 -3.43 -3.88 23.82
N PRO A 250 -3.22 -2.95 24.78
CA PRO A 250 -2.60 -3.37 26.06
C PRO A 250 -3.62 -3.99 27.03
N TYR A 251 -4.76 -4.42 26.49
CA TYR A 251 -5.88 -5.01 27.23
C TYR A 251 -6.47 -6.16 26.45
N MET A 252 -7.25 -6.98 27.14
CA MET A 252 -7.91 -8.12 26.53
C MET A 252 -9.18 -7.63 25.86
N THR A 253 -9.43 -8.09 24.63
CA THR A 253 -10.67 -7.78 23.88
C THR A 253 -11.57 -8.99 23.98
N TYR A 254 -12.87 -8.81 23.71
CA TYR A 254 -13.84 -9.90 23.79
C TYR A 254 -13.46 -11.07 22.87
N THR A 255 -13.11 -10.76 21.66
CA THR A 255 -12.65 -11.64 20.62
C THR A 255 -11.39 -12.40 21.05
N GLY A 256 -10.43 -11.67 21.59
CA GLY A 256 -9.15 -12.23 21.98
C GLY A 256 -9.30 -13.25 23.07
N ALA A 257 -10.25 -12.98 24.01
CA ALA A 257 -10.59 -13.83 25.14
C ALA A 257 -11.17 -15.16 24.61
N ILE A 258 -12.12 -15.06 23.65
CA ILE A 258 -12.76 -16.19 22.98
C ILE A 258 -11.74 -17.04 22.27
N ILE A 259 -10.86 -16.39 21.48
CA ILE A 259 -9.77 -17.03 20.75
C ILE A 259 -8.88 -17.80 21.71
N PHE A 260 -8.53 -17.19 22.86
CA PHE A 260 -7.68 -17.81 23.89
C PHE A 260 -8.35 -19.03 24.50
N MET A 261 -9.64 -18.89 24.83
CA MET A 261 -10.46 -19.94 25.40
C MET A 261 -10.55 -21.14 24.46
N ILE A 262 -10.74 -20.89 23.15
CA ILE A 262 -10.79 -21.96 22.15
C ILE A 262 -9.47 -22.74 22.14
N TYR A 263 -8.31 -22.07 22.24
CA TYR A 263 -6.99 -22.75 22.31
C TYR A 263 -6.95 -23.73 23.48
N LEU A 264 -7.47 -23.34 24.65
CA LEU A 264 -7.52 -24.19 25.84
C LEU A 264 -8.34 -25.42 25.58
N PHE A 265 -9.53 -25.24 24.98
CA PHE A 265 -10.42 -26.33 24.61
C PHE A 265 -9.75 -27.32 23.66
N TYR A 266 -8.97 -26.82 22.68
CA TYR A 266 -8.23 -27.70 21.75
C TYR A 266 -7.15 -28.45 22.51
N PHE A 267 -6.47 -27.76 23.44
CA PHE A 267 -5.41 -28.33 24.25
C PHE A 267 -5.93 -29.47 25.14
N VAL A 268 -7.07 -29.22 25.84
CA VAL A 268 -7.72 -30.19 26.70
C VAL A 268 -8.23 -31.40 25.89
N ALA A 269 -8.79 -31.19 24.69
CA ALA A 269 -9.23 -32.30 23.83
C ALA A 269 -8.05 -33.18 23.38
N VAL A 270 -6.84 -32.62 23.22
CA VAL A 270 -5.63 -33.39 22.88
C VAL A 270 -5.29 -34.25 24.10
N ILE A 271 -5.39 -33.68 25.32
CA ILE A 271 -5.15 -34.42 26.57
C ILE A 271 -6.09 -35.60 26.62
N GLU A 272 -7.42 -35.36 26.46
CA GLU A 272 -8.42 -36.42 26.44
C GLU A 272 -8.04 -37.51 25.42
N VAL A 273 -7.86 -37.14 24.14
CA VAL A 273 -7.47 -38.05 23.05
C VAL A 273 -6.21 -38.89 23.42
N THR A 274 -5.18 -38.26 24.01
CA THR A 274 -3.93 -38.87 24.45
C THR A 274 -4.18 -39.88 25.59
N VAL A 275 -4.94 -39.46 26.64
CA VAL A 275 -5.29 -40.24 27.84
C VAL A 275 -6.05 -41.49 27.43
N GLN A 276 -7.12 -41.31 26.63
CA GLN A 276 -7.95 -42.40 26.13
C GLN A 276 -7.08 -43.46 25.44
N HIS A 277 -6.18 -43.06 24.53
CA HIS A 277 -5.29 -43.97 23.82
C HIS A 277 -4.32 -44.69 24.76
N TYR A 278 -3.72 -43.96 25.71
CA TYR A 278 -2.79 -44.51 26.70
C TYR A 278 -3.43 -45.68 27.48
N LEU A 279 -4.70 -45.50 27.91
CA LEU A 279 -5.48 -46.49 28.65
C LEU A 279 -5.77 -47.72 27.81
N LYS A 280 -6.19 -47.52 26.54
CA LYS A 280 -6.49 -48.62 25.62
CA LYS A 280 -6.48 -48.59 25.57
C LYS A 280 -5.24 -49.48 25.40
N VAL A 281 -4.06 -48.85 25.31
CA VAL A 281 -2.77 -49.54 25.16
C VAL A 281 -2.42 -50.31 26.46
N GLU A 282 -2.70 -49.74 27.64
CA GLU A 282 -2.48 -50.29 28.98
C GLU A 282 -3.53 -51.35 29.33
N SER A 283 -4.37 -51.72 28.34
CA SER A 283 -5.47 -52.71 28.45
C SER A 283 -6.50 -52.30 29.51
N GLN A 284 -6.86 -51.00 29.52
CA GLN A 284 -7.88 -50.42 30.40
C GLN A 284 -8.96 -49.68 29.56
N PRO A 285 -9.59 -50.33 28.52
CA PRO A 285 -10.60 -49.62 27.72
C PRO A 285 -11.87 -49.18 28.46
N ALA A 286 -12.17 -49.85 29.58
CA ALA A 286 -13.33 -49.54 30.39
C ALA A 286 -13.17 -48.17 31.03
N ARG A 287 -11.95 -47.84 31.51
CA ARG A 287 -11.63 -46.56 32.14
C ARG A 287 -11.66 -45.43 31.09
N ALA A 288 -11.06 -45.67 29.91
CA ALA A 288 -11.03 -44.75 28.79
C ALA A 288 -12.45 -44.46 28.36
N ALA A 289 -13.30 -45.49 28.19
CA ALA A 289 -14.71 -45.34 27.80
C ALA A 289 -15.51 -44.43 28.73
N SER A 290 -15.17 -44.43 30.04
CA SER A 290 -15.82 -43.58 31.06
C SER A 290 -15.48 -42.12 30.83
N ILE A 291 -14.19 -41.84 30.55
CA ILE A 291 -13.68 -40.51 30.29
C ILE A 291 -14.32 -39.95 29.00
N THR A 292 -14.30 -40.70 27.90
CA THR A 292 -14.90 -40.28 26.63
C THR A 292 -16.38 -39.95 26.80
N ARG A 293 -17.13 -40.83 27.44
CA ARG A 293 -18.57 -40.64 27.64
C ARG A 293 -18.85 -39.34 28.40
N ALA A 294 -17.98 -39.05 29.41
CA ALA A 294 -18.06 -37.84 30.20
C ALA A 294 -17.74 -36.63 29.32
N SER A 295 -16.65 -36.71 28.51
CA SER A 295 -16.18 -35.67 27.60
C SER A 295 -17.28 -35.21 26.66
N ARG A 296 -18.10 -36.16 26.17
CA ARG A 296 -19.23 -35.90 25.27
C ARG A 296 -20.22 -34.87 25.82
N ILE A 297 -20.40 -34.82 27.16
CA ILE A 297 -21.26 -33.83 27.82
C ILE A 297 -20.43 -32.67 28.36
N ALA A 298 -19.33 -32.97 29.08
CA ALA A 298 -18.47 -31.97 29.72
C ALA A 298 -18.01 -30.85 28.79
N PHE A 299 -17.41 -31.21 27.62
CA PHE A 299 -16.92 -30.23 26.63
C PHE A 299 -18.00 -29.23 26.18
N PRO A 300 -19.19 -29.64 25.63
CA PRO A 300 -20.22 -28.64 25.28
C PRO A 300 -20.73 -27.81 26.47
N VAL A 301 -20.90 -28.44 27.65
CA VAL A 301 -21.41 -27.77 28.86
C VAL A 301 -20.43 -26.70 29.35
N VAL A 302 -19.14 -27.05 29.47
CA VAL A 302 -18.11 -26.10 29.91
C VAL A 302 -17.91 -25.02 28.85
N PHE A 303 -18.07 -25.38 27.56
CA PHE A 303 -17.95 -24.40 26.50
C PHE A 303 -19.02 -23.33 26.60
N LEU A 304 -20.27 -23.78 26.81
CA LEU A 304 -21.42 -22.91 26.96
C LEU A 304 -21.32 -22.02 28.22
N LEU A 305 -20.93 -22.61 29.37
CA LEU A 305 -20.78 -21.86 30.62
C LEU A 305 -19.66 -20.83 30.56
N ALA A 306 -18.46 -21.23 30.05
CA ALA A 306 -17.32 -20.31 29.89
C ALA A 306 -17.71 -19.10 29.03
N ASN A 307 -18.47 -19.33 27.95
CA ASN A 307 -18.95 -18.26 27.08
C ASN A 307 -19.92 -17.32 27.78
N ILE A 308 -20.84 -17.85 28.60
CA ILE A 308 -21.78 -17.04 29.38
C ILE A 308 -20.96 -16.16 30.33
N ILE A 309 -19.99 -16.77 31.06
CA ILE A 309 -19.09 -16.04 31.97
C ILE A 309 -18.35 -14.91 31.24
N LEU A 310 -17.77 -15.19 30.04
CA LEU A 310 -17.06 -14.20 29.22
C LEU A 310 -17.95 -13.05 28.81
N ALA A 311 -19.13 -13.36 28.22
CA ALA A 311 -20.12 -12.38 27.78
C ALA A 311 -20.58 -11.52 28.97
N PHE A 312 -20.68 -12.12 30.15
CA PHE A 312 -21.05 -11.40 31.37
C PHE A 312 -19.99 -10.37 31.73
N LEU A 313 -18.70 -10.79 31.76
CA LEU A 313 -17.58 -9.91 32.08
C LEU A 313 -17.40 -8.77 31.09
N PHE A 314 -17.60 -9.02 29.79
CA PHE A 314 -17.41 -7.99 28.78
C PHE A 314 -18.64 -7.11 28.53
N PHE A 315 -19.88 -7.59 28.81
CA PHE A 315 -21.09 -6.81 28.50
C PHE A 315 -22.07 -6.57 29.68
N VAL B 5 -14.12 40.03 -8.21
CA VAL B 5 -15.25 39.84 -9.14
C VAL B 5 -16.49 39.30 -8.41
N SER B 6 -17.67 39.83 -8.73
CA SER B 6 -18.96 39.43 -8.16
C SER B 6 -19.79 38.66 -9.23
N PRO B 7 -20.95 38.01 -8.91
CA PRO B 7 -21.70 37.25 -9.94
C PRO B 7 -22.47 38.12 -10.94
N PRO B 8 -22.95 37.57 -12.10
CA PRO B 8 -23.69 38.39 -13.06
C PRO B 8 -24.98 38.93 -12.48
N PRO B 9 -25.34 40.20 -12.78
CA PRO B 9 -26.59 40.75 -12.23
C PRO B 9 -27.83 40.29 -13.03
N PRO B 10 -28.98 40.04 -12.35
CA PRO B 10 -30.16 39.60 -13.11
C PRO B 10 -30.86 40.72 -13.87
N ILE B 11 -31.48 40.36 -15.02
CA ILE B 11 -32.26 41.29 -15.84
C ILE B 11 -33.56 41.63 -15.09
N ALA B 12 -34.20 40.56 -14.53
CA ALA B 12 -35.40 40.58 -13.71
C ALA B 12 -34.97 39.96 -12.36
N ASP B 13 -35.81 39.10 -11.73
CA ASP B 13 -35.47 38.40 -10.47
C ASP B 13 -35.14 36.89 -10.70
N GLU B 14 -34.75 36.51 -11.94
CA GLU B 14 -34.48 35.12 -12.31
C GLU B 14 -33.19 34.53 -11.68
N PRO B 15 -33.12 33.20 -11.43
CA PRO B 15 -31.86 32.62 -10.92
C PRO B 15 -30.85 32.46 -12.04
N LEU B 16 -29.55 32.49 -11.73
CA LEU B 16 -28.54 32.31 -12.78
C LEU B 16 -28.39 30.82 -13.08
N THR B 17 -28.62 30.43 -14.36
CA THR B 17 -28.54 29.07 -14.87
C THR B 17 -27.13 28.73 -15.37
N VAL B 18 -26.57 27.64 -14.83
CA VAL B 18 -25.27 27.15 -15.24
C VAL B 18 -25.50 25.83 -15.93
N ASN B 19 -25.27 25.81 -17.25
CA ASN B 19 -25.41 24.59 -18.03
C ASN B 19 -24.16 23.77 -17.82
N THR B 20 -24.33 22.48 -17.51
CA THR B 20 -23.22 21.58 -17.23
C THR B 20 -23.20 20.39 -18.18
N GLY B 21 -22.04 19.73 -18.22
CA GLY B 21 -21.81 18.55 -19.03
C GLY B 21 -20.56 17.83 -18.57
N ILE B 22 -20.64 16.50 -18.52
CA ILE B 22 -19.48 15.65 -18.14
C ILE B 22 -19.24 14.70 -19.32
N TYR B 23 -18.00 14.68 -19.82
CA TYR B 23 -17.61 13.79 -20.90
C TYR B 23 -16.50 12.91 -20.35
N LEU B 24 -16.78 11.59 -20.14
CA LEU B 24 -15.81 10.65 -19.57
C LEU B 24 -14.73 10.26 -20.54
N ILE B 25 -13.48 10.49 -20.13
CA ILE B 25 -12.31 10.11 -20.91
C ILE B 25 -11.83 8.73 -20.40
N GLU B 26 -11.70 8.57 -19.06
CA GLU B 26 -11.24 7.31 -18.45
CA GLU B 26 -11.23 7.32 -18.43
C GLU B 26 -12.01 6.97 -17.17
N CYS B 27 -12.14 5.68 -16.89
CA CYS B 27 -12.75 5.05 -15.70
C CYS B 27 -11.79 3.98 -15.33
N TYR B 28 -11.33 4.02 -14.10
CA TYR B 28 -10.38 3.04 -13.63
C TYR B 28 -10.55 2.86 -12.13
N SER B 29 -9.81 1.91 -11.56
CA SER B 29 -9.74 1.59 -10.15
C SER B 29 -11.10 1.58 -9.41
N LEU B 30 -12.03 0.71 -9.85
CA LEU B 30 -13.26 0.51 -9.10
C LEU B 30 -12.90 -0.47 -7.98
N ASP B 31 -12.69 0.08 -6.78
CA ASP B 31 -12.35 -0.61 -5.53
C ASP B 31 -13.69 -1.00 -4.86
N ASP B 32 -13.99 -2.30 -4.80
CA ASP B 32 -15.22 -2.83 -4.20
C ASP B 32 -15.23 -2.67 -2.69
N LYS B 33 -14.09 -3.02 -2.04
CA LYS B 33 -13.93 -2.93 -0.60
C LYS B 33 -14.05 -1.49 -0.14
N ALA B 34 -13.46 -0.55 -0.90
CA ALA B 34 -13.50 0.89 -0.59
C ALA B 34 -14.71 1.62 -1.09
N GLU B 35 -15.47 1.00 -2.02
CA GLU B 35 -16.67 1.55 -2.67
C GLU B 35 -16.33 2.90 -3.40
N THR B 36 -15.14 2.93 -4.03
CA THR B 36 -14.65 4.09 -4.78
C THR B 36 -14.27 3.71 -6.22
N PHE B 37 -14.18 4.75 -7.08
CA PHE B 37 -13.71 4.65 -8.45
C PHE B 37 -13.02 5.93 -8.87
N LYS B 38 -12.09 5.81 -9.79
CA LYS B 38 -11.38 6.96 -10.26
C LYS B 38 -11.92 7.31 -11.63
N VAL B 39 -11.95 8.60 -11.92
CA VAL B 39 -12.49 9.14 -13.16
C VAL B 39 -11.59 10.26 -13.69
N ASN B 40 -11.44 10.29 -15.01
CA ASN B 40 -10.73 11.35 -15.73
C ASN B 40 -11.73 11.82 -16.79
N ALA B 41 -12.18 13.08 -16.67
CA ALA B 41 -13.24 13.58 -17.54
C ALA B 41 -13.12 15.04 -17.89
N PHE B 42 -13.99 15.52 -18.79
CA PHE B 42 -14.12 16.93 -19.14
C PHE B 42 -15.32 17.45 -18.38
N LEU B 43 -15.18 18.62 -17.77
CA LEU B 43 -16.30 19.30 -17.14
C LEU B 43 -16.52 20.53 -17.97
N SER B 44 -17.72 20.63 -18.54
CA SER B 44 -18.08 21.78 -19.35
C SER B 44 -19.14 22.60 -18.61
N LEU B 45 -18.95 23.93 -18.55
CA LEU B 45 -19.88 24.87 -17.89
C LEU B 45 -20.19 26.00 -18.85
N SER B 46 -21.42 26.54 -18.76
CA SER B 46 -21.87 27.64 -19.58
C SER B 46 -22.93 28.47 -18.90
N TRP B 47 -22.74 29.80 -18.91
CA TRP B 47 -23.65 30.78 -18.32
C TRP B 47 -23.46 32.11 -19.05
N LYS B 48 -24.42 33.03 -18.90
CA LYS B 48 -24.36 34.38 -19.50
C LYS B 48 -23.88 35.42 -18.49
N ASP B 49 -22.87 36.21 -18.88
CA ASP B 49 -22.39 37.37 -18.12
C ASP B 49 -22.44 38.65 -19.01
N ARG B 50 -23.53 39.42 -18.96
CA ARG B 50 -23.70 40.63 -19.81
C ARG B 50 -22.58 41.66 -19.66
N ARG B 51 -22.01 41.78 -18.47
CA ARG B 51 -20.85 42.59 -18.14
C ARG B 51 -19.66 42.29 -19.08
N LEU B 52 -19.62 41.08 -19.65
CA LEU B 52 -18.57 40.61 -20.55
C LEU B 52 -18.83 40.83 -22.06
N ALA B 53 -20.02 41.34 -22.42
CA ALA B 53 -20.45 41.63 -23.79
C ALA B 53 -19.48 42.57 -24.49
N PHE B 54 -19.30 42.36 -25.79
CA PHE B 54 -18.37 43.15 -26.60
C PHE B 54 -18.82 43.28 -28.05
N ASP B 55 -18.28 44.32 -28.72
CA ASP B 55 -18.50 44.51 -30.13
C ASP B 55 -17.29 43.85 -30.81
N PRO B 56 -17.52 42.82 -31.64
CA PRO B 56 -16.38 42.17 -32.31
C PRO B 56 -15.65 43.10 -33.30
N VAL B 57 -16.38 44.08 -33.86
CA VAL B 57 -15.85 45.09 -34.80
C VAL B 57 -14.75 45.90 -34.10
N ARG B 58 -15.06 46.45 -32.92
CA ARG B 58 -14.12 47.21 -32.10
C ARG B 58 -13.00 46.33 -31.53
N SER B 59 -13.36 45.19 -30.89
CA SER B 59 -12.38 44.27 -30.28
C SER B 59 -11.46 43.56 -31.29
N GLY B 60 -11.89 43.48 -32.55
CA GLY B 60 -11.14 42.85 -33.64
C GLY B 60 -11.31 41.34 -33.73
N VAL B 61 -11.85 40.70 -32.67
CA VAL B 61 -12.06 39.26 -32.58
C VAL B 61 -13.55 38.91 -32.38
N ARG B 62 -13.98 37.73 -32.87
CA ARG B 62 -15.37 37.25 -32.82
C ARG B 62 -15.74 36.50 -31.54
N VAL B 63 -14.72 36.04 -30.82
CA VAL B 63 -14.81 35.32 -29.54
C VAL B 63 -13.60 35.79 -28.71
N LYS B 64 -13.81 36.06 -27.41
CA LYS B 64 -12.74 36.48 -26.52
C LYS B 64 -12.34 35.34 -25.59
N THR B 65 -11.02 35.13 -25.40
CA THR B 65 -10.47 34.12 -24.49
C THR B 65 -10.07 34.83 -23.19
N TYR B 66 -10.32 34.19 -22.05
CA TYR B 66 -9.97 34.75 -20.74
C TYR B 66 -9.22 33.76 -19.88
N GLU B 67 -8.58 34.27 -18.81
CA GLU B 67 -7.90 33.46 -17.81
C GLU B 67 -8.89 33.34 -16.64
N PRO B 68 -8.98 32.18 -15.95
CA PRO B 68 -9.99 32.03 -14.88
C PRO B 68 -10.07 33.19 -13.86
N GLU B 69 -8.90 33.68 -13.45
CA GLU B 69 -8.74 34.79 -12.50
C GLU B 69 -9.29 36.13 -13.02
N ALA B 70 -9.32 36.33 -14.35
CA ALA B 70 -9.80 37.54 -15.01
C ALA B 70 -11.30 37.76 -14.89
N ILE B 71 -12.10 36.69 -14.83
CA ILE B 71 -13.57 36.81 -14.79
C ILE B 71 -14.21 36.02 -13.63
N TRP B 72 -15.52 36.22 -13.42
CA TRP B 72 -16.28 35.48 -12.43
C TRP B 72 -16.64 34.11 -13.00
N ILE B 73 -16.37 33.07 -12.22
CA ILE B 73 -16.65 31.68 -12.54
C ILE B 73 -17.44 31.07 -11.37
N PRO B 74 -18.56 30.36 -11.62
CA PRO B 74 -19.31 29.77 -10.51
C PRO B 74 -18.53 28.67 -9.80
N GLU B 75 -18.58 28.65 -8.46
CA GLU B 75 -17.87 27.62 -7.68
C GLU B 75 -18.71 26.35 -7.70
N ILE B 76 -18.36 25.45 -8.62
CA ILE B 76 -18.98 24.14 -8.82
C ILE B 76 -18.08 23.10 -8.14
N ARG B 77 -18.66 22.30 -7.26
CA ARG B 77 -17.94 21.24 -6.55
C ARG B 77 -18.64 19.90 -6.75
N PHE B 78 -17.92 18.80 -6.43
CA PHE B 78 -18.50 17.48 -6.44
C PHE B 78 -18.84 17.13 -5.02
N VAL B 79 -20.03 16.55 -4.81
CA VAL B 79 -20.47 16.15 -3.46
C VAL B 79 -19.67 14.94 -2.97
N ASN B 80 -19.69 13.85 -3.74
CA ASN B 80 -19.15 12.56 -3.35
C ASN B 80 -17.70 12.29 -3.78
N VAL B 81 -16.80 13.24 -3.52
CA VAL B 81 -15.38 13.06 -3.80
C VAL B 81 -14.62 12.85 -2.51
N GLU B 82 -13.46 12.17 -2.56
CA GLU B 82 -12.61 11.98 -1.38
C GLU B 82 -12.00 13.37 -1.06
N ASN B 83 -11.18 13.87 -1.99
CA ASN B 83 -10.59 15.19 -1.93
C ASN B 83 -11.09 15.97 -3.13
N ALA B 84 -11.02 17.31 -3.08
CA ALA B 84 -11.43 18.15 -4.22
C ALA B 84 -10.66 17.71 -5.49
N ARG B 85 -11.35 17.73 -6.64
CA ARG B 85 -10.79 17.33 -7.93
C ARG B 85 -9.50 18.09 -8.33
N ASP B 86 -8.65 17.39 -9.11
CA ASP B 86 -7.43 17.88 -9.71
C ASP B 86 -7.95 18.38 -11.07
N ALA B 87 -8.00 19.71 -11.27
CA ALA B 87 -8.52 20.28 -12.50
C ALA B 87 -7.56 21.22 -13.24
N ASP B 88 -7.59 21.13 -14.58
CA ASP B 88 -6.81 21.98 -15.47
CA ASP B 88 -6.80 21.95 -15.50
C ASP B 88 -7.77 22.62 -16.47
N VAL B 89 -7.86 23.97 -16.44
CA VAL B 89 -8.75 24.70 -17.33
C VAL B 89 -8.16 24.57 -18.74
N VAL B 90 -8.98 24.06 -19.67
CA VAL B 90 -8.63 23.84 -21.07
C VAL B 90 -8.91 25.14 -21.83
N ASP B 91 -10.11 25.74 -21.63
CA ASP B 91 -10.50 26.94 -22.32
C ASP B 91 -11.66 27.67 -21.64
N ILE B 92 -11.64 29.02 -21.74
CA ILE B 92 -12.70 29.94 -21.33
C ILE B 92 -12.91 30.87 -22.53
N SER B 93 -14.14 30.87 -23.09
CA SER B 93 -14.50 31.61 -24.29
C SER B 93 -15.78 32.38 -24.11
N VAL B 94 -15.71 33.70 -24.34
CA VAL B 94 -16.84 34.59 -24.21
C VAL B 94 -17.29 35.09 -25.58
N SER B 95 -18.59 34.91 -25.90
CA SER B 95 -19.16 35.35 -27.16
C SER B 95 -19.75 36.79 -27.02
N PRO B 96 -19.91 37.59 -28.13
CA PRO B 96 -20.34 39.01 -27.98
C PRO B 96 -21.49 39.35 -27.02
N ASP B 97 -22.45 38.44 -26.80
CA ASP B 97 -23.59 38.68 -25.89
C ASP B 97 -23.20 38.52 -24.41
N GLY B 98 -22.04 37.91 -24.20
CA GLY B 98 -21.53 37.61 -22.87
C GLY B 98 -21.76 36.16 -22.47
N THR B 99 -22.01 35.23 -23.47
CA THR B 99 -22.19 33.81 -23.16
C THR B 99 -20.83 33.20 -22.95
N VAL B 100 -20.57 32.77 -21.69
CA VAL B 100 -19.30 32.17 -21.32
C VAL B 100 -19.37 30.66 -21.52
N GLN B 101 -18.30 30.09 -22.09
CA GLN B 101 -18.13 28.67 -22.31
C GLN B 101 -16.81 28.26 -21.67
N TYR B 102 -16.92 27.59 -20.53
CA TYR B 102 -15.82 27.11 -19.70
C TYR B 102 -15.65 25.61 -19.91
N LEU B 103 -14.38 25.16 -20.02
CA LEU B 103 -14.05 23.76 -20.18
C LEU B 103 -12.78 23.42 -19.41
N GLU B 104 -12.88 22.43 -18.53
CA GLU B 104 -11.76 21.93 -17.75
C GLU B 104 -11.68 20.45 -17.89
N ARG B 105 -10.47 19.92 -17.69
CA ARG B 105 -10.28 18.48 -17.63
C ARG B 105 -9.90 18.18 -16.18
N PHE B 106 -10.60 17.24 -15.56
CA PHE B 106 -10.34 16.88 -14.17
C PHE B 106 -10.17 15.40 -13.96
N SER B 107 -9.57 15.04 -12.83
CA SER B 107 -9.44 13.68 -12.32
C SER B 107 -9.94 13.72 -10.85
N ALA B 108 -10.66 12.66 -10.42
CA ALA B 108 -11.22 12.62 -9.06
C ALA B 108 -11.45 11.18 -8.61
N ARG B 109 -11.38 10.91 -7.27
CA ARG B 109 -11.74 9.62 -6.66
C ARG B 109 -13.12 9.83 -6.07
N VAL B 110 -14.10 9.18 -6.67
CA VAL B 110 -15.51 9.27 -6.36
C VAL B 110 -15.93 8.16 -5.38
N LEU B 111 -16.72 8.51 -4.35
CA LEU B 111 -17.28 7.64 -3.33
C LEU B 111 -18.68 7.29 -3.79
N SER B 112 -18.92 6.05 -4.15
CA SER B 112 -20.26 5.66 -4.55
C SER B 112 -20.58 4.27 -3.97
N PRO B 113 -21.65 4.16 -3.13
CA PRO B 113 -21.98 2.86 -2.52
C PRO B 113 -22.47 1.78 -3.50
N LEU B 114 -22.12 0.54 -3.19
CA LEU B 114 -22.45 -0.60 -4.01
C LEU B 114 -23.37 -1.60 -3.34
N ASP B 115 -24.24 -2.25 -4.14
CA ASP B 115 -25.14 -3.29 -3.64
C ASP B 115 -24.58 -4.70 -3.93
N PHE B 116 -24.01 -5.35 -2.91
CA PHE B 116 -23.37 -6.67 -3.10
C PHE B 116 -24.32 -7.91 -2.97
N ARG B 117 -25.64 -7.71 -2.70
CA ARG B 117 -26.61 -8.81 -2.60
C ARG B 117 -26.47 -9.91 -3.71
N ARG B 118 -26.34 -9.50 -5.00
CA ARG B 118 -26.26 -10.45 -6.11
C ARG B 118 -24.85 -10.77 -6.55
N TYR B 119 -23.82 -10.27 -5.83
CA TYR B 119 -22.41 -10.50 -6.18
C TYR B 119 -22.13 -11.97 -6.30
N PRO B 120 -21.33 -12.40 -7.33
CA PRO B 120 -20.66 -11.58 -8.36
C PRO B 120 -21.47 -11.42 -9.67
N PHE B 121 -22.80 -11.64 -9.61
CA PHE B 121 -23.65 -11.48 -10.81
C PHE B 121 -24.43 -10.16 -10.68
N ASP B 122 -23.74 -9.13 -10.12
CA ASP B 122 -24.28 -7.84 -9.74
C ASP B 122 -24.05 -6.68 -10.74
N SER B 123 -24.95 -5.70 -10.66
CA SER B 123 -24.94 -4.50 -11.49
C SER B 123 -24.99 -3.29 -10.55
N GLN B 124 -24.40 -2.19 -10.99
CA GLN B 124 -24.31 -1.01 -10.15
C GLN B 124 -24.63 0.22 -10.92
N THR B 125 -25.11 1.24 -10.20
CA THR B 125 -25.32 2.60 -10.72
C THR B 125 -24.40 3.48 -9.92
N LEU B 126 -23.31 3.90 -10.53
CA LEU B 126 -22.34 4.80 -9.92
C LEU B 126 -22.84 6.23 -10.12
N HIS B 127 -22.68 7.09 -9.09
CA HIS B 127 -23.12 8.49 -9.15
C HIS B 127 -21.97 9.47 -9.05
N ILE B 128 -22.11 10.61 -9.75
CA ILE B 128 -21.21 11.76 -9.67
C ILE B 128 -22.17 12.91 -9.43
N TYR B 129 -22.14 13.48 -8.21
CA TYR B 129 -23.04 14.57 -7.86
C TYR B 129 -22.37 15.92 -7.98
N LEU B 130 -22.89 16.74 -8.91
CA LEU B 130 -22.42 18.10 -9.16
C LEU B 130 -23.23 19.06 -8.30
N ILE B 131 -22.56 20.01 -7.61
CA ILE B 131 -23.29 20.95 -6.76
C ILE B 131 -22.79 22.42 -6.90
N VAL B 132 -23.71 23.35 -6.73
CA VAL B 132 -23.42 24.79 -6.70
C VAL B 132 -24.13 25.44 -5.49
N ARG B 133 -23.42 26.31 -4.76
CA ARG B 133 -24.05 27.02 -3.65
C ARG B 133 -24.37 28.49 -4.07
N SER B 134 -25.64 28.89 -3.89
CA SER B 134 -26.15 30.23 -4.20
C SER B 134 -25.42 31.28 -3.38
N VAL B 135 -25.12 32.38 -4.04
CA VAL B 135 -24.46 33.51 -3.39
C VAL B 135 -25.52 34.44 -2.76
N ASP B 136 -25.08 35.33 -1.85
CA ASP B 136 -25.95 36.29 -1.14
C ASP B 136 -26.66 37.29 -2.09
N THR B 137 -26.07 37.56 -3.25
CA THR B 137 -26.58 38.49 -4.27
C THR B 137 -27.65 37.79 -5.13
N ARG B 138 -27.34 36.63 -5.80
CA ARG B 138 -28.37 35.89 -6.57
C ARG B 138 -28.25 34.38 -6.48
N ASN B 139 -29.40 33.70 -6.66
CA ASN B 139 -29.52 32.26 -6.63
C ASN B 139 -28.98 31.60 -7.89
N ILE B 140 -28.20 30.52 -7.72
CA ILE B 140 -27.58 29.78 -8.82
C ILE B 140 -28.23 28.41 -8.96
N VAL B 141 -28.54 28.05 -10.20
CA VAL B 141 -29.22 26.82 -10.55
C VAL B 141 -28.46 26.08 -11.65
N LEU B 142 -28.37 24.74 -11.51
CA LEU B 142 -27.66 23.90 -12.47
C LEU B 142 -28.61 23.32 -13.51
N ALA B 143 -28.09 23.08 -14.70
CA ALA B 143 -28.83 22.54 -15.84
C ALA B 143 -27.93 21.57 -16.60
N VAL B 144 -28.53 20.66 -17.37
CA VAL B 144 -27.79 19.68 -18.15
C VAL B 144 -27.88 20.04 -19.65
N ASP B 145 -26.73 20.22 -20.31
CA ASP B 145 -26.62 20.39 -21.76
C ASP B 145 -26.34 18.97 -22.27
N LEU B 146 -27.39 18.24 -22.68
CA LEU B 146 -27.31 16.84 -23.12
C LEU B 146 -26.35 16.61 -24.29
N GLU B 147 -26.12 17.65 -25.11
CA GLU B 147 -25.20 17.62 -26.23
C GLU B 147 -23.73 17.59 -25.74
N LYS B 148 -23.52 17.77 -24.43
CA LYS B 148 -22.19 17.83 -23.84
C LYS B 148 -21.97 16.77 -22.74
N VAL B 149 -22.88 15.77 -22.66
CA VAL B 149 -22.81 14.63 -21.74
C VAL B 149 -22.51 13.38 -22.58
N GLY B 150 -21.49 12.64 -22.22
CA GLY B 150 -21.06 11.45 -22.94
C GLY B 150 -19.84 10.78 -22.37
N LYS B 151 -19.30 9.82 -23.12
CA LYS B 151 -18.11 9.04 -22.77
C LYS B 151 -17.35 8.59 -24.02
N ASN B 152 -16.03 8.43 -23.89
CA ASN B 152 -15.18 7.93 -24.96
C ASN B 152 -15.48 6.43 -25.18
N ASP B 153 -15.46 5.99 -26.46
CA ASP B 153 -15.72 4.60 -26.89
C ASP B 153 -14.76 3.60 -26.25
N ASP B 154 -13.49 4.02 -26.08
CA ASP B 154 -12.39 3.27 -25.47
C ASP B 154 -12.58 3.00 -23.97
N VAL B 155 -13.27 3.94 -23.21
CA VAL B 155 -13.55 3.86 -21.75
C VAL B 155 -13.84 2.41 -21.34
N PHE B 156 -12.88 1.83 -20.60
CA PHE B 156 -12.91 0.46 -20.11
C PHE B 156 -12.69 0.46 -18.59
N LEU B 157 -13.60 -0.16 -17.86
CA LEU B 157 -13.48 -0.32 -16.43
C LEU B 157 -13.19 -1.80 -16.27
N THR B 158 -11.92 -2.14 -15.93
CA THR B 158 -11.43 -3.51 -15.77
C THR B 158 -12.39 -4.36 -14.93
N GLY B 159 -12.91 -5.44 -15.52
CA GLY B 159 -13.85 -6.34 -14.86
C GLY B 159 -15.30 -5.90 -14.88
N TRP B 160 -15.61 -4.84 -15.63
CA TRP B 160 -16.97 -4.32 -15.71
C TRP B 160 -17.35 -4.00 -17.14
N ASP B 161 -18.65 -4.01 -17.40
CA ASP B 161 -19.23 -3.61 -18.68
C ASP B 161 -19.93 -2.28 -18.42
N ILE B 162 -19.60 -1.26 -19.22
CA ILE B 162 -20.25 0.04 -19.09
C ILE B 162 -21.52 0.05 -19.94
N GLU B 163 -22.68 0.09 -19.28
CA GLU B 163 -23.98 0.09 -19.94
C GLU B 163 -24.37 1.46 -20.48
N SER B 164 -24.34 2.51 -19.62
CA SER B 164 -24.72 3.88 -19.99
C SER B 164 -24.18 4.95 -19.04
N PHE B 165 -24.02 6.19 -19.55
CA PHE B 165 -23.63 7.35 -18.77
C PHE B 165 -24.62 8.45 -19.12
N THR B 166 -25.57 8.70 -18.20
CA THR B 166 -26.62 9.70 -18.40
C THR B 166 -26.72 10.63 -17.18
N ALA B 167 -27.41 11.74 -17.33
CA ALA B 167 -27.63 12.65 -16.22
C ALA B 167 -29.13 12.84 -16.01
N VAL B 168 -29.53 12.94 -14.74
CA VAL B 168 -30.92 13.24 -14.34
C VAL B 168 -30.97 14.76 -14.54
N VAL B 169 -31.71 15.22 -15.58
CA VAL B 169 -31.78 16.62 -16.04
C VAL B 169 -32.36 17.62 -15.00
N LYS B 170 -33.23 17.13 -14.08
CA LYS B 170 -33.85 17.98 -13.06
C LYS B 170 -32.91 18.04 -11.85
N PRO B 171 -32.37 19.24 -11.48
CA PRO B 171 -31.51 19.31 -10.30
C PRO B 171 -32.33 19.23 -9.01
N ALA B 172 -31.69 18.83 -7.93
CA ALA B 172 -32.31 18.79 -6.62
C ALA B 172 -31.95 20.12 -5.96
N ASN B 173 -32.92 21.04 -5.88
CA ASN B 173 -32.72 22.36 -5.28
C ASN B 173 -33.24 22.32 -3.84
N PHE B 174 -32.36 22.56 -2.86
CA PHE B 174 -32.68 22.48 -1.43
C PHE B 174 -31.88 23.49 -0.63
N ALA B 175 -32.37 23.82 0.58
CA ALA B 175 -31.66 24.74 1.46
C ALA B 175 -30.65 23.96 2.30
N LEU B 176 -29.49 24.56 2.53
CA LEU B 176 -28.44 23.99 3.35
C LEU B 176 -27.69 25.14 3.98
N GLU B 177 -27.74 25.23 5.32
CA GLU B 177 -27.09 26.27 6.13
C GLU B 177 -27.49 27.67 5.67
N ASP B 178 -28.82 27.89 5.58
CA ASP B 178 -29.48 29.15 5.23
C ASP B 178 -29.19 29.68 3.82
N ARG B 179 -28.81 28.81 2.86
CA ARG B 179 -28.59 29.16 1.44
C ARG B 179 -29.03 28.01 0.54
N LEU B 180 -29.44 28.34 -0.69
CA LEU B 180 -29.87 27.38 -1.69
C LEU B 180 -28.68 26.62 -2.30
N GLU B 181 -28.90 25.32 -2.58
CA GLU B 181 -27.93 24.45 -3.24
C GLU B 181 -28.63 23.80 -4.45
N SER B 182 -27.91 23.66 -5.58
CA SER B 182 -28.44 23.05 -6.80
C SER B 182 -27.54 21.85 -7.12
N LYS B 183 -28.11 20.63 -7.02
CA LYS B 183 -27.39 19.36 -7.15
C LYS B 183 -27.83 18.55 -8.38
N LEU B 184 -26.86 18.14 -9.23
CA LEU B 184 -27.13 17.32 -10.43
C LEU B 184 -26.57 15.92 -10.26
N ASP B 185 -27.37 14.90 -10.63
CA ASP B 185 -26.98 13.49 -10.57
C ASP B 185 -26.55 12.92 -11.94
N TYR B 186 -25.25 12.65 -12.08
CA TYR B 186 -24.71 11.98 -13.28
C TYR B 186 -24.53 10.49 -12.91
N GLN B 187 -25.27 9.61 -13.64
CA GLN B 187 -25.30 8.18 -13.36
C GLN B 187 -24.62 7.31 -14.41
N LEU B 188 -23.65 6.50 -13.95
CA LEU B 188 -22.91 5.57 -14.76
C LEU B 188 -23.33 4.12 -14.41
N ARG B 189 -24.12 3.49 -15.31
CA ARG B 189 -24.62 2.14 -15.13
C ARG B 189 -23.62 1.12 -15.60
N ILE B 190 -23.21 0.23 -14.69
CA ILE B 190 -22.21 -0.79 -14.98
C ILE B 190 -22.68 -2.20 -14.53
N SER B 191 -22.17 -3.25 -15.18
CA SER B 191 -22.47 -4.63 -14.78
C SER B 191 -21.18 -5.45 -14.76
N ARG B 192 -21.03 -6.25 -13.72
CA ARG B 192 -19.85 -7.05 -13.46
C ARG B 192 -19.68 -8.16 -14.49
N GLN B 193 -18.40 -8.37 -14.92
CA GLN B 193 -18.00 -9.44 -15.83
C GLN B 193 -17.74 -10.65 -14.94
N TYR B 194 -18.78 -11.47 -14.76
CA TYR B 194 -18.75 -12.66 -13.89
C TYR B 194 -17.96 -13.86 -14.43
N PHE B 195 -17.59 -13.84 -15.75
CA PHE B 195 -16.85 -14.92 -16.42
C PHE B 195 -15.84 -15.63 -15.53
N SER B 196 -14.75 -14.93 -15.12
CA SER B 196 -13.62 -15.43 -14.33
C SER B 196 -14.02 -16.16 -13.06
N TYR B 197 -15.07 -15.69 -12.38
CA TYR B 197 -15.56 -16.33 -11.15
C TYR B 197 -15.83 -17.82 -11.35
N ILE B 198 -16.40 -18.21 -12.50
CA ILE B 198 -16.76 -19.58 -12.81
C ILE B 198 -15.52 -20.54 -12.79
N PRO B 199 -14.49 -20.40 -13.69
CA PRO B 199 -13.35 -21.31 -13.62
C PRO B 199 -12.41 -21.11 -12.42
N ASN B 200 -12.36 -19.90 -11.86
CA ASN B 200 -11.39 -19.60 -10.80
C ASN B 200 -11.88 -19.87 -9.37
N ILE B 201 -13.20 -19.77 -9.11
CA ILE B 201 -13.73 -19.94 -7.76
C ILE B 201 -14.84 -20.97 -7.67
N ILE B 202 -15.92 -20.82 -8.45
CA ILE B 202 -17.09 -21.70 -8.44
C ILE B 202 -16.73 -23.14 -8.75
N LEU B 203 -16.12 -23.41 -9.91
CA LEU B 203 -15.77 -24.79 -10.30
C LEU B 203 -14.73 -25.42 -9.35
N PRO B 204 -13.64 -24.73 -8.92
CA PRO B 204 -12.74 -25.35 -7.91
C PRO B 204 -13.46 -25.78 -6.63
N MET B 205 -14.41 -24.97 -6.10
CA MET B 205 -15.21 -25.28 -4.92
C MET B 205 -16.01 -26.54 -5.13
N LEU B 206 -16.64 -26.71 -6.30
CA LEU B 206 -17.40 -27.92 -6.63
C LEU B 206 -16.53 -29.13 -6.69
N PHE B 207 -15.37 -29.05 -7.38
CA PHE B 207 -14.43 -30.17 -7.48
C PHE B 207 -14.00 -30.68 -6.13
N ILE B 208 -13.62 -29.77 -5.21
CA ILE B 208 -13.16 -30.21 -3.89
C ILE B 208 -14.35 -30.77 -3.08
N LEU B 209 -15.58 -30.23 -3.27
CA LEU B 209 -16.79 -30.72 -2.61
C LEU B 209 -17.10 -32.17 -3.06
N PHE B 210 -16.99 -32.44 -4.37
CA PHE B 210 -17.21 -33.76 -4.93
C PHE B 210 -16.16 -34.75 -4.43
N ILE B 211 -14.91 -34.29 -4.24
CA ILE B 211 -13.81 -35.10 -3.68
C ILE B 211 -14.19 -35.55 -2.27
N SER B 212 -14.74 -34.63 -1.45
CA SER B 212 -15.20 -34.94 -0.09
C SER B 212 -16.31 -36.02 -0.10
N TRP B 213 -17.15 -36.04 -1.17
CA TRP B 213 -18.26 -36.97 -1.34
C TRP B 213 -17.84 -38.40 -1.68
N THR B 214 -16.57 -38.59 -2.10
CA THR B 214 -16.03 -39.94 -2.36
C THR B 214 -16.00 -40.76 -1.04
N ALA B 215 -16.07 -40.08 0.14
CA ALA B 215 -16.13 -40.69 1.48
C ALA B 215 -17.40 -41.54 1.64
N PHE B 216 -18.40 -41.33 0.77
CA PHE B 216 -19.64 -42.09 0.77
C PHE B 216 -19.48 -43.44 0.07
N TRP B 217 -18.29 -43.71 -0.50
CA TRP B 217 -17.95 -44.99 -1.15
C TRP B 217 -16.78 -45.64 -0.41
N SER B 218 -16.56 -45.26 0.86
CA SER B 218 -15.46 -45.77 1.67
C SER B 218 -15.95 -46.12 3.08
N THR B 219 -15.40 -47.22 3.64
CA THR B 219 -15.69 -47.72 4.97
C THR B 219 -14.53 -47.39 5.92
N SER B 220 -13.43 -46.83 5.37
CA SER B 220 -12.19 -46.48 6.07
C SER B 220 -12.29 -45.12 6.77
N TYR B 221 -12.61 -45.12 8.07
CA TYR B 221 -12.77 -43.89 8.89
C TYR B 221 -11.56 -42.96 8.77
N GLU B 222 -10.34 -43.50 8.96
CA GLU B 222 -9.12 -42.69 8.87
C GLU B 222 -9.01 -41.94 7.53
N ALA B 223 -9.29 -42.64 6.42
CA ALA B 223 -9.27 -42.09 5.06
C ALA B 223 -10.38 -41.05 4.89
N ASN B 224 -11.60 -41.37 5.38
CA ASN B 224 -12.77 -40.49 5.33
C ASN B 224 -12.51 -39.18 6.05
N VAL B 225 -11.95 -39.26 7.27
CA VAL B 225 -11.57 -38.12 8.12
C VAL B 225 -10.57 -37.24 7.33
N THR B 226 -9.55 -37.86 6.71
CA THR B 226 -8.56 -37.17 5.87
C THR B 226 -9.24 -36.43 4.70
N LEU B 227 -10.08 -37.15 3.92
CA LEU B 227 -10.84 -36.58 2.80
C LEU B 227 -11.64 -35.36 3.18
N VAL B 228 -12.55 -35.50 4.17
CA VAL B 228 -13.47 -34.42 4.58
C VAL B 228 -12.73 -33.22 5.22
N VAL B 229 -11.79 -33.47 6.11
CA VAL B 229 -11.07 -32.42 6.81
C VAL B 229 -10.10 -31.69 5.88
N SER B 230 -9.40 -32.41 4.97
CA SER B 230 -8.47 -31.76 4.02
C SER B 230 -9.21 -30.90 3.01
N THR B 231 -10.32 -31.43 2.42
CA THR B 231 -11.12 -30.66 1.48
C THR B 231 -11.72 -29.45 2.18
N LEU B 232 -12.12 -29.59 3.47
CA LEU B 232 -12.60 -28.45 4.24
C LEU B 232 -11.53 -27.35 4.33
N ILE B 233 -10.25 -27.74 4.57
CA ILE B 233 -9.17 -26.74 4.61
C ILE B 233 -9.02 -25.99 3.26
N ALA B 234 -9.09 -26.74 2.13
CA ALA B 234 -9.03 -26.13 0.79
C ALA B 234 -10.20 -25.18 0.60
N GLN B 235 -11.39 -25.56 1.09
CA GLN B 235 -12.60 -24.73 0.97
C GLN B 235 -12.47 -23.43 1.75
N ILE B 236 -11.88 -23.50 2.97
CA ILE B 236 -11.62 -22.32 3.79
C ILE B 236 -10.71 -21.34 3.04
N ALA B 237 -9.66 -21.86 2.37
CA ALA B 237 -8.74 -21.01 1.58
C ALA B 237 -9.50 -20.23 0.50
N PHE B 238 -10.44 -20.89 -0.20
CA PHE B 238 -11.27 -20.22 -1.19
C PHE B 238 -12.20 -19.17 -0.58
N ASN B 239 -12.79 -19.47 0.60
CA ASN B 239 -13.66 -18.55 1.35
C ASN B 239 -12.89 -17.29 1.73
N ILE B 240 -11.67 -17.45 2.31
CA ILE B 240 -10.82 -16.31 2.66
C ILE B 240 -10.50 -15.50 1.40
N LEU B 241 -10.09 -16.18 0.32
CA LEU B 241 -9.76 -15.56 -0.97
C LEU B 241 -10.89 -14.70 -1.50
N VAL B 242 -12.11 -15.23 -1.48
CA VAL B 242 -13.31 -14.54 -1.93
C VAL B 242 -13.65 -13.33 -1.05
N GLU B 243 -13.76 -13.54 0.28
CA GLU B 243 -14.15 -12.54 1.28
C GLU B 243 -13.22 -11.35 1.38
N THR B 244 -11.93 -11.53 1.07
CA THR B 244 -10.94 -10.45 1.11
C THR B 244 -11.22 -9.35 0.07
N ASN B 245 -11.84 -9.70 -1.08
CA ASN B 245 -12.21 -8.76 -2.16
C ASN B 245 -13.58 -8.08 -1.91
N LEU B 246 -14.26 -8.39 -0.78
CA LEU B 246 -15.57 -7.83 -0.46
C LEU B 246 -15.55 -7.03 0.83
N PRO B 247 -16.35 -5.93 0.94
CA PRO B 247 -16.45 -5.28 2.24
C PRO B 247 -17.43 -6.05 3.16
N LYS B 248 -17.41 -5.74 4.46
CA LYS B 248 -18.30 -6.32 5.46
C LYS B 248 -19.69 -5.64 5.30
N THR B 249 -20.66 -6.41 4.80
CA THR B 249 -22.01 -5.93 4.54
C THR B 249 -23.01 -6.25 5.69
N PRO B 250 -23.97 -5.34 5.99
CA PRO B 250 -24.95 -5.64 7.05
C PRO B 250 -26.12 -6.51 6.53
N TYR B 251 -25.86 -7.25 5.44
CA TYR B 251 -26.83 -8.10 4.78
C TYR B 251 -26.14 -9.32 4.22
N MET B 252 -26.94 -10.30 3.82
CA MET B 252 -26.42 -11.52 3.22
C MET B 252 -26.23 -11.27 1.73
N THR B 253 -25.07 -11.71 1.18
CA THR B 253 -24.76 -11.64 -0.25
C THR B 253 -24.96 -13.05 -0.79
N TYR B 254 -25.12 -13.17 -2.12
CA TYR B 254 -25.33 -14.45 -2.78
C TYR B 254 -24.15 -15.41 -2.54
N THR B 255 -22.91 -14.91 -2.70
CA THR B 255 -21.66 -15.65 -2.47
C THR B 255 -21.62 -16.10 -1.01
N GLY B 256 -21.93 -15.17 -0.09
CA GLY B 256 -21.91 -15.40 1.34
C GLY B 256 -22.76 -16.55 1.78
N ALA B 257 -24.01 -16.58 1.22
CA ALA B 257 -25.04 -17.58 1.45
C ALA B 257 -24.51 -18.95 1.00
N ILE B 258 -23.91 -19.00 -0.22
CA ILE B 258 -23.32 -20.22 -0.80
C ILE B 258 -22.22 -20.76 0.08
N ILE B 259 -21.29 -19.89 0.51
CA ILE B 259 -20.17 -20.23 1.40
C ILE B 259 -20.72 -20.83 2.68
N PHE B 260 -21.76 -20.20 3.27
CA PHE B 260 -22.39 -20.66 4.51
C PHE B 260 -22.99 -22.04 4.35
N MET B 261 -23.71 -22.23 3.24
CA MET B 261 -24.37 -23.47 2.87
C MET B 261 -23.34 -24.60 2.73
N ILE B 262 -22.20 -24.31 2.07
CA ILE B 262 -21.12 -25.30 1.90
C ILE B 262 -20.59 -25.75 3.25
N TYR B 263 -20.41 -24.82 4.24
CA TYR B 263 -19.97 -25.18 5.60
C TYR B 263 -20.92 -26.21 6.24
N LEU B 264 -22.24 -26.02 6.07
CA LEU B 264 -23.25 -26.94 6.59
C LEU B 264 -23.09 -28.32 6.01
N PHE B 265 -22.93 -28.38 4.68
CA PHE B 265 -22.70 -29.63 3.95
C PHE B 265 -21.45 -30.36 4.43
N TYR B 266 -20.35 -29.63 4.72
CA TYR B 266 -19.12 -30.23 5.25
C TYR B 266 -19.37 -30.76 6.65
N PHE B 267 -20.14 -30.00 7.45
CA PHE B 267 -20.49 -30.36 8.83
C PHE B 267 -21.32 -31.65 8.85
N VAL B 268 -22.38 -31.70 8.01
CA VAL B 268 -23.25 -32.87 7.89
C VAL B 268 -22.48 -34.11 7.38
N ALA B 269 -21.53 -33.94 6.42
CA ALA B 269 -20.72 -35.07 5.94
C ALA B 269 -19.81 -35.63 7.05
N VAL B 270 -19.35 -34.78 7.99
CA VAL B 270 -18.55 -35.24 9.15
C VAL B 270 -19.48 -36.08 10.05
N ILE B 271 -20.74 -35.63 10.24
CA ILE B 271 -21.72 -36.37 11.03
C ILE B 271 -21.91 -37.73 10.42
N GLU B 272 -22.19 -37.80 9.11
CA GLU B 272 -22.35 -39.07 8.38
C GLU B 272 -21.13 -39.98 8.61
N VAL B 273 -19.92 -39.49 8.27
CA VAL B 273 -18.65 -40.21 8.44
C VAL B 273 -18.49 -40.76 9.90
N THR B 274 -18.82 -39.94 10.91
CA THR B 274 -18.75 -40.27 12.34
C THR B 274 -19.77 -41.38 12.71
N VAL B 275 -21.05 -41.21 12.28
CA VAL B 275 -22.18 -42.11 12.52
C VAL B 275 -21.85 -43.49 11.93
N GLN B 276 -21.48 -43.52 10.64
CA GLN B 276 -21.11 -44.73 9.92
C GLN B 276 -20.05 -45.52 10.70
N HIS B 277 -18.97 -44.86 11.15
CA HIS B 277 -17.89 -45.49 11.92
C HIS B 277 -18.37 -46.02 13.27
N TYR B 278 -19.18 -45.23 13.99
CA TYR B 278 -19.75 -45.62 15.29
C TYR B 278 -20.53 -46.95 15.20
N LEU B 279 -21.35 -47.08 14.14
CA LEU B 279 -22.17 -48.28 13.87
C LEU B 279 -21.31 -49.49 13.56
N LYS B 280 -20.26 -49.33 12.71
CA LYS B 280 -19.35 -50.41 12.34
CA LYS B 280 -19.31 -50.37 12.33
C LYS B 280 -18.64 -50.94 13.59
N VAL B 281 -18.27 -50.04 14.52
CA VAL B 281 -17.63 -50.42 15.79
C VAL B 281 -18.64 -51.15 16.72
N GLU B 282 -19.91 -50.70 16.74
CA GLU B 282 -21.03 -51.27 17.50
C GLU B 282 -21.55 -52.57 16.87
N SER B 283 -20.84 -53.08 15.83
CA SER B 283 -21.16 -54.29 15.07
C SER B 283 -22.54 -54.21 14.40
N GLN B 284 -22.83 -53.04 13.81
CA GLN B 284 -24.04 -52.76 13.04
C GLN B 284 -23.70 -52.27 11.61
N PRO B 285 -22.83 -52.98 10.82
CA PRO B 285 -22.49 -52.48 9.48
C PRO B 285 -23.62 -52.40 8.48
N ALA B 286 -24.67 -53.18 8.70
CA ALA B 286 -25.86 -53.21 7.86
C ALA B 286 -26.58 -51.88 7.94
N ARG B 287 -26.70 -51.30 9.15
CA ARG B 287 -27.37 -50.01 9.38
C ARG B 287 -26.54 -48.85 8.78
N ALA B 288 -25.21 -48.89 9.00
CA ALA B 288 -24.27 -47.92 8.46
C ALA B 288 -24.35 -47.94 6.94
N ALA B 289 -24.31 -49.13 6.33
CA ALA B 289 -24.40 -49.31 4.86
C ALA B 289 -25.65 -48.65 4.25
N SER B 290 -26.79 -48.66 4.99
CA SER B 290 -28.05 -48.05 4.58
C SER B 290 -27.94 -46.54 4.51
N ILE B 291 -27.31 -45.94 5.56
CA ILE B 291 -27.09 -44.51 5.67
C ILE B 291 -26.17 -44.03 4.55
N THR B 292 -25.01 -44.69 4.36
CA THR B 292 -24.07 -44.31 3.30
C THR B 292 -24.73 -44.37 1.94
N ARG B 293 -25.41 -45.46 1.62
CA ARG B 293 -26.05 -45.61 0.33
C ARG B 293 -27.03 -44.46 0.06
N ALA B 294 -27.75 -44.04 1.11
CA ALA B 294 -28.70 -42.93 1.06
C ALA B 294 -27.94 -41.62 0.83
N SER B 295 -26.84 -41.40 1.59
CA SER B 295 -25.97 -40.22 1.50
C SER B 295 -25.48 -39.97 0.09
N ARG B 296 -25.15 -41.07 -0.65
CA ARG B 296 -24.68 -41.02 -2.04
C ARG B 296 -25.62 -40.27 -2.96
N ILE B 297 -26.96 -40.35 -2.72
CA ILE B 297 -27.98 -39.65 -3.49
C ILE B 297 -28.41 -38.37 -2.79
N ALA B 298 -28.71 -38.45 -1.47
CA ALA B 298 -29.18 -37.32 -0.66
C ALA B 298 -28.31 -36.07 -0.77
N PHE B 299 -26.97 -36.19 -0.53
CA PHE B 299 -26.04 -35.07 -0.61
C PHE B 299 -26.09 -34.33 -1.96
N PRO B 300 -25.89 -34.96 -3.15
CA PRO B 300 -26.00 -34.20 -4.41
C PRO B 300 -27.41 -33.60 -4.66
N VAL B 301 -28.48 -34.33 -4.30
CA VAL B 301 -29.88 -33.89 -4.50
C VAL B 301 -30.20 -32.66 -3.64
N VAL B 302 -29.86 -32.71 -2.34
CA VAL B 302 -30.08 -31.59 -1.43
C VAL B 302 -29.16 -30.42 -1.80
N PHE B 303 -27.95 -30.70 -2.31
CA PHE B 303 -27.06 -29.65 -2.75
C PHE B 303 -27.65 -28.88 -3.92
N LEU B 304 -28.18 -29.61 -4.91
CA LEU B 304 -28.80 -29.05 -6.09
C LEU B 304 -30.06 -28.27 -5.75
N LEU B 305 -30.94 -28.83 -4.89
CA LEU B 305 -32.18 -28.16 -4.49
C LEU B 305 -31.93 -26.90 -3.68
N ALA B 306 -31.04 -26.96 -2.67
CA ALA B 306 -30.65 -25.79 -1.85
C ALA B 306 -30.16 -24.65 -2.74
N ASN B 307 -29.31 -24.96 -3.75
CA ASN B 307 -28.81 -23.98 -4.70
C ASN B 307 -29.91 -23.35 -5.55
N ILE B 308 -30.91 -24.15 -6.01
CA ILE B 308 -32.05 -23.64 -6.77
C ILE B 308 -32.82 -22.67 -5.88
N ILE B 309 -33.11 -23.07 -4.62
CA ILE B 309 -33.79 -22.22 -3.62
C ILE B 309 -33.02 -20.90 -3.41
N LEU B 310 -31.69 -20.97 -3.22
CA LEU B 310 -30.84 -19.77 -3.05
C LEU B 310 -30.91 -18.82 -4.24
N ALA B 311 -30.69 -19.35 -5.46
CA ALA B 311 -30.71 -18.60 -6.70
C ALA B 311 -32.09 -17.98 -6.90
N PHE B 312 -33.15 -18.67 -6.45
CA PHE B 312 -34.50 -18.15 -6.54
C PHE B 312 -34.68 -16.93 -5.64
N LEU B 313 -34.23 -17.03 -4.36
CA LEU B 313 -34.31 -15.93 -3.38
C LEU B 313 -33.50 -14.73 -3.78
N PHE B 314 -32.30 -14.93 -4.36
CA PHE B 314 -31.46 -13.79 -4.74
C PHE B 314 -31.77 -13.19 -6.13
N PHE B 315 -32.27 -13.98 -7.09
CA PHE B 315 -32.52 -13.49 -8.45
C PHE B 315 -33.95 -13.65 -8.99
N VAL C 5 -1.98 35.85 -24.45
CA VAL C 5 -1.53 35.55 -25.81
C VAL C 5 -2.55 34.68 -26.54
N SER C 6 -2.72 34.92 -27.85
CA SER C 6 -3.63 34.21 -28.74
C SER C 6 -2.82 33.29 -29.70
N PRO C 7 -3.43 32.34 -30.43
CA PRO C 7 -2.65 31.48 -31.33
C PRO C 7 -2.10 32.19 -32.58
N PRO C 8 -1.07 31.65 -33.27
CA PRO C 8 -0.56 32.32 -34.49
C PRO C 8 -1.62 32.45 -35.56
N PRO C 9 -1.71 33.61 -36.26
CA PRO C 9 -2.72 33.75 -37.31
C PRO C 9 -2.31 33.06 -38.62
N PRO C 10 -3.26 32.45 -39.37
CA PRO C 10 -2.88 31.76 -40.60
C PRO C 10 -2.61 32.69 -41.76
N ILE C 11 -1.71 32.28 -42.68
CA ILE C 11 -1.38 33.04 -43.90
C ILE C 11 -2.59 32.99 -44.84
N ALA C 12 -3.15 31.78 -45.03
CA ALA C 12 -4.35 31.45 -45.79
C ALA C 12 -5.25 30.76 -44.74
N ASP C 13 -6.12 29.79 -45.12
CA ASP C 13 -7.01 29.08 -44.17
C ASP C 13 -6.47 27.70 -43.70
N GLU C 14 -5.13 27.54 -43.70
CA GLU C 14 -4.48 26.27 -43.31
C GLU C 14 -4.53 26.00 -41.78
N PRO C 15 -4.54 24.72 -41.33
CA PRO C 15 -4.50 24.47 -39.88
C PRO C 15 -3.09 24.61 -39.34
N LEU C 16 -2.94 24.89 -38.04
CA LEU C 16 -1.62 25.02 -37.44
C LEU C 16 -1.07 23.62 -37.06
N THR C 17 0.05 23.22 -37.68
CA THR C 17 0.71 21.94 -37.47
C THR C 17 1.69 21.99 -36.30
N VAL C 18 1.51 21.08 -35.33
CA VAL C 18 2.40 20.98 -34.20
C VAL C 18 3.15 19.67 -34.37
N ASN C 19 4.46 19.76 -34.62
CA ASN C 19 5.31 18.60 -34.75
C ASN C 19 5.66 18.14 -33.36
N THR C 20 5.46 16.85 -33.08
CA THR C 20 5.70 16.26 -31.77
C THR C 20 6.77 15.17 -31.80
N GLY C 21 7.27 14.83 -30.63
CA GLY C 21 8.26 13.79 -30.42
C GLY C 21 8.34 13.43 -28.95
N ILE C 22 8.43 12.12 -28.63
CA ILE C 22 8.58 11.66 -27.24
C ILE C 22 9.86 10.85 -27.21
N TYR C 23 10.79 11.18 -26.31
CA TYR C 23 12.05 10.46 -26.14
C TYR C 23 12.01 9.88 -24.73
N LEU C 24 11.90 8.53 -24.62
CA LEU C 24 11.82 7.84 -23.34
C LEU C 24 13.14 7.80 -22.60
N ILE C 25 13.13 8.32 -21.37
CA ILE C 25 14.30 8.29 -20.49
C ILE C 25 14.17 7.06 -19.56
N GLU C 26 12.98 6.84 -18.97
CA GLU C 26 12.72 5.71 -18.08
C GLU C 26 11.33 5.11 -18.27
N CYS C 27 11.22 3.80 -18.04
CA CYS C 27 10.03 2.96 -18.05
C CYS C 27 10.13 2.13 -16.82
N TYR C 28 9.11 2.19 -15.99
CA TYR C 28 9.12 1.44 -14.75
C TYR C 28 7.68 1.12 -14.36
N SER C 29 7.53 0.34 -13.29
CA SER C 29 6.28 -0.06 -12.67
C SER C 29 5.17 -0.48 -13.66
N LEU C 30 5.40 -1.53 -14.46
CA LEU C 30 4.35 -2.06 -15.29
C LEU C 30 3.52 -2.99 -14.37
N ASP C 31 2.38 -2.47 -13.90
CA ASP C 31 1.43 -3.16 -13.04
C ASP C 31 0.43 -3.90 -13.95
N ASP C 32 0.46 -5.23 -13.95
CA ASP C 32 -0.42 -6.07 -14.77
C ASP C 32 -1.86 -6.03 -14.30
N LYS C 33 -2.07 -6.12 -12.97
CA LYS C 33 -3.38 -6.09 -12.36
C LYS C 33 -4.06 -4.77 -12.61
N ALA C 34 -3.29 -3.65 -12.49
CA ALA C 34 -3.79 -2.29 -12.71
C ALA C 34 -3.79 -1.84 -14.15
N GLU C 35 -3.08 -2.57 -15.03
CA GLU C 35 -2.89 -2.28 -16.46
C GLU C 35 -2.32 -0.86 -16.68
N THR C 36 -1.34 -0.49 -15.82
CA THR C 36 -0.66 0.80 -15.86
C THR C 36 0.86 0.64 -15.90
N PHE C 37 1.56 1.70 -16.35
CA PHE C 37 3.01 1.81 -16.37
C PHE C 37 3.43 3.27 -16.16
N LYS C 38 4.60 3.48 -15.59
CA LYS C 38 5.08 4.84 -15.38
C LYS C 38 6.14 5.11 -16.42
N VAL C 39 6.21 6.36 -16.82
CA VAL C 39 7.11 6.81 -17.85
C VAL C 39 7.73 8.14 -17.44
N ASN C 40 9.01 8.32 -17.74
CA ASN C 40 9.75 9.56 -17.55
C ASN C 40 10.37 9.86 -18.93
N ALA C 41 9.96 10.94 -19.57
CA ALA C 41 10.35 11.23 -20.96
C ALA C 41 10.52 12.68 -21.27
N PHE C 42 11.01 12.97 -22.49
CA PHE C 42 11.09 14.32 -23.05
C PHE C 42 9.93 14.45 -24.02
N LEU C 43 9.24 15.59 -24.01
CA LEU C 43 8.21 15.87 -24.99
C LEU C 43 8.72 17.05 -25.77
N SER C 44 8.90 16.86 -27.06
CA SER C 44 9.37 17.91 -27.92
C SER C 44 8.18 18.37 -28.79
N LEU C 45 8.00 19.69 -28.86
CA LEU C 45 6.97 20.33 -29.69
C LEU C 45 7.62 21.37 -30.58
N SER C 46 7.07 21.53 -31.80
CA SER C 46 7.55 22.50 -32.77
C SER C 46 6.43 23.00 -33.68
N TRP C 47 6.33 24.31 -33.83
CA TRP C 47 5.34 24.97 -34.66
C TRP C 47 5.89 26.32 -35.09
N LYS C 48 5.30 26.93 -36.13
CA LYS C 48 5.70 28.25 -36.62
C LYS C 48 4.77 29.34 -36.10
N ASP C 49 5.35 30.42 -35.54
CA ASP C 49 4.66 31.63 -35.09
C ASP C 49 5.31 32.83 -35.80
N ARG C 50 4.72 33.30 -36.92
CA ARG C 50 5.26 34.40 -37.73
C ARG C 50 5.45 35.71 -36.93
N ARG C 51 4.63 35.94 -35.89
CA ARG C 51 4.72 37.07 -34.98
C ARG C 51 6.07 37.10 -34.24
N LEU C 52 6.71 35.94 -34.08
CA LEU C 52 8.00 35.77 -33.39
C LEU C 52 9.23 35.83 -34.31
N ALA C 53 9.02 36.00 -35.64
CA ALA C 53 10.08 36.12 -36.64
C ALA C 53 10.96 37.35 -36.42
N PHE C 54 12.22 37.27 -36.88
CA PHE C 54 13.23 38.31 -36.75
C PHE C 54 14.33 38.20 -37.83
N ASP C 55 15.14 39.26 -37.99
CA ASP C 55 16.24 39.28 -38.93
C ASP C 55 17.52 38.95 -38.13
N PRO C 56 18.28 37.89 -38.51
CA PRO C 56 19.49 37.55 -37.73
C PRO C 56 20.62 38.58 -37.81
N VAL C 57 20.79 39.26 -38.97
CA VAL C 57 21.81 40.29 -39.17
C VAL C 57 21.50 41.55 -38.34
N ARG C 58 20.21 41.92 -38.23
CA ARG C 58 19.74 43.08 -37.43
C ARG C 58 19.75 42.80 -35.93
N SER C 59 19.41 41.57 -35.51
CA SER C 59 19.35 41.20 -34.09
C SER C 59 20.67 40.71 -33.50
N GLY C 60 21.62 40.35 -34.37
CA GLY C 60 22.94 39.86 -33.99
C GLY C 60 22.96 38.43 -33.48
N VAL C 61 21.76 37.91 -33.09
CA VAL C 61 21.52 36.56 -32.58
C VAL C 61 20.91 35.66 -33.66
N ARG C 62 21.24 34.37 -33.61
CA ARG C 62 20.74 33.40 -34.57
C ARG C 62 19.51 32.67 -34.02
N VAL C 63 19.36 32.65 -32.68
CA VAL C 63 18.26 32.00 -31.95
C VAL C 63 17.85 32.87 -30.76
N LYS C 64 16.53 32.96 -30.48
CA LYS C 64 16.00 33.68 -29.32
C LYS C 64 15.41 32.67 -28.33
N THR C 65 15.70 32.83 -27.02
CA THR C 65 15.18 31.99 -25.95
C THR C 65 14.02 32.74 -25.27
N TYR C 66 12.94 32.02 -24.92
CA TYR C 66 11.78 32.61 -24.27
C TYR C 66 11.36 31.85 -23.03
N GLU C 67 10.53 32.49 -22.19
CA GLU C 67 9.93 31.86 -21.02
C GLU C 67 8.51 31.44 -21.43
N PRO C 68 7.99 30.28 -20.96
CA PRO C 68 6.66 29.83 -21.43
C PRO C 68 5.55 30.88 -21.40
N GLU C 69 5.51 31.68 -20.35
CA GLU C 69 4.56 32.76 -20.12
C GLU C 69 4.65 33.89 -21.14
N ALA C 70 5.85 34.11 -21.70
CA ALA C 70 6.12 35.16 -22.69
C ALA C 70 5.44 34.95 -24.05
N ILE C 71 5.27 33.69 -24.48
CA ILE C 71 4.71 33.38 -25.79
C ILE C 71 3.52 32.40 -25.74
N TRP C 72 2.86 32.21 -26.90
CA TRP C 72 1.76 31.26 -27.04
C TRP C 72 2.35 29.87 -27.23
N ILE C 73 1.82 28.91 -26.44
CA ILE C 73 2.20 27.50 -26.46
C ILE C 73 0.92 26.65 -26.58
N PRO C 74 0.86 25.66 -27.52
CA PRO C 74 -0.35 24.84 -27.66
C PRO C 74 -0.57 23.93 -26.44
N GLU C 75 -1.84 23.83 -25.98
CA GLU C 75 -2.21 22.98 -24.86
C GLU C 75 -2.31 21.54 -25.35
N ILE C 76 -1.20 20.79 -25.16
CA ILE C 76 -1.06 19.39 -25.50
C ILE C 76 -1.27 18.55 -24.23
N ARG C 77 -2.19 17.58 -24.28
CA ARG C 77 -2.47 16.71 -23.16
C ARG C 77 -2.35 15.22 -23.58
N PHE C 78 -2.26 14.33 -22.59
CA PHE C 78 -2.25 12.90 -22.83
C PHE C 78 -3.66 12.38 -22.57
N VAL C 79 -4.17 11.53 -23.45
CA VAL C 79 -5.49 10.95 -23.28
C VAL C 79 -5.52 9.92 -22.13
N ASN C 80 -4.64 8.93 -22.20
CA ASN C 80 -4.65 7.80 -21.28
C ASN C 80 -3.73 7.92 -20.04
N VAL C 81 -3.83 9.05 -19.34
CA VAL C 81 -3.09 9.25 -18.09
C VAL C 81 -4.03 9.19 -16.90
N GLU C 82 -3.50 8.78 -15.72
CA GLU C 82 -4.26 8.75 -14.47
C GLU C 82 -4.53 10.21 -14.09
N ASN C 83 -3.46 10.95 -13.80
CA ASN C 83 -3.49 12.36 -13.49
C ASN C 83 -2.68 13.07 -14.56
N ALA C 84 -2.92 14.36 -14.77
CA ALA C 84 -2.14 15.15 -15.73
C ALA C 84 -0.67 15.06 -15.34
N ARG C 85 0.21 14.83 -16.32
CA ARG C 85 1.67 14.70 -16.19
C ARG C 85 2.35 15.84 -15.37
N ASP C 86 3.45 15.48 -14.68
CA ASP C 86 4.27 16.43 -13.96
C ASP C 86 5.28 16.85 -15.04
N ALA C 87 5.28 18.13 -15.44
CA ALA C 87 6.21 18.61 -16.46
C ALA C 87 7.06 19.81 -16.06
N ASP C 88 8.29 19.84 -16.56
CA ASP C 88 9.27 20.91 -16.37
C ASP C 88 9.82 21.32 -17.73
N VAL C 89 9.59 22.58 -18.11
CA VAL C 89 10.07 23.11 -19.39
C VAL C 89 11.58 23.18 -19.31
N VAL C 90 12.23 22.56 -20.30
CA VAL C 90 13.67 22.45 -20.36
C VAL C 90 14.20 23.62 -21.17
N ASP C 91 13.57 23.92 -22.34
CA ASP C 91 13.96 24.98 -23.25
C ASP C 91 12.87 25.35 -24.26
N ILE C 92 12.83 26.65 -24.64
CA ILE C 92 11.98 27.25 -25.68
C ILE C 92 12.92 28.10 -26.54
N SER C 93 13.03 27.77 -27.83
CA SER C 93 13.93 28.43 -28.78
C SER C 93 13.24 28.81 -30.09
N VAL C 94 13.40 30.07 -30.51
CA VAL C 94 12.79 30.61 -31.74
C VAL C 94 13.89 30.90 -32.77
N SER C 95 13.68 30.44 -34.00
CA SER C 95 14.57 30.64 -35.12
C SER C 95 14.11 31.93 -35.90
N PRO C 96 14.96 32.54 -36.77
CA PRO C 96 14.56 33.78 -37.46
C PRO C 96 13.21 33.77 -38.16
N ASP C 97 12.81 32.64 -38.79
CA ASP C 97 11.52 32.53 -39.49
C ASP C 97 10.33 32.38 -38.53
N GLY C 98 10.60 32.30 -37.23
CA GLY C 98 9.58 32.17 -36.19
C GLY C 98 9.22 30.73 -35.87
N THR C 99 10.12 29.78 -36.20
CA THR C 99 9.91 28.37 -35.87
C THR C 99 10.26 28.18 -34.40
N VAL C 100 9.25 27.82 -33.60
CA VAL C 100 9.41 27.59 -32.17
C VAL C 100 9.78 26.13 -31.92
N GLN C 101 10.75 25.91 -31.03
CA GLN C 101 11.21 24.59 -30.61
C GLN C 101 11.12 24.52 -29.09
N TYR C 102 10.08 23.82 -28.61
CA TYR C 102 9.77 23.63 -27.22
C TYR C 102 10.22 22.23 -26.78
N LEU C 103 10.73 22.14 -25.52
CA LEU C 103 11.16 20.87 -24.95
C LEU C 103 10.88 20.88 -23.45
N GLU C 104 10.17 19.84 -23.00
CA GLU C 104 9.86 19.64 -21.59
C GLU C 104 10.22 18.23 -21.21
N ARG C 105 10.47 18.02 -19.91
CA ARG C 105 10.70 16.71 -19.36
C ARG C 105 9.51 16.44 -18.45
N PHE C 106 8.88 15.28 -18.59
CA PHE C 106 7.73 14.95 -17.77
C PHE C 106 7.75 13.52 -17.24
N SER C 107 6.98 13.28 -16.19
CA SER C 107 6.74 11.94 -15.68
C SER C 107 5.21 11.76 -15.70
N ALA C 108 4.72 10.56 -16.01
CA ALA C 108 3.27 10.28 -16.08
C ALA C 108 2.95 8.80 -15.85
N ARG C 109 1.76 8.50 -15.27
CA ARG C 109 1.26 7.13 -15.06
C ARG C 109 0.23 6.89 -16.14
N VAL C 110 0.57 6.01 -17.08
CA VAL C 110 -0.20 5.70 -18.27
C VAL C 110 -1.10 4.46 -18.07
N LEU C 111 -2.37 4.55 -18.52
CA LEU C 111 -3.39 3.51 -18.50
C LEU C 111 -3.36 2.86 -19.87
N SER C 112 -2.90 1.63 -19.95
CA SER C 112 -2.90 0.94 -21.24
C SER C 112 -3.33 -0.51 -21.04
N PRO C 113 -4.46 -0.91 -21.70
CA PRO C 113 -4.96 -2.30 -21.54
C PRO C 113 -4.04 -3.39 -22.12
N LEU C 114 -4.03 -4.54 -21.43
CA LEU C 114 -3.20 -5.66 -21.79
C LEU C 114 -4.00 -6.88 -22.19
N ASP C 115 -3.46 -7.70 -23.13
CA ASP C 115 -4.10 -8.94 -23.55
C ASP C 115 -3.43 -10.12 -22.88
N PHE C 116 -4.08 -10.71 -21.88
CA PHE C 116 -3.50 -11.80 -21.11
C PHE C 116 -3.71 -13.22 -21.66
N ARG C 117 -4.41 -13.35 -22.83
CA ARG C 117 -4.69 -14.63 -23.49
C ARG C 117 -3.49 -15.58 -23.54
N ARG C 118 -2.28 -15.08 -23.87
CA ARG C 118 -1.07 -15.92 -24.00
C ARG C 118 -0.16 -15.90 -22.80
N TYR C 119 -0.57 -15.24 -21.72
CA TYR C 119 0.25 -15.13 -20.51
C TYR C 119 0.79 -16.49 -20.03
N PRO C 120 2.06 -16.65 -19.57
CA PRO C 120 3.14 -15.66 -19.41
C PRO C 120 4.03 -15.51 -20.66
N PHE C 121 3.52 -15.99 -21.82
CA PHE C 121 4.21 -15.98 -23.11
C PHE C 121 3.62 -14.88 -24.02
N ASP C 122 3.05 -13.88 -23.38
CA ASP C 122 2.44 -12.75 -24.05
C ASP C 122 3.45 -11.64 -24.41
N SER C 123 3.01 -10.83 -25.36
CA SER C 123 3.64 -9.62 -25.85
C SER C 123 2.57 -8.55 -25.82
N GLN C 124 2.99 -7.31 -25.62
CA GLN C 124 2.04 -6.21 -25.52
C GLN C 124 2.49 -5.03 -26.33
N THR C 125 1.51 -4.21 -26.70
CA THR C 125 1.72 -2.92 -27.36
C THR C 125 1.12 -1.89 -26.40
N LEU C 126 2.00 -1.18 -25.70
CA LEU C 126 1.61 -0.11 -24.80
C LEU C 126 1.41 1.17 -25.64
N HIS C 127 0.37 1.97 -25.32
CA HIS C 127 0.07 3.23 -26.03
C HIS C 127 0.20 4.45 -25.16
N ILE C 128 0.64 5.54 -25.78
CA ILE C 128 0.70 6.89 -25.20
C ILE C 128 -0.03 7.75 -26.24
N TYR C 129 -1.23 8.21 -25.91
CA TYR C 129 -2.01 9.02 -26.83
C TYR C 129 -1.87 10.51 -26.56
N LEU C 130 -1.30 11.26 -27.52
CA LEU C 130 -1.10 12.70 -27.47
C LEU C 130 -2.32 13.38 -28.11
N ILE C 131 -2.87 14.42 -27.48
CA ILE C 131 -4.03 15.11 -28.02
C ILE C 131 -3.93 16.67 -27.91
N VAL C 132 -4.59 17.36 -28.83
CA VAL C 132 -4.67 18.81 -28.86
C VAL C 132 -6.07 19.21 -29.28
N ARG C 133 -6.64 20.19 -28.59
CA ARG C 133 -7.97 20.69 -28.92
C ARG C 133 -7.84 22.04 -29.66
N SER C 134 -8.53 22.14 -30.80
CA SER C 134 -8.51 23.34 -31.63
C SER C 134 -9.16 24.53 -30.94
N VAL C 135 -8.67 25.72 -31.28
CA VAL C 135 -9.16 26.98 -30.76
C VAL C 135 -10.18 27.63 -31.72
N ASP C 136 -11.06 28.50 -31.20
CA ASP C 136 -12.09 29.17 -32.03
C ASP C 136 -11.51 29.96 -33.21
N THR C 137 -10.29 30.48 -33.03
CA THR C 137 -9.57 31.23 -34.06
C THR C 137 -9.10 30.29 -35.17
N ARG C 138 -8.27 29.25 -34.86
CA ARG C 138 -7.86 28.29 -35.89
C ARG C 138 -7.70 26.87 -35.38
N ASN C 139 -7.79 25.92 -36.32
CA ASN C 139 -7.67 24.50 -36.07
C ASN C 139 -6.22 24.08 -35.92
N ILE C 140 -5.92 23.25 -34.89
CA ILE C 140 -4.58 22.75 -34.59
C ILE C 140 -4.52 21.25 -34.88
N VAL C 141 -3.50 20.84 -35.63
CA VAL C 141 -3.25 19.47 -36.07
C VAL C 141 -1.87 18.95 -35.59
N LEU C 142 -1.81 17.68 -35.15
CA LEU C 142 -0.55 17.09 -34.69
C LEU C 142 0.20 16.35 -35.80
N ALA C 143 1.54 16.29 -35.67
CA ALA C 143 2.43 15.62 -36.61
C ALA C 143 3.56 14.97 -35.83
N VAL C 144 4.23 14.01 -36.46
CA VAL C 144 5.34 13.30 -35.82
C VAL C 144 6.66 13.68 -36.49
N ASP C 145 7.62 14.21 -35.71
CA ASP C 145 8.99 14.48 -36.17
C ASP C 145 9.76 13.22 -35.76
N LEU C 146 9.91 12.25 -36.70
CA LEU C 146 10.57 10.95 -36.46
C LEU C 146 11.99 11.07 -35.94
N GLU C 147 12.68 12.16 -36.27
CA GLU C 147 14.04 12.45 -35.83
C GLU C 147 14.08 12.74 -34.31
N LYS C 148 12.89 12.94 -33.69
CA LYS C 148 12.76 13.30 -32.28
C LYS C 148 11.94 12.29 -31.45
N VAL C 149 11.73 11.08 -32.01
CA VAL C 149 11.06 9.95 -31.36
C VAL C 149 12.15 8.90 -31.09
N GLY C 150 12.21 8.41 -29.86
CA GLY C 150 13.20 7.43 -29.46
C GLY C 150 13.15 7.08 -27.99
N LYS C 151 14.17 6.34 -27.53
CA LYS C 151 14.34 5.88 -26.17
C LYS C 151 15.82 5.71 -25.80
N ASN C 152 16.12 5.87 -24.52
CA ASN C 152 17.47 5.68 -23.99
C ASN C 152 17.81 4.17 -24.02
N ASP C 153 19.08 3.82 -24.34
CA ASP C 153 19.56 2.42 -24.41
C ASP C 153 19.43 1.67 -23.09
N ASP C 154 19.64 2.40 -21.97
CA ASP C 154 19.52 1.92 -20.60
C ASP C 154 18.08 1.54 -20.20
N VAL C 155 17.02 2.21 -20.79
CA VAL C 155 15.58 1.98 -20.54
C VAL C 155 15.31 0.48 -20.35
N PHE C 156 15.02 0.12 -19.10
CA PHE C 156 14.75 -1.24 -18.66
C PHE C 156 13.40 -1.30 -17.96
N LEU C 157 12.53 -2.17 -18.44
CA LEU C 157 11.23 -2.40 -17.83
C LEU C 157 11.40 -3.79 -17.23
N THR C 158 11.54 -3.86 -15.88
CA THR C 158 11.77 -5.09 -15.11
C THR C 158 10.78 -6.17 -15.55
N GLY C 159 11.32 -7.31 -16.00
CA GLY C 159 10.54 -8.45 -16.47
C GLY C 159 10.03 -8.37 -17.89
N TRP C 160 10.49 -7.38 -18.63
CA TRP C 160 10.07 -7.19 -20.03
C TRP C 160 11.24 -6.86 -20.92
N ASP C 161 11.08 -7.21 -22.21
CA ASP C 161 12.03 -6.87 -23.26
C ASP C 161 11.40 -5.78 -24.10
N ILE C 162 12.09 -4.65 -24.28
CA ILE C 162 11.55 -3.56 -25.09
C ILE C 162 11.94 -3.80 -26.56
N GLU C 163 10.95 -4.11 -27.40
CA GLU C 163 11.16 -4.38 -28.81
C GLU C 163 11.33 -3.10 -29.64
N SER C 164 10.39 -2.13 -29.54
CA SER C 164 10.41 -0.88 -30.31
C SER C 164 9.51 0.20 -29.71
N PHE C 165 9.84 1.46 -29.99
CA PHE C 165 9.05 2.64 -29.62
C PHE C 165 8.88 3.46 -30.87
N THR C 166 7.68 3.41 -31.47
CA THR C 166 7.37 4.12 -32.71
C THR C 166 6.06 4.88 -32.57
N ALA C 167 5.77 5.77 -33.54
CA ALA C 167 4.54 6.54 -33.59
C ALA C 167 3.82 6.31 -34.91
N VAL C 168 2.48 6.23 -34.85
CA VAL C 168 1.62 6.14 -36.03
C VAL C 168 1.56 7.62 -36.48
N VAL C 169 2.25 7.93 -37.61
CA VAL C 169 2.47 9.30 -38.13
C VAL C 169 1.18 10.06 -38.55
N LYS C 170 0.11 9.34 -38.89
CA LYS C 170 -1.14 9.97 -39.29
C LYS C 170 -2.01 10.17 -38.03
N PRO C 171 -2.32 11.42 -37.66
CA PRO C 171 -3.17 11.63 -36.48
C PRO C 171 -4.64 11.27 -36.76
N ALA C 172 -5.38 10.98 -35.70
CA ALA C 172 -6.81 10.72 -35.78
C ALA C 172 -7.47 12.07 -35.51
N ASN C 173 -8.06 12.68 -36.55
CA ASN C 173 -8.72 14.01 -36.44
C ASN C 173 -10.23 13.82 -36.41
N PHE C 174 -10.82 14.21 -35.30
CA PHE C 174 -12.25 14.01 -35.06
C PHE C 174 -12.85 15.17 -34.27
N ALA C 175 -14.16 15.33 -34.34
CA ALA C 175 -14.86 16.36 -33.59
C ALA C 175 -15.23 15.81 -32.21
N LEU C 176 -15.13 16.66 -31.21
CA LEU C 176 -15.45 16.34 -29.83
C LEU C 176 -15.95 17.61 -29.18
N GLU C 177 -17.25 17.61 -28.78
CA GLU C 177 -17.95 18.72 -28.14
CA GLU C 177 -17.98 18.71 -28.15
C GLU C 177 -17.84 19.99 -28.98
N ASP C 178 -18.21 19.87 -30.27
CA ASP C 178 -18.25 20.91 -31.31
C ASP C 178 -16.90 21.60 -31.61
N ARG C 179 -15.76 20.91 -31.38
CA ARG C 179 -14.40 21.39 -31.73
C ARG C 179 -13.54 20.21 -32.20
N LEU C 180 -12.59 20.49 -33.10
CA LEU C 180 -11.68 19.51 -33.66
C LEU C 180 -10.62 19.08 -32.64
N GLU C 181 -10.27 17.80 -32.66
CA GLU C 181 -9.24 17.22 -31.81
C GLU C 181 -8.30 16.47 -32.73
N SER C 182 -6.99 16.53 -32.45
CA SER C 182 -5.97 15.85 -33.24
C SER C 182 -5.19 14.92 -32.30
N LYS C 183 -5.35 13.59 -32.48
CA LYS C 183 -4.78 12.57 -31.60
C LYS C 183 -3.66 11.77 -32.27
N LEU C 184 -2.53 11.60 -31.57
CA LEU C 184 -1.40 10.77 -32.05
C LEU C 184 -1.19 9.57 -31.18
N ASP C 185 -0.85 8.44 -31.80
CA ASP C 185 -0.61 7.17 -31.14
C ASP C 185 0.86 6.79 -31.13
N TYR C 186 1.43 6.80 -29.93
CA TYR C 186 2.79 6.37 -29.70
C TYR C 186 2.70 4.94 -29.15
N GLN C 187 3.39 4.01 -29.81
CA GLN C 187 3.33 2.61 -29.45
C GLN C 187 4.65 2.01 -29.00
N LEU C 188 4.67 1.45 -27.79
CA LEU C 188 5.81 0.80 -27.20
C LEU C 188 5.56 -0.72 -27.16
N ARG C 189 6.25 -1.46 -28.06
CA ARG C 189 6.14 -2.90 -28.18
C ARG C 189 7.06 -3.60 -27.23
N ILE C 190 6.48 -4.41 -26.34
CA ILE C 190 7.21 -5.14 -25.31
C ILE C 190 6.85 -6.64 -25.28
N SER C 191 7.79 -7.46 -24.84
CA SER C 191 7.51 -8.90 -24.69
C SER C 191 8.01 -9.37 -23.34
N ARG C 192 7.17 -10.16 -22.69
CA ARG C 192 7.42 -10.69 -21.36
C ARG C 192 8.61 -11.64 -21.29
N GLN C 193 9.43 -11.50 -20.24
CA GLN C 193 10.57 -12.38 -19.95
C GLN C 193 10.01 -13.57 -19.18
N TYR C 194 9.63 -14.63 -19.91
CA TYR C 194 8.99 -15.83 -19.36
C TYR C 194 9.92 -16.77 -18.60
N PHE C 195 11.27 -16.60 -18.72
CA PHE C 195 12.29 -17.45 -18.07
C PHE C 195 11.88 -17.94 -16.68
N SER C 196 11.78 -17.03 -15.69
CA SER C 196 11.46 -17.29 -14.28
C SER C 196 10.22 -18.16 -14.05
N TYR C 197 9.19 -18.02 -14.88
CA TYR C 197 7.97 -18.82 -14.78
C TYR C 197 8.23 -20.32 -14.83
N ILE C 198 9.23 -20.75 -15.61
CA ILE C 198 9.59 -22.15 -15.77
C ILE C 198 10.11 -22.76 -14.43
N PRO C 199 11.25 -22.33 -13.84
CA PRO C 199 11.68 -22.96 -12.59
C PRO C 199 10.85 -22.62 -11.34
N ASN C 200 10.18 -21.46 -11.32
CA ASN C 200 9.45 -21.00 -10.13
C ASN C 200 8.00 -21.45 -10.05
N ILE C 201 7.31 -21.66 -11.20
CA ILE C 201 5.89 -22.03 -11.18
C ILE C 201 5.58 -23.30 -11.97
N ILE C 202 5.95 -23.36 -13.26
CA ILE C 202 5.67 -24.51 -14.15
C ILE C 202 6.27 -25.81 -13.65
N LEU C 203 7.60 -25.86 -13.42
CA LEU C 203 8.24 -27.10 -12.95
C LEU C 203 7.75 -27.52 -11.56
N PRO C 204 7.60 -26.62 -10.55
CA PRO C 204 7.03 -27.06 -9.26
C PRO C 204 5.67 -27.72 -9.41
N MET C 205 4.78 -27.11 -10.22
CA MET C 205 3.48 -27.68 -10.51
C MET C 205 3.56 -29.11 -11.04
N LEU C 206 4.45 -29.38 -12.02
CA LEU C 206 4.66 -30.72 -12.60
C LEU C 206 5.15 -31.70 -11.59
N PHE C 207 6.16 -31.32 -10.77
CA PHE C 207 6.70 -32.18 -9.72
C PHE C 207 5.63 -32.65 -8.76
N ILE C 208 4.76 -31.75 -8.27
CA ILE C 208 3.72 -32.14 -7.33
C ILE C 208 2.67 -33.04 -8.04
N LEU C 209 2.40 -32.79 -9.34
CA LEU C 209 1.48 -33.61 -10.13
C LEU C 209 2.01 -35.05 -10.27
N PHE C 210 3.32 -35.18 -10.57
CA PHE C 210 3.96 -36.48 -10.70
C PHE C 210 3.97 -37.24 -9.38
N ILE C 211 4.12 -36.52 -8.24
CA ILE C 211 4.05 -37.09 -6.88
C ILE C 211 2.65 -37.70 -6.68
N SER C 212 1.58 -36.99 -7.09
CA SER C 212 0.20 -37.50 -6.99
C SER C 212 0.03 -38.79 -7.81
N TRP C 213 0.78 -38.94 -8.92
CA TRP C 213 0.71 -40.09 -9.83
C TRP C 213 1.38 -41.36 -9.27
N THR C 214 2.20 -41.22 -8.20
CA THR C 214 2.79 -42.37 -7.52
C THR C 214 1.69 -43.24 -6.87
N ALA C 215 0.46 -42.69 -6.67
CA ALA C 215 -0.72 -43.38 -6.15
C ALA C 215 -1.16 -44.51 -7.09
N PHE C 216 -0.68 -44.47 -8.35
CA PHE C 216 -0.97 -45.52 -9.33
C PHE C 216 -0.06 -46.73 -9.14
N TRP C 217 0.89 -46.66 -8.20
CA TRP C 217 1.80 -47.77 -7.85
C TRP C 217 1.56 -48.19 -6.40
N SER C 218 0.40 -47.85 -5.84
CA SER C 218 0.03 -48.16 -4.46
C SER C 218 -1.38 -48.71 -4.36
N THR C 219 -1.57 -49.68 -3.45
CA THR C 219 -2.86 -50.34 -3.16
C THR C 219 -3.43 -49.82 -1.83
N SER C 220 -2.64 -48.98 -1.12
CA SER C 220 -2.96 -48.39 0.17
C SER C 220 -3.83 -47.14 0.04
N TYR C 221 -5.17 -47.30 0.19
CA TYR C 221 -6.15 -46.21 0.08
C TYR C 221 -5.81 -45.01 0.96
N GLU C 222 -5.51 -45.25 2.25
CA GLU C 222 -5.16 -44.21 3.22
C GLU C 222 -3.99 -43.34 2.71
N ALA C 223 -2.93 -44.01 2.21
CA ALA C 223 -1.74 -43.37 1.65
C ALA C 223 -2.07 -42.61 0.37
N ASN C 224 -2.86 -43.24 -0.52
CA ASN C 224 -3.31 -42.67 -1.79
C ASN C 224 -4.09 -41.39 -1.56
N VAL C 225 -5.05 -41.43 -0.62
CA VAL C 225 -5.89 -40.28 -0.22
C VAL C 225 -4.97 -39.15 0.23
N THR C 226 -3.97 -39.44 1.09
CA THR C 226 -2.97 -38.49 1.58
C THR C 226 -2.19 -37.88 0.40
N LEU C 227 -1.63 -38.70 -0.49
CA LEU C 227 -0.88 -38.25 -1.68
C LEU C 227 -1.68 -37.28 -2.54
N VAL C 228 -2.87 -37.70 -3.01
CA VAL C 228 -3.69 -36.91 -3.93
C VAL C 228 -4.24 -35.61 -3.30
N VAL C 229 -4.75 -35.69 -2.07
CA VAL C 229 -5.33 -34.55 -1.37
C VAL C 229 -4.26 -33.54 -0.94
N SER C 230 -3.09 -34.02 -0.45
CA SER C 230 -1.99 -33.12 -0.05
C SER C 230 -1.40 -32.39 -1.24
N THR C 231 -1.12 -33.11 -2.36
CA THR C 231 -0.60 -32.49 -3.57
C THR C 231 -1.62 -31.48 -4.12
N LEU C 232 -2.94 -31.79 -4.01
CA LEU C 232 -3.98 -30.85 -4.41
C LEU C 232 -3.86 -29.56 -3.62
N ILE C 233 -3.61 -29.64 -2.29
CA ILE C 233 -3.45 -28.42 -1.47
C ILE C 233 -2.24 -27.57 -1.95
N ALA C 234 -1.10 -28.23 -2.25
CA ALA C 234 0.08 -27.55 -2.78
C ALA C 234 -0.23 -26.90 -4.14
N GLN C 235 -1.00 -27.56 -5.01
CA GLN C 235 -1.41 -27.00 -6.31
C GLN C 235 -2.23 -25.76 -6.12
N ILE C 236 -3.23 -25.81 -5.20
CA ILE C 236 -4.07 -24.65 -4.89
C ILE C 236 -3.21 -23.46 -4.48
N ALA C 237 -2.18 -23.68 -3.63
CA ALA C 237 -1.27 -22.59 -3.23
C ALA C 237 -0.62 -21.92 -4.45
N PHE C 238 -0.14 -22.73 -5.42
CA PHE C 238 0.45 -22.21 -6.67
C PHE C 238 -0.57 -21.47 -7.52
N ASN C 239 -1.79 -22.02 -7.67
CA ASN C 239 -2.90 -21.41 -8.42
C ASN C 239 -3.24 -20.04 -7.86
N ILE C 240 -3.39 -19.92 -6.51
CA ILE C 240 -3.66 -18.63 -5.85
C ILE C 240 -2.50 -17.68 -6.13
N LEU C 241 -1.25 -18.12 -5.87
CA LEU C 241 -0.02 -17.35 -6.10
C LEU C 241 0.03 -16.74 -7.50
N VAL C 242 -0.24 -17.55 -8.51
CA VAL C 242 -0.27 -17.14 -9.91
C VAL C 242 -1.38 -16.13 -10.23
N GLU C 243 -2.64 -16.47 -9.91
CA GLU C 243 -3.84 -15.68 -10.23
C GLU C 243 -3.89 -14.33 -9.51
N THR C 244 -3.19 -14.18 -8.37
CA THR C 244 -3.12 -12.89 -7.64
C THR C 244 -2.39 -11.82 -8.42
N ASN C 245 -1.40 -12.19 -9.28
CA ASN C 245 -0.62 -11.29 -10.14
C ASN C 245 -1.38 -10.96 -11.48
N LEU C 246 -2.61 -11.47 -11.65
CA LEU C 246 -3.36 -11.21 -12.88
C LEU C 246 -4.69 -10.55 -12.60
N PRO C 247 -5.20 -9.69 -13.52
CA PRO C 247 -6.55 -9.14 -13.30
C PRO C 247 -7.63 -10.14 -13.76
N LYS C 248 -8.88 -9.92 -13.36
CA LYS C 248 -10.02 -10.76 -13.74
C LYS C 248 -10.43 -10.39 -15.19
N THR C 249 -10.16 -11.33 -16.12
CA THR C 249 -10.42 -11.15 -17.55
C THR C 249 -11.78 -11.75 -18.03
N PRO C 250 -12.47 -11.13 -19.00
CA PRO C 250 -13.73 -11.72 -19.50
C PRO C 250 -13.47 -12.84 -20.55
N TYR C 251 -12.30 -13.48 -20.49
CA TYR C 251 -11.84 -14.50 -21.42
C TYR C 251 -10.90 -15.46 -20.74
N MET C 252 -10.68 -16.61 -21.37
CA MET C 252 -9.79 -17.62 -20.83
C MET C 252 -8.35 -17.25 -21.21
N THR C 253 -7.41 -17.37 -20.26
CA THR C 253 -5.99 -17.15 -20.49
C THR C 253 -5.32 -18.52 -20.58
N TYR C 254 -4.11 -18.58 -21.14
CA TYR C 254 -3.37 -19.82 -21.29
C TYR C 254 -3.12 -20.52 -19.95
N THR C 255 -2.63 -19.75 -18.98
CA THR C 255 -2.40 -20.16 -17.60
C THR C 255 -3.71 -20.63 -16.94
N GLY C 256 -4.81 -19.90 -17.17
CA GLY C 256 -6.12 -20.22 -16.62
C GLY C 256 -6.63 -21.57 -17.05
N ALA C 257 -6.45 -21.88 -18.35
CA ALA C 257 -6.83 -23.12 -19.01
C ALA C 257 -6.04 -24.29 -18.39
N ILE C 258 -4.71 -24.11 -18.24
CA ILE C 258 -3.79 -25.09 -17.65
C ILE C 258 -4.20 -25.42 -16.23
N ILE C 259 -4.41 -24.38 -15.42
CA ILE C 259 -4.84 -24.51 -14.03
C ILE C 259 -6.17 -25.30 -13.95
N PHE C 260 -7.13 -24.98 -14.84
CA PHE C 260 -8.43 -25.65 -14.89
C PHE C 260 -8.25 -27.15 -15.22
N MET C 261 -7.41 -27.44 -16.23
CA MET C 261 -7.10 -28.76 -16.70
C MET C 261 -6.48 -29.59 -15.57
N ILE C 262 -5.53 -29.00 -14.81
CA ILE C 262 -4.88 -29.68 -13.68
C ILE C 262 -5.93 -30.09 -12.64
N TYR C 263 -6.91 -29.20 -12.32
CA TYR C 263 -8.01 -29.53 -11.39
C TYR C 263 -8.75 -30.79 -11.83
N LEU C 264 -9.05 -30.92 -13.14
CA LEU C 264 -9.73 -32.09 -13.70
C LEU C 264 -8.91 -33.34 -13.47
N PHE C 265 -7.60 -33.29 -13.76
CA PHE C 265 -6.67 -34.38 -13.55
C PHE C 265 -6.63 -34.83 -12.11
N TYR C 266 -6.66 -33.88 -11.15
CA TYR C 266 -6.70 -34.21 -9.71
C TYR C 266 -8.02 -34.88 -9.37
N PHE C 267 -9.12 -34.39 -9.96
CA PHE C 267 -10.45 -34.92 -9.75
C PHE C 267 -10.57 -36.35 -10.24
N VAL C 268 -10.08 -36.61 -11.47
CA VAL C 268 -10.07 -37.93 -12.10
C VAL C 268 -9.18 -38.92 -11.29
N ALA C 269 -8.02 -38.47 -10.79
CA ALA C 269 -7.16 -39.34 -9.98
C ALA C 269 -7.84 -39.74 -8.65
N VAL C 270 -8.70 -38.87 -8.08
CA VAL C 270 -9.47 -39.19 -6.87
C VAL C 270 -10.49 -40.29 -7.25
N ILE C 271 -11.13 -40.17 -8.43
CA ILE C 271 -12.08 -41.16 -8.93
C ILE C 271 -11.35 -42.50 -9.02
N GLU C 272 -10.19 -42.54 -9.72
CA GLU C 272 -9.39 -43.75 -9.84
C GLU C 272 -9.10 -44.36 -8.47
N VAL C 273 -8.46 -43.59 -7.57
CA VAL C 273 -8.13 -44.01 -6.19
C VAL C 273 -9.37 -44.59 -5.46
N THR C 274 -10.54 -43.94 -5.58
CA THR C 274 -11.81 -44.34 -4.96
C THR C 274 -12.31 -45.67 -5.55
N VAL C 275 -12.33 -45.79 -6.90
CA VAL C 275 -12.78 -46.96 -7.67
C VAL C 275 -11.94 -48.17 -7.30
N GLN C 276 -10.60 -48.02 -7.38
CA GLN C 276 -9.64 -49.06 -7.03
C GLN C 276 -9.92 -49.63 -5.63
N HIS C 277 -10.10 -48.76 -4.63
CA HIS C 277 -10.39 -49.17 -3.25
C HIS C 277 -11.73 -49.89 -3.12
N TYR C 278 -12.78 -49.36 -3.79
CA TYR C 278 -14.12 -49.96 -3.79
C TYR C 278 -14.08 -51.43 -4.26
N LEU C 279 -13.32 -51.70 -5.36
CA LEU C 279 -13.15 -53.02 -5.94
C LEU C 279 -12.41 -53.97 -5.01
N LYS C 280 -11.32 -53.51 -4.38
CA LYS C 280 -10.54 -54.31 -3.43
CA LYS C 280 -10.51 -54.26 -3.40
C LYS C 280 -11.41 -54.73 -2.24
N VAL C 281 -12.30 -53.84 -1.78
CA VAL C 281 -13.24 -54.12 -0.69
C VAL C 281 -14.31 -55.14 -1.14
N GLU C 282 -14.78 -55.02 -2.41
CA GLU C 282 -15.77 -55.90 -3.06
C GLU C 282 -15.15 -57.25 -3.47
N SER C 283 -13.88 -57.48 -3.07
CA SER C 283 -13.09 -58.68 -3.37
C SER C 283 -12.91 -58.88 -4.89
N GLN C 284 -12.61 -57.78 -5.59
CA GLN C 284 -12.32 -57.76 -7.03
C GLN C 284 -10.94 -57.10 -7.30
N PRO C 285 -9.83 -57.52 -6.62
CA PRO C 285 -8.53 -56.86 -6.85
C PRO C 285 -7.96 -56.98 -8.26
N ALA C 286 -8.38 -58.03 -9.00
CA ALA C 286 -7.95 -58.26 -10.37
C ALA C 286 -8.45 -57.14 -11.27
N ARG C 287 -9.71 -56.69 -11.08
CA ARG C 287 -10.33 -55.61 -11.87
C ARG C 287 -9.67 -54.26 -11.54
N ALA C 288 -9.44 -54.00 -10.24
CA ALA C 288 -8.79 -52.80 -9.76
C ALA C 288 -7.38 -52.73 -10.34
N ALA C 289 -6.62 -53.84 -10.29
CA ALA C 289 -5.26 -53.92 -10.84
C ALA C 289 -5.17 -53.54 -12.33
N SER C 290 -6.23 -53.87 -13.11
CA SER C 290 -6.32 -53.55 -14.54
C SER C 290 -6.44 -52.03 -14.75
N ILE C 291 -7.30 -51.39 -13.93
CA ILE C 291 -7.55 -49.95 -13.96
C ILE C 291 -6.26 -49.19 -13.60
N THR C 292 -5.61 -49.55 -12.48
CA THR C 292 -4.37 -48.91 -12.03
C THR C 292 -3.30 -49.00 -13.10
N ARG C 293 -3.09 -50.20 -13.66
CA ARG C 293 -2.05 -50.42 -14.67
C ARG C 293 -2.28 -49.53 -15.89
N ALA C 294 -3.56 -49.36 -16.28
CA ALA C 294 -3.98 -48.51 -17.38
C ALA C 294 -3.70 -47.04 -17.04
N SER C 295 -4.08 -46.62 -15.80
CA SER C 295 -3.90 -45.26 -15.29
C SER C 295 -2.45 -44.81 -15.36
N ARG C 296 -1.50 -45.73 -15.09
CA ARG C 296 -0.06 -45.49 -15.15
C ARG C 296 0.40 -44.94 -16.48
N ILE C 297 -0.24 -45.37 -17.59
CA ILE C 297 0.07 -44.87 -18.95
C ILE C 297 -0.91 -43.76 -19.35
N ALA C 298 -2.23 -43.99 -19.16
CA ALA C 298 -3.29 -43.06 -19.55
C ALA C 298 -3.09 -41.63 -19.03
N PHE C 299 -2.88 -41.45 -17.71
CA PHE C 299 -2.67 -40.14 -17.10
C PHE C 299 -1.52 -39.35 -17.73
N PRO C 300 -0.25 -39.83 -17.83
CA PRO C 300 0.78 -39.04 -18.51
C PRO C 300 0.50 -38.75 -20.00
N VAL C 301 -0.07 -39.74 -20.72
CA VAL C 301 -0.38 -39.63 -22.15
C VAL C 301 -1.46 -38.57 -22.40
N VAL C 302 -2.56 -38.63 -21.64
CA VAL C 302 -3.65 -37.65 -21.77
C VAL C 302 -3.17 -36.28 -21.29
N PHE C 303 -2.27 -36.24 -20.29
CA PHE C 303 -1.74 -34.97 -19.82
C PHE C 303 -0.92 -34.28 -20.90
N LEU C 304 -0.05 -35.04 -21.58
CA LEU C 304 0.78 -34.56 -22.66
C LEU C 304 -0.05 -34.14 -23.87
N LEU C 305 -1.05 -34.95 -24.28
CA LEU C 305 -1.91 -34.62 -25.42
C LEU C 305 -2.77 -33.38 -25.16
N ALA C 306 -3.43 -33.30 -23.98
CA ALA C 306 -4.26 -32.14 -23.58
C ALA C 306 -3.43 -30.85 -23.64
N ASN C 307 -2.18 -30.89 -23.17
CA ASN C 307 -1.26 -29.75 -23.21
C ASN C 307 -0.91 -29.34 -24.63
N ILE C 308 -0.65 -30.31 -25.54
CA ILE C 308 -0.37 -30.04 -26.95
C ILE C 308 -1.59 -29.34 -27.54
N ILE C 309 -2.81 -29.88 -27.30
CA ILE C 309 -4.08 -29.29 -27.77
C ILE C 309 -4.22 -27.84 -27.28
N LEU C 310 -3.97 -27.60 -25.97
CA LEU C 310 -4.05 -26.26 -25.37
C LEU C 310 -3.08 -25.28 -26.01
N ALA C 311 -1.79 -25.67 -26.10
CA ALA C 311 -0.73 -24.84 -26.70
C ALA C 311 -1.07 -24.55 -28.18
N PHE C 312 -1.72 -25.50 -28.86
CA PHE C 312 -2.13 -25.31 -30.24
C PHE C 312 -3.20 -24.23 -30.33
N LEU C 313 -4.24 -24.31 -29.48
CA LEU C 313 -5.34 -23.34 -29.45
C LEU C 313 -4.89 -21.93 -29.08
N PHE C 314 -3.94 -21.81 -28.14
CA PHE C 314 -3.50 -20.50 -27.71
C PHE C 314 -2.39 -19.89 -28.56
N PHE C 315 -1.52 -20.71 -29.21
CA PHE C 315 -0.40 -20.17 -29.99
C PHE C 315 -0.33 -20.58 -31.47
N VAL D 5 16.89 36.05 -17.38
CA VAL D 5 18.35 35.94 -17.30
C VAL D 5 18.86 34.88 -18.29
N SER D 6 20.00 35.16 -18.92
CA SER D 6 20.66 34.30 -19.89
C SER D 6 21.94 33.68 -19.26
N PRO D 7 22.61 32.66 -19.86
CA PRO D 7 23.82 32.10 -19.23
C PRO D 7 25.04 33.05 -19.30
N PRO D 8 26.10 32.86 -18.46
CA PRO D 8 27.26 33.76 -18.52
C PRO D 8 27.93 33.72 -19.88
N PRO D 9 28.35 34.89 -20.41
CA PRO D 9 29.00 34.89 -21.74
C PRO D 9 30.46 34.45 -21.64
N PRO D 10 30.99 33.72 -22.64
CA PRO D 10 32.38 33.28 -22.55
C PRO D 10 33.39 34.38 -22.84
N ILE D 11 34.58 34.30 -22.22
CA ILE D 11 35.67 35.25 -22.47
C ILE D 11 36.21 35.02 -23.89
N ALA D 12 36.44 33.73 -24.21
CA ALA D 12 36.87 33.18 -25.50
C ALA D 12 35.76 32.17 -25.83
N ASP D 13 36.05 31.04 -26.51
CA ASP D 13 35.04 30.03 -26.88
C ASP D 13 35.02 28.79 -25.95
N GLU D 14 35.40 29.00 -24.66
CA GLU D 14 35.46 27.91 -23.67
C GLU D 14 34.07 27.46 -23.18
N PRO D 15 33.90 26.17 -22.76
CA PRO D 15 32.59 25.75 -22.23
C PRO D 15 32.41 26.20 -20.79
N LEU D 16 31.14 26.23 -20.32
CA LEU D 16 30.85 26.60 -18.94
C LEU D 16 30.87 25.39 -18.01
N THR D 17 31.88 25.36 -17.12
CA THR D 17 32.09 24.29 -16.16
C THR D 17 31.28 24.50 -14.90
N VAL D 18 30.44 23.51 -14.56
CA VAL D 18 29.66 23.52 -13.33
C VAL D 18 30.26 22.45 -12.44
N ASN D 19 30.88 22.87 -11.34
CA ASN D 19 31.45 21.95 -10.38
C ASN D 19 30.32 21.48 -9.50
N THR D 20 30.22 20.16 -9.33
CA THR D 20 29.14 19.54 -8.55
C THR D 20 29.69 18.73 -7.37
N GLY D 21 28.80 18.47 -6.43
CA GLY D 21 29.07 17.68 -5.24
C GLY D 21 27.79 17.18 -4.63
N ILE D 22 27.77 15.92 -4.18
CA ILE D 22 26.63 15.35 -3.47
C ILE D 22 27.14 14.90 -2.12
N TYR D 23 26.45 15.33 -1.04
CA TYR D 23 26.78 14.94 0.32
C TYR D 23 25.52 14.26 0.86
N LEU D 24 25.59 12.92 1.06
CA LEU D 24 24.44 12.12 1.54
C LEU D 24 24.16 12.32 3.00
N ILE D 25 22.93 12.72 3.30
CA ILE D 25 22.46 12.89 4.66
C ILE D 25 21.74 11.60 5.10
N GLU D 26 20.82 11.07 4.24
CA GLU D 26 20.07 9.85 4.54
CA GLU D 26 20.06 9.85 4.52
C GLU D 26 19.91 8.96 3.29
N CYS D 27 19.84 7.65 3.52
CA CYS D 27 19.61 6.56 2.56
C CYS D 27 18.60 5.69 3.21
N TYR D 28 17.50 5.46 2.56
CA TYR D 28 16.43 4.64 3.12
C TYR D 28 15.66 3.97 2.00
N SER D 29 14.72 3.11 2.37
CA SER D 29 13.80 2.39 1.50
C SER D 29 14.45 1.79 0.23
N LEU D 30 15.43 0.89 0.39
CA LEU D 30 15.97 0.17 -0.75
C LEU D 30 15.00 -0.98 -1.01
N ASP D 31 14.11 -0.78 -2.00
CA ASP D 31 13.10 -1.74 -2.45
C ASP D 31 13.76 -2.63 -3.52
N ASP D 32 13.97 -3.91 -3.22
CA ASP D 32 14.58 -4.88 -4.15
C ASP D 32 13.68 -5.21 -5.32
N LYS D 33 12.38 -5.45 -5.04
CA LYS D 33 11.39 -5.77 -6.04
C LYS D 33 11.23 -4.62 -7.02
N ALA D 34 11.22 -3.38 -6.51
CA ALA D 34 11.06 -2.17 -7.32
C ALA D 34 12.35 -1.62 -7.89
N GLU D 35 13.51 -2.10 -7.37
CA GLU D 35 14.87 -1.67 -7.75
C GLU D 35 15.05 -0.14 -7.57
N THR D 36 14.48 0.39 -6.47
CA THR D 36 14.54 1.81 -6.10
C THR D 36 15.09 2.00 -4.69
N PHE D 37 15.55 3.24 -4.41
CA PHE D 37 16.01 3.70 -3.10
C PHE D 37 15.70 5.17 -2.93
N LYS D 38 15.49 5.59 -1.69
CA LYS D 38 15.23 7.01 -1.44
C LYS D 38 16.52 7.61 -0.91
N VAL D 39 16.72 8.89 -1.18
CA VAL D 39 17.93 9.61 -0.80
C VAL D 39 17.56 11.02 -0.36
N ASN D 40 18.23 11.50 0.71
CA ASN D 40 18.12 12.85 1.21
C ASN D 40 19.55 13.36 1.26
N ALA D 41 19.88 14.37 0.43
CA ALA D 41 21.26 14.85 0.31
C ALA D 41 21.38 16.32 0.06
N PHE D 42 22.64 16.81 0.05
CA PHE D 42 22.99 18.18 -0.33
C PHE D 42 23.50 18.12 -1.74
N LEU D 43 23.05 19.01 -2.60
CA LEU D 43 23.60 19.14 -3.95
C LEU D 43 24.30 20.48 -3.95
N SER D 44 25.60 20.46 -4.17
CA SER D 44 26.38 21.68 -4.22
C SER D 44 26.80 21.94 -5.68
N LEU D 45 26.64 23.18 -6.14
CA LEU D 45 27.00 23.62 -7.49
C LEU D 45 27.87 24.86 -7.41
N SER D 46 28.79 25.01 -8.37
CA SER D 46 29.69 26.15 -8.46
C SER D 46 30.14 26.43 -9.88
N TRP D 47 30.05 27.69 -10.28
CA TRP D 47 30.42 28.17 -11.61
C TRP D 47 30.76 29.66 -11.51
N LYS D 48 31.46 30.20 -12.52
CA LYS D 48 31.82 31.61 -12.60
C LYS D 48 30.85 32.39 -13.51
N ASP D 49 30.33 33.52 -13.01
CA ASP D 49 29.49 34.46 -13.76
C ASP D 49 30.13 35.84 -13.63
N ARG D 50 30.93 36.26 -14.65
CA ARG D 50 31.63 37.55 -14.66
C ARG D 50 30.73 38.76 -14.47
N ARG D 51 29.47 38.68 -14.94
CA ARG D 51 28.44 39.71 -14.79
C ARG D 51 28.14 40.01 -13.30
N LEU D 52 28.41 39.04 -12.42
CA LEU D 52 28.17 39.14 -10.98
C LEU D 52 29.40 39.60 -10.16
N ALA D 53 30.54 39.85 -10.84
CA ALA D 53 31.79 40.33 -10.22
C ALA D 53 31.64 41.72 -9.59
N PHE D 54 32.45 42.00 -8.56
CA PHE D 54 32.45 43.25 -7.82
C PHE D 54 33.81 43.53 -7.14
N ASP D 55 34.00 44.77 -6.66
CA ASP D 55 35.21 45.18 -5.93
C ASP D 55 34.86 45.11 -4.44
N PRO D 56 35.62 44.32 -3.63
CA PRO D 56 35.27 44.21 -2.18
C PRO D 56 35.43 45.51 -1.39
N VAL D 57 36.34 46.40 -1.86
CA VAL D 57 36.67 47.71 -1.28
C VAL D 57 35.49 48.69 -1.38
N ARG D 58 34.99 49.00 -2.61
CA ARG D 58 33.89 49.93 -2.82
C ARG D 58 32.52 49.38 -2.36
N SER D 59 32.38 48.04 -2.33
CA SER D 59 31.14 47.36 -1.91
C SER D 59 31.04 47.24 -0.39
N GLY D 60 32.19 47.07 0.26
CA GLY D 60 32.29 46.94 1.72
C GLY D 60 32.06 45.51 2.19
N VAL D 61 31.70 44.62 1.25
CA VAL D 61 31.44 43.21 1.50
C VAL D 61 32.39 42.32 0.72
N ARG D 62 32.82 41.22 1.35
CA ARG D 62 33.72 40.22 0.78
C ARG D 62 32.93 39.14 0.01
N VAL D 63 31.60 39.14 0.18
CA VAL D 63 30.66 38.17 -0.40
C VAL D 63 29.24 38.76 -0.54
N LYS D 64 28.50 38.33 -1.58
CA LYS D 64 27.12 38.76 -1.83
C LYS D 64 26.18 37.54 -1.86
N THR D 65 25.02 37.65 -1.19
CA THR D 65 23.99 36.61 -1.16
C THR D 65 22.89 36.98 -2.15
N TYR D 66 22.37 35.99 -2.88
CA TYR D 66 21.30 36.23 -3.87
C TYR D 66 20.14 35.27 -3.68
N GLU D 67 19.02 35.60 -4.34
CA GLU D 67 17.82 34.77 -4.38
C GLU D 67 17.87 34.04 -5.72
N PRO D 68 17.48 32.74 -5.80
CA PRO D 68 17.60 32.01 -7.08
C PRO D 68 17.09 32.74 -8.33
N GLU D 69 15.93 33.41 -8.19
CA GLU D 69 15.26 34.18 -9.24
C GLU D 69 16.07 35.39 -9.72
N ALA D 70 16.91 35.96 -8.83
CA ALA D 70 17.74 37.13 -9.13
C ALA D 70 18.86 36.88 -10.13
N ILE D 71 19.42 35.67 -10.16
CA ILE D 71 20.55 35.36 -11.05
C ILE D 71 20.31 34.11 -11.92
N TRP D 72 21.22 33.87 -12.87
CA TRP D 72 21.16 32.69 -13.72
C TRP D 72 21.74 31.50 -12.94
N ILE D 73 20.98 30.39 -12.95
CA ILE D 73 21.35 29.12 -12.31
C ILE D 73 21.22 28.00 -13.35
N PRO D 74 22.23 27.11 -13.49
CA PRO D 74 22.13 26.02 -14.47
C PRO D 74 21.05 25.02 -14.12
N GLU D 75 20.25 24.59 -15.12
CA GLU D 75 19.19 23.60 -14.92
C GLU D 75 19.84 22.22 -14.90
N ILE D 76 20.12 21.73 -13.67
CA ILE D 76 20.70 20.42 -13.39
C ILE D 76 19.56 19.48 -13.00
N ARG D 77 19.48 18.33 -13.65
CA ARG D 77 18.47 17.33 -13.36
C ARG D 77 19.12 15.97 -13.08
N PHE D 78 18.33 15.04 -12.49
CA PHE D 78 18.78 13.67 -12.28
C PHE D 78 18.18 12.83 -13.39
N VAL D 79 18.99 11.94 -13.98
CA VAL D 79 18.51 11.07 -15.05
C VAL D 79 17.56 9.99 -14.50
N ASN D 80 18.04 9.21 -13.51
CA ASN D 80 17.35 8.04 -12.99
C ASN D 80 16.46 8.27 -11.77
N VAL D 81 15.60 9.29 -11.83
CA VAL D 81 14.63 9.56 -10.79
C VAL D 81 13.23 9.17 -11.24
N GLU D 82 12.34 8.82 -10.29
CA GLU D 82 10.95 8.51 -10.59
C GLU D 82 10.29 9.83 -11.04
N ASN D 83 10.23 10.78 -10.11
CA ASN D 83 9.73 12.13 -10.33
C ASN D 83 10.88 13.09 -10.04
N ALA D 84 10.82 14.32 -10.57
CA ALA D 84 11.84 15.34 -10.32
C ALA D 84 12.02 15.52 -8.80
N ARG D 85 13.27 15.76 -8.36
CA ARG D 85 13.60 15.96 -6.96
C ARG D 85 12.83 17.12 -6.28
N ASP D 86 12.62 16.96 -4.97
CA ASP D 86 12.00 17.89 -4.05
C ASP D 86 13.21 18.63 -3.50
N ALA D 87 13.41 19.90 -3.90
CA ALA D 87 14.59 20.66 -3.48
C ALA D 87 14.28 22.00 -2.79
N ASP D 88 15.14 22.35 -1.81
CA ASP D 88 15.07 23.60 -1.07
CA ASP D 88 15.08 23.58 -1.02
C ASP D 88 16.46 24.24 -1.10
N VAL D 89 16.55 25.45 -1.69
CA VAL D 89 17.82 26.17 -1.80
C VAL D 89 18.22 26.61 -0.38
N VAL D 90 19.42 26.21 0.02
CA VAL D 90 19.98 26.52 1.34
C VAL D 90 20.71 27.87 1.25
N ASP D 91 21.58 28.05 0.23
CA ASP D 91 22.36 29.27 0.07
C ASP D 91 22.90 29.46 -1.34
N ILE D 92 22.99 30.74 -1.78
CA ILE D 92 23.60 31.21 -3.02
C ILE D 92 24.54 32.35 -2.62
N SER D 93 25.85 32.20 -2.88
CA SER D 93 26.89 33.14 -2.50
C SER D 93 27.84 33.45 -3.63
N VAL D 94 28.06 34.75 -3.90
CA VAL D 94 28.95 35.23 -4.95
C VAL D 94 30.19 35.89 -4.35
N SER D 95 31.38 35.52 -4.86
CA SER D 95 32.66 36.06 -4.44
C SER D 95 33.02 37.25 -5.39
N PRO D 96 34.00 38.14 -5.03
CA PRO D 96 34.30 39.30 -5.89
C PRO D 96 34.56 39.01 -7.37
N ASP D 97 35.20 37.87 -7.69
CA ASP D 97 35.48 37.50 -9.09
C ASP D 97 34.25 36.96 -9.84
N GLY D 98 33.14 36.82 -9.12
CA GLY D 98 31.90 36.34 -9.69
C GLY D 98 31.74 34.84 -9.62
N THR D 99 32.47 34.17 -8.70
CA THR D 99 32.35 32.74 -8.48
C THR D 99 31.12 32.49 -7.63
N VAL D 100 30.12 31.82 -8.22
CA VAL D 100 28.87 31.49 -7.56
C VAL D 100 29.01 30.16 -6.85
N GLN D 101 28.48 30.08 -5.62
CA GLN D 101 28.44 28.89 -4.80
C GLN D 101 27.01 28.67 -4.37
N TYR D 102 26.37 27.69 -5.00
CA TYR D 102 24.98 27.29 -4.79
C TYR D 102 24.93 26.02 -3.95
N LEU D 103 23.95 25.95 -3.04
CA LEU D 103 23.71 24.79 -2.21
C LEU D 103 22.22 24.57 -2.01
N GLU D 104 21.76 23.34 -2.26
CA GLU D 104 20.38 22.96 -2.03
C GLU D 104 20.37 21.66 -1.31
N ARG D 105 19.28 21.42 -0.59
CA ARG D 105 19.05 20.13 0.04
C ARG D 105 17.86 19.51 -0.72
N PHE D 106 18.02 18.27 -1.15
CA PHE D 106 16.98 17.59 -1.91
C PHE D 106 16.70 16.21 -1.39
N SER D 107 15.52 15.69 -1.76
CA SER D 107 15.09 14.32 -1.51
C SER D 107 14.60 13.78 -2.88
N ALA D 108 14.87 12.51 -3.18
CA ALA D 108 14.49 11.91 -4.46
C ALA D 108 14.38 10.40 -4.37
N ARG D 109 13.52 9.77 -5.20
CA ARG D 109 13.40 8.31 -5.33
C ARG D 109 14.15 7.94 -6.60
N VAL D 110 15.27 7.22 -6.42
CA VAL D 110 16.21 6.85 -7.47
C VAL D 110 15.95 5.41 -7.97
N LEU D 111 15.95 5.23 -9.30
CA LEU D 111 15.79 3.97 -10.02
C LEU D 111 17.18 3.46 -10.31
N SER D 112 17.58 2.36 -9.70
CA SER D 112 18.88 1.80 -9.98
C SER D 112 18.79 0.28 -10.04
N PRO D 113 19.13 -0.35 -11.21
CA PRO D 113 19.01 -1.82 -11.34
C PRO D 113 19.98 -2.62 -10.49
N LEU D 114 19.51 -3.79 -10.04
CA LEU D 114 20.28 -4.67 -9.15
C LEU D 114 20.55 -6.02 -9.76
N ASP D 115 21.71 -6.61 -9.41
CA ASP D 115 22.10 -7.94 -9.86
C ASP D 115 21.84 -8.97 -8.76
N PHE D 116 20.78 -9.77 -8.94
CA PHE D 116 20.38 -10.75 -7.93
C PHE D 116 21.03 -12.12 -8.04
N ARG D 117 21.94 -12.33 -9.02
CA ARG D 117 22.67 -13.58 -9.26
C ARG D 117 23.23 -14.23 -8.00
N ARG D 118 23.87 -13.44 -7.11
CA ARG D 118 24.45 -13.97 -5.86
C ARG D 118 23.59 -13.80 -4.61
N TYR D 119 22.35 -13.30 -4.76
CA TYR D 119 21.43 -13.08 -3.63
C TYR D 119 21.29 -14.32 -2.75
N PRO D 120 21.32 -14.16 -1.40
CA PRO D 120 21.43 -12.91 -0.64
C PRO D 120 22.84 -12.57 -0.16
N PHE D 121 23.86 -13.09 -0.88
CA PHE D 121 25.28 -12.84 -0.59
C PHE D 121 25.80 -11.92 -1.69
N ASP D 122 24.99 -10.91 -1.99
CA ASP D 122 25.25 -9.98 -3.05
C ASP D 122 25.63 -8.57 -2.60
N SER D 123 26.26 -7.86 -3.54
CA SER D 123 26.74 -6.50 -3.42
C SER D 123 26.23 -5.75 -4.63
N GLN D 124 26.00 -4.46 -4.43
CA GLN D 124 25.44 -3.61 -5.48
C GLN D 124 26.18 -2.32 -5.57
N THR D 125 26.12 -1.72 -6.77
CA THR D 125 26.61 -0.36 -7.04
C THR D 125 25.37 0.42 -7.46
N LEU D 126 24.88 1.26 -6.56
CA LEU D 126 23.75 2.15 -6.83
C LEU D 126 24.29 3.41 -7.53
N HIS D 127 23.55 3.91 -8.54
CA HIS D 127 23.94 5.11 -9.30
C HIS D 127 22.99 6.27 -9.14
N ILE D 128 23.54 7.47 -9.13
CA ILE D 128 22.80 8.73 -9.14
C ILE D 128 23.43 9.48 -10.33
N TYR D 129 22.68 9.62 -11.42
CA TYR D 129 23.19 10.30 -12.62
C TYR D 129 22.76 11.74 -12.69
N LEU D 130 23.73 12.65 -12.61
CA LEU D 130 23.53 14.09 -12.70
C LEU D 130 23.66 14.52 -14.16
N ILE D 131 22.74 15.35 -14.67
CA ILE D 131 22.82 15.79 -16.07
C ILE D 131 22.52 17.32 -16.26
N VAL D 132 23.22 17.96 -17.20
CA VAL D 132 22.99 19.32 -17.63
C VAL D 132 22.90 19.32 -19.16
N ARG D 133 22.04 20.18 -19.74
CA ARG D 133 21.84 20.30 -21.20
C ARG D 133 22.45 21.61 -21.68
N SER D 134 23.10 21.61 -22.85
CA SER D 134 23.69 22.83 -23.39
C SER D 134 22.63 23.73 -24.03
N VAL D 135 22.99 25.01 -24.17
CA VAL D 135 22.11 26.04 -24.77
C VAL D 135 22.73 26.46 -26.09
N ASP D 136 21.96 27.18 -26.94
CA ASP D 136 22.50 27.64 -28.23
C ASP D 136 23.69 28.59 -27.98
N THR D 137 23.54 29.47 -26.98
CA THR D 137 24.55 30.45 -26.58
C THR D 137 25.82 29.70 -26.12
N ARG D 138 25.72 28.63 -25.29
CA ARG D 138 26.95 27.90 -24.97
C ARG D 138 26.79 26.48 -24.45
N ASN D 139 27.97 25.80 -24.41
CA ASN D 139 28.06 24.42 -23.95
CA ASN D 139 28.17 24.41 -23.98
C ASN D 139 28.40 24.36 -22.47
N ILE D 140 27.46 23.72 -21.73
CA ILE D 140 27.52 23.55 -20.27
C ILE D 140 28.01 22.14 -19.96
N VAL D 141 29.03 22.09 -19.12
CA VAL D 141 29.79 20.89 -18.78
C VAL D 141 29.84 20.67 -17.27
N LEU D 142 29.73 19.40 -16.85
CA LEU D 142 29.77 19.07 -15.43
C LEU D 142 31.14 18.61 -14.97
N ALA D 143 31.47 18.90 -13.70
CA ALA D 143 32.74 18.53 -13.08
C ALA D 143 32.46 18.10 -11.64
N VAL D 144 33.40 17.35 -11.05
CA VAL D 144 33.28 16.87 -9.67
C VAL D 144 34.26 17.63 -8.78
N ASP D 145 33.75 18.30 -7.72
CA ASP D 145 34.57 18.93 -6.68
C ASP D 145 34.64 17.86 -5.58
N LEU D 146 35.71 17.04 -5.59
CA LEU D 146 35.90 15.93 -4.65
C LEU D 146 35.83 16.31 -3.18
N GLU D 147 36.19 17.57 -2.86
CA GLU D 147 36.14 18.12 -1.51
C GLU D 147 34.68 18.31 -1.03
N LYS D 148 33.70 18.14 -1.96
CA LYS D 148 32.28 18.36 -1.67
C LYS D 148 31.41 17.12 -1.92
N VAL D 149 32.06 15.94 -2.07
CA VAL D 149 31.43 14.63 -2.25
C VAL D 149 31.68 13.83 -0.96
N GLY D 150 30.61 13.31 -0.38
CA GLY D 150 30.69 12.54 0.85
C GLY D 150 29.35 12.06 1.36
N LYS D 151 29.36 11.54 2.60
CA LYS D 151 28.18 11.03 3.28
C LYS D 151 28.33 11.19 4.79
N ASN D 152 27.20 11.32 5.48
CA ASN D 152 27.15 11.41 6.94
C ASN D 152 27.51 10.02 7.52
N ASP D 153 28.25 10.00 8.65
CA ASP D 153 28.71 8.78 9.37
C ASP D 153 27.52 7.92 9.82
N ASP D 154 26.42 8.57 10.23
CA ASP D 154 25.17 7.97 10.68
C ASP D 154 24.41 7.23 9.56
N VAL D 155 24.54 7.67 8.26
CA VAL D 155 23.87 7.10 7.07
C VAL D 155 23.83 5.58 7.16
N PHE D 156 22.60 5.06 7.36
CA PHE D 156 22.29 3.65 7.53
C PHE D 156 21.22 3.24 6.52
N LEU D 157 21.52 2.21 5.74
CA LEU D 157 20.56 1.65 4.80
C LEU D 157 20.22 0.30 5.43
N THR D 158 19.01 0.20 6.01
CA THR D 158 18.50 -1.00 6.69
C THR D 158 18.73 -2.25 5.85
N GLY D 159 19.47 -3.21 6.42
CA GLY D 159 19.83 -4.47 5.77
C GLY D 159 21.01 -4.42 4.84
N TRP D 160 21.73 -3.30 4.82
CA TRP D 160 22.89 -3.12 3.95
C TRP D 160 24.05 -2.47 4.67
N ASP D 161 25.24 -2.72 4.17
CA ASP D 161 26.48 -2.10 4.64
C ASP D 161 26.91 -1.12 3.54
N ILE D 162 27.12 0.15 3.89
CA ILE D 162 27.58 1.13 2.91
C ILE D 162 29.11 1.08 2.84
N GLU D 163 29.65 0.62 1.71
CA GLU D 163 31.09 0.50 1.48
C GLU D 163 31.75 1.84 1.11
N SER D 164 31.21 2.54 0.07
CA SER D 164 31.76 3.81 -0.42
C SER D 164 30.77 4.62 -1.24
N PHE D 165 30.96 5.96 -1.26
CA PHE D 165 30.19 6.87 -2.09
C PHE D 165 31.21 7.74 -2.80
N THR D 166 31.40 7.47 -4.10
CA THR D 166 32.36 8.20 -4.95
C THR D 166 31.71 8.64 -6.26
N ALA D 167 32.41 9.52 -7.02
CA ALA D 167 31.96 9.97 -8.34
C ALA D 167 33.01 9.67 -9.40
N VAL D 168 32.54 9.27 -10.60
CA VAL D 168 33.39 9.07 -11.79
C VAL D 168 33.57 10.51 -12.28
N VAL D 169 34.78 11.08 -12.08
CA VAL D 169 35.14 12.49 -12.32
C VAL D 169 35.01 12.97 -13.79
N LYS D 170 35.10 12.06 -14.77
CA LYS D 170 34.97 12.43 -16.18
C LYS D 170 33.52 12.31 -16.59
N PRO D 171 32.87 13.41 -17.03
CA PRO D 171 31.47 13.28 -17.46
C PRO D 171 31.33 12.64 -18.83
N ALA D 172 30.17 12.07 -19.10
CA ALA D 172 29.86 11.50 -20.41
C ALA D 172 29.18 12.60 -21.23
N ASN D 173 29.87 13.09 -22.29
CA ASN D 173 29.39 14.12 -23.21
C ASN D 173 28.83 13.50 -24.49
N PHE D 174 27.53 13.67 -24.72
CA PHE D 174 26.82 13.15 -25.88
C PHE D 174 25.68 14.08 -26.34
N ALA D 175 25.27 13.93 -27.61
CA ALA D 175 24.16 14.74 -28.14
C ALA D 175 22.86 14.01 -27.91
N LEU D 176 21.83 14.75 -27.49
CA LEU D 176 20.48 14.24 -27.26
C LEU D 176 19.51 15.33 -27.68
N GLU D 177 18.68 15.04 -28.71
CA GLU D 177 17.70 15.97 -29.29
C GLU D 177 18.37 17.27 -29.77
N ASP D 178 19.47 17.10 -30.53
CA ASP D 178 20.32 18.14 -31.14
C ASP D 178 20.92 19.17 -30.17
N ARG D 179 21.29 18.74 -28.98
CA ARG D 179 22.01 19.51 -27.98
C ARG D 179 22.87 18.57 -27.17
N LEU D 180 24.00 19.08 -26.76
CA LEU D 180 24.99 18.40 -25.98
C LEU D 180 24.46 18.24 -24.55
N GLU D 181 24.79 17.08 -23.91
CA GLU D 181 24.40 16.74 -22.53
C GLU D 181 25.64 16.25 -21.81
N SER D 182 25.88 16.76 -20.60
CA SER D 182 27.01 16.42 -19.75
C SER D 182 26.42 15.62 -18.60
N LYS D 183 26.82 14.34 -18.45
CA LYS D 183 26.30 13.40 -17.45
C LYS D 183 27.38 12.91 -16.48
N LEU D 184 27.12 13.01 -15.16
CA LEU D 184 28.03 12.53 -14.12
C LEU D 184 27.44 11.35 -13.38
N ASP D 185 28.30 10.38 -13.06
CA ASP D 185 27.93 9.16 -12.35
C ASP D 185 28.45 9.16 -10.91
N TYR D 186 27.49 9.29 -9.94
CA TYR D 186 27.76 9.19 -8.50
C TYR D 186 27.39 7.76 -8.10
N GLN D 187 28.39 6.99 -7.63
CA GLN D 187 28.24 5.57 -7.29
C GLN D 187 28.32 5.26 -5.80
N LEU D 188 27.25 4.64 -5.28
CA LEU D 188 27.16 4.18 -3.90
C LEU D 188 27.28 2.64 -3.82
N ARG D 189 28.44 2.16 -3.35
CA ARG D 189 28.72 0.73 -3.23
C ARG D 189 28.20 0.19 -1.92
N ILE D 190 27.33 -0.81 -2.01
CA ILE D 190 26.67 -1.41 -0.85
C ILE D 190 26.75 -2.94 -0.87
N SER D 191 26.75 -3.56 0.32
CA SER D 191 26.74 -5.04 0.41
C SER D 191 25.69 -5.47 1.40
N ARG D 192 24.93 -6.49 1.02
CA ARG D 192 23.83 -7.02 1.79
C ARG D 192 24.28 -7.66 3.10
N GLN D 193 23.49 -7.43 4.16
CA GLN D 193 23.70 -8.03 5.48
C GLN D 193 22.95 -9.37 5.42
N TYR D 194 23.68 -10.42 5.04
CA TYR D 194 23.14 -11.78 4.89
C TYR D 194 22.83 -12.52 6.20
N PHE D 195 23.33 -12.03 7.36
CA PHE D 195 23.15 -12.62 8.70
C PHE D 195 21.79 -13.33 8.87
N SER D 196 20.70 -12.55 8.91
CA SER D 196 19.32 -13.00 9.14
C SER D 196 18.86 -14.15 8.24
N TYR D 197 19.32 -14.20 6.99
CA TYR D 197 18.96 -15.28 6.06
C TYR D 197 19.34 -16.67 6.58
N ILE D 198 20.44 -16.76 7.33
CA ILE D 198 20.92 -18.02 7.89
C ILE D 198 19.91 -18.61 8.93
N PRO D 199 19.61 -17.95 10.09
CA PRO D 199 18.65 -18.56 11.03
C PRO D 199 17.19 -18.53 10.59
N ASN D 200 16.81 -17.59 9.74
CA ASN D 200 15.40 -17.42 9.36
C ASN D 200 14.95 -18.22 8.14
N ILE D 201 15.86 -18.50 7.18
CA ILE D 201 15.46 -19.21 5.96
C ILE D 201 16.31 -20.45 5.68
N ILE D 202 17.66 -20.30 5.62
CA ILE D 202 18.57 -21.40 5.29
C ILE D 202 18.45 -22.56 6.27
N LEU D 203 18.65 -22.31 7.59
CA LEU D 203 18.59 -23.38 8.59
C LEU D 203 17.20 -24.00 8.70
N PRO D 204 16.07 -23.25 8.72
CA PRO D 204 14.75 -23.92 8.71
C PRO D 204 14.56 -24.88 7.54
N MET D 205 14.97 -24.49 6.31
CA MET D 205 14.89 -25.33 5.11
C MET D 205 15.65 -26.64 5.30
N LEU D 206 16.88 -26.58 5.89
CA LEU D 206 17.68 -27.77 6.15
C LEU D 206 17.02 -28.68 7.15
N PHE D 207 16.52 -28.12 8.28
CA PHE D 207 15.84 -28.90 9.32
C PHE D 207 14.67 -29.68 8.76
N ILE D 208 13.80 -29.03 7.94
CA ILE D 208 12.65 -29.73 7.39
C ILE D 208 13.10 -30.80 6.37
N LEU D 209 14.21 -30.54 5.63
CA LEU D 209 14.77 -31.50 4.67
C LEU D 209 15.29 -32.77 5.40
N PHE D 210 16.00 -32.56 6.52
CA PHE D 210 16.51 -33.64 7.34
C PHE D 210 15.38 -34.45 7.96
N ILE D 211 14.25 -33.80 8.33
CA ILE D 211 13.05 -34.47 8.85
C ILE D 211 12.50 -35.41 7.75
N SER D 212 12.50 -34.95 6.46
CA SER D 212 12.05 -35.78 5.32
C SER D 212 12.94 -37.04 5.13
N TRP D 213 14.21 -36.93 5.53
CA TRP D 213 15.18 -37.98 5.41
C TRP D 213 15.03 -39.09 6.46
N THR D 214 14.26 -38.83 7.54
CA THR D 214 13.98 -39.86 8.56
C THR D 214 13.15 -41.02 7.93
N ALA D 215 12.51 -40.77 6.75
CA ALA D 215 11.75 -41.77 5.98
C ALA D 215 12.67 -42.92 5.49
N PHE D 216 13.99 -42.68 5.51
CA PHE D 216 14.98 -43.68 5.12
C PHE D 216 15.26 -44.66 6.26
N TRP D 217 14.64 -44.43 7.45
CA TRP D 217 14.77 -45.32 8.61
C TRP D 217 13.39 -45.86 8.97
N SER D 218 12.46 -45.89 8.01
CA SER D 218 11.08 -46.35 8.22
C SER D 218 10.63 -47.23 7.06
N THR D 219 9.84 -48.26 7.38
CA THR D 219 9.27 -49.20 6.41
C THR D 219 7.77 -48.91 6.21
N SER D 220 7.23 -47.96 7.01
CA SER D 220 5.83 -47.58 7.05
C SER D 220 5.49 -46.57 5.95
N TYR D 221 4.96 -47.04 4.80
CA TYR D 221 4.59 -46.20 3.65
C TYR D 221 3.71 -45.03 4.03
N GLU D 222 2.62 -45.29 4.77
CA GLU D 222 1.68 -44.25 5.21
C GLU D 222 2.41 -43.10 5.96
N ALA D 223 3.29 -43.46 6.90
CA ALA D 223 4.11 -42.53 7.69
C ALA D 223 5.09 -41.79 6.79
N ASN D 224 5.77 -42.52 5.89
CA ASN D 224 6.73 -41.98 4.93
C ASN D 224 6.10 -40.94 4.03
N VAL D 225 4.91 -41.25 3.48
CA VAL D 225 4.13 -40.38 2.62
C VAL D 225 3.82 -39.08 3.39
N THR D 226 3.36 -39.21 4.66
CA THR D 226 3.08 -38.09 5.56
C THR D 226 4.34 -37.21 5.74
N LEU D 227 5.49 -37.82 6.11
CA LEU D 227 6.76 -37.12 6.31
C LEU D 227 7.17 -36.31 5.10
N VAL D 228 7.29 -36.96 3.93
CA VAL D 228 7.78 -36.33 2.70
C VAL D 228 6.83 -35.24 2.16
N VAL D 229 5.54 -35.54 2.11
CA VAL D 229 4.53 -34.62 1.59
C VAL D 229 4.32 -33.41 2.52
N SER D 230 4.30 -33.62 3.86
CA SER D 230 4.13 -32.52 4.81
C SER D 230 5.33 -31.59 4.81
N THR D 231 6.57 -32.14 4.83
CA THR D 231 7.78 -31.32 4.77
C THR D 231 7.84 -30.58 3.44
N LEU D 232 7.35 -31.20 2.33
CA LEU D 232 7.29 -30.51 1.06
C LEU D 232 6.40 -29.28 1.14
N ILE D 233 5.24 -29.38 1.82
CA ILE D 233 4.36 -28.23 2.01
C ILE D 233 5.05 -27.09 2.81
N ALA D 234 5.79 -27.43 3.87
CA ALA D 234 6.56 -26.45 4.65
C ALA D 234 7.61 -25.77 3.77
N GLN D 235 8.32 -26.54 2.90
CA GLN D 235 9.31 -25.97 1.98
C GLN D 235 8.65 -24.98 1.04
N ILE D 236 7.48 -25.35 0.45
CA ILE D 236 6.78 -24.48 -0.47
C ILE D 236 6.48 -23.13 0.21
N ALA D 237 6.07 -23.14 1.49
CA ALA D 237 5.83 -21.91 2.25
C ALA D 237 7.09 -21.03 2.29
N PHE D 238 8.26 -21.63 2.56
CA PHE D 238 9.53 -20.90 2.57
C PHE D 238 9.91 -20.37 1.19
N ASN D 239 9.67 -21.15 0.12
CA ASN D 239 9.93 -20.76 -1.27
C ASN D 239 9.10 -19.53 -1.63
N ILE D 240 7.78 -19.56 -1.34
CA ILE D 240 6.87 -18.45 -1.59
C ILE D 240 7.38 -17.23 -0.83
N LEU D 241 7.68 -17.40 0.47
CA LEU D 241 8.17 -16.34 1.37
C LEU D 241 9.38 -15.64 0.79
N VAL D 242 10.33 -16.42 0.32
CA VAL D 242 11.57 -15.92 -0.27
C VAL D 242 11.37 -15.17 -1.59
N GLU D 243 10.70 -15.83 -2.58
CA GLU D 243 10.48 -15.31 -3.93
CA GLU D 243 10.56 -15.26 -3.92
C GLU D 243 9.64 -14.05 -3.96
N THR D 244 8.79 -13.84 -2.92
CA THR D 244 7.94 -12.61 -2.86
C THR D 244 8.80 -11.35 -2.64
N ASN D 245 9.97 -11.50 -1.98
CA ASN D 245 10.96 -10.45 -1.69
C ASN D 245 11.97 -10.21 -2.88
N LEU D 246 11.75 -10.87 -4.02
CA LEU D 246 12.61 -10.74 -5.19
C LEU D 246 11.83 -10.38 -6.44
N PRO D 247 12.40 -9.60 -7.38
CA PRO D 247 11.70 -9.41 -8.66
C PRO D 247 11.94 -10.63 -9.58
N LYS D 248 11.14 -10.75 -10.65
CA LYS D 248 11.27 -11.82 -11.63
C LYS D 248 12.45 -11.48 -12.56
N THR D 249 13.54 -12.25 -12.42
CA THR D 249 14.78 -12.06 -13.19
C THR D 249 14.89 -12.97 -14.43
N PRO D 250 15.44 -12.47 -15.56
CA PRO D 250 15.61 -13.35 -16.74
C PRO D 250 16.87 -14.24 -16.65
N TYR D 251 17.33 -14.49 -15.42
CA TYR D 251 18.50 -15.31 -15.13
C TYR D 251 18.27 -16.05 -13.83
N MET D 252 19.04 -17.12 -13.63
CA MET D 252 18.98 -17.91 -12.42
C MET D 252 19.77 -17.20 -11.33
N THR D 253 19.19 -17.15 -10.12
CA THR D 253 19.81 -16.58 -8.92
C THR D 253 20.31 -17.74 -8.07
N TYR D 254 21.23 -17.47 -7.15
CA TYR D 254 21.78 -18.50 -6.28
C TYR D 254 20.69 -19.21 -5.44
N THR D 255 19.82 -18.42 -4.82
CA THR D 255 18.67 -18.86 -4.04
C THR D 255 17.69 -19.69 -4.90
N GLY D 256 17.42 -19.21 -6.11
CA GLY D 256 16.52 -19.87 -7.04
C GLY D 256 16.97 -21.26 -7.42
N ALA D 257 18.31 -21.40 -7.66
CA ALA D 257 19.00 -22.65 -8.01
C ALA D 257 18.85 -23.64 -6.86
N ILE D 258 19.10 -23.17 -5.61
CA ILE D 258 18.96 -23.95 -4.37
C ILE D 258 17.55 -24.44 -4.20
N ILE D 259 16.56 -23.58 -4.38
CA ILE D 259 15.14 -23.88 -4.26
C ILE D 259 14.75 -24.95 -5.27
N PHE D 260 15.27 -24.85 -6.51
CA PHE D 260 15.01 -25.79 -7.57
C PHE D 260 15.60 -27.16 -7.24
N MET D 261 16.83 -27.16 -6.75
CA MET D 261 17.57 -28.34 -6.35
C MET D 261 16.82 -29.08 -5.22
N ILE D 262 16.31 -28.34 -4.22
CA ILE D 262 15.55 -28.93 -3.11
C ILE D 262 14.30 -29.64 -3.64
N TYR D 263 13.58 -29.05 -4.63
CA TYR D 263 12.42 -29.69 -5.26
C TYR D 263 12.77 -31.06 -5.83
N LEU D 264 13.95 -31.16 -6.52
CA LEU D 264 14.43 -32.41 -7.10
C LEU D 264 14.64 -33.45 -6.03
N PHE D 265 15.30 -33.07 -4.94
CA PHE D 265 15.55 -33.93 -3.80
C PHE D 265 14.26 -34.45 -3.18
N TYR D 266 13.21 -33.60 -3.07
CA TYR D 266 11.91 -34.03 -2.56
C TYR D 266 11.28 -35.02 -3.53
N PHE D 267 11.40 -34.75 -4.84
CA PHE D 267 10.86 -35.59 -5.90
C PHE D 267 11.50 -36.99 -5.87
N VAL D 268 12.85 -37.04 -5.79
CA VAL D 268 13.62 -38.27 -5.73
C VAL D 268 13.29 -39.07 -4.45
N ALA D 269 13.10 -38.40 -3.29
CA ALA D 269 12.73 -39.09 -2.05
C ALA D 269 11.34 -39.73 -2.14
N VAL D 270 10.40 -39.13 -2.91
CA VAL D 270 9.08 -39.72 -3.16
C VAL D 270 9.26 -40.99 -4.01
N ILE D 271 10.16 -40.93 -5.02
CA ILE D 271 10.46 -42.10 -5.85
C ILE D 271 10.96 -43.21 -4.96
N GLU D 272 12.00 -42.93 -4.12
CA GLU D 272 12.54 -43.90 -3.19
C GLU D 272 11.43 -44.51 -2.33
N VAL D 273 10.67 -43.68 -1.59
CA VAL D 273 9.55 -44.09 -0.73
C VAL D 273 8.54 -45.00 -1.49
N THR D 274 8.19 -44.62 -2.75
CA THR D 274 7.27 -45.37 -3.62
C THR D 274 7.86 -46.75 -4.00
N VAL D 275 9.14 -46.77 -4.46
CA VAL D 275 9.90 -47.96 -4.91
C VAL D 275 9.99 -48.95 -3.76
N GLN D 276 10.47 -48.49 -2.60
CA GLN D 276 10.60 -49.30 -1.38
C GLN D 276 9.27 -50.01 -1.06
N HIS D 277 8.15 -49.28 -1.04
CA HIS D 277 6.83 -49.84 -0.77
C HIS D 277 6.39 -50.86 -1.81
N TYR D 278 6.59 -50.55 -3.12
CA TYR D 278 6.26 -51.45 -4.23
C TYR D 278 6.95 -52.83 -4.07
N LEU D 279 8.25 -52.83 -3.68
CA LEU D 279 9.04 -54.03 -3.46
C LEU D 279 8.54 -54.85 -2.27
N LYS D 280 8.21 -54.19 -1.14
CA LYS D 280 7.69 -54.85 0.05
CA LYS D 280 7.67 -54.79 0.07
C LYS D 280 6.37 -55.54 -0.27
N VAL D 281 5.52 -54.92 -1.10
CA VAL D 281 4.25 -55.51 -1.52
C VAL D 281 4.50 -56.73 -2.47
N GLU D 282 5.51 -56.62 -3.37
CA GLU D 282 5.94 -57.65 -4.33
C GLU D 282 6.73 -58.78 -3.62
N SER D 283 6.78 -58.75 -2.28
CA SER D 283 7.48 -59.70 -1.41
C SER D 283 8.98 -59.75 -1.71
N GLN D 284 9.57 -58.55 -1.90
CA GLN D 284 11.00 -58.36 -2.10
C GLN D 284 11.59 -57.38 -1.05
N PRO D 285 11.37 -57.57 0.29
CA PRO D 285 11.89 -56.61 1.27
C PRO D 285 13.41 -56.50 1.35
N ALA D 286 14.11 -57.54 0.92
CA ALA D 286 15.56 -57.59 0.92
C ALA D 286 16.10 -56.57 -0.07
N ARG D 287 15.47 -56.44 -1.27
CA ARG D 287 15.88 -55.49 -2.31
C ARG D 287 15.58 -54.06 -1.87
N ALA D 288 14.38 -53.83 -1.28
CA ALA D 288 13.97 -52.54 -0.76
C ALA D 288 14.94 -52.10 0.33
N ALA D 289 15.29 -52.99 1.27
CA ALA D 289 16.24 -52.72 2.37
C ALA D 289 17.60 -52.24 1.86
N SER D 290 18.05 -52.74 0.68
CA SER D 290 19.33 -52.36 0.06
C SER D 290 19.26 -50.92 -0.44
N ILE D 291 18.14 -50.56 -1.08
CA ILE D 291 17.90 -49.22 -1.62
C ILE D 291 17.84 -48.20 -0.46
N THR D 292 17.03 -48.49 0.58
CA THR D 292 16.86 -47.62 1.75
C THR D 292 18.19 -47.38 2.49
N ARG D 293 19.03 -48.41 2.63
CA ARG D 293 20.33 -48.31 3.30
C ARG D 293 21.27 -47.43 2.49
N ALA D 294 21.21 -47.54 1.15
CA ALA D 294 21.99 -46.73 0.22
C ALA D 294 21.54 -45.27 0.29
N SER D 295 20.20 -45.04 0.28
CA SER D 295 19.59 -43.71 0.34
C SER D 295 20.05 -42.92 1.56
N ARG D 296 20.23 -43.61 2.71
CA ARG D 296 20.70 -43.03 3.97
C ARG D 296 22.02 -42.28 3.83
N ILE D 297 22.92 -42.76 2.94
CA ILE D 297 24.21 -42.13 2.66
C ILE D 297 24.12 -41.26 1.39
N ALA D 298 23.55 -41.82 0.29
CA ALA D 298 23.45 -41.15 -1.01
C ALA D 298 22.84 -39.74 -0.95
N PHE D 299 21.64 -39.61 -0.32
CA PHE D 299 20.94 -38.32 -0.19
C PHE D 299 21.81 -37.23 0.49
N PRO D 300 22.35 -37.41 1.73
CA PRO D 300 23.21 -36.34 2.28
C PRO D 300 24.49 -36.04 1.45
N VAL D 301 25.13 -37.08 0.89
CA VAL D 301 26.35 -36.95 0.09
C VAL D 301 26.10 -36.16 -1.20
N VAL D 302 25.05 -36.53 -1.95
CA VAL D 302 24.69 -35.82 -3.18
C VAL D 302 24.21 -34.41 -2.85
N PHE D 303 23.53 -34.22 -1.70
CA PHE D 303 23.08 -32.90 -1.29
C PHE D 303 24.26 -31.97 -1.05
N LEU D 304 25.27 -32.47 -0.33
CA LEU D 304 26.48 -31.74 -0.01
C LEU D 304 27.30 -31.43 -1.27
N LEU D 305 27.49 -32.42 -2.15
CA LEU D 305 28.24 -32.22 -3.39
C LEU D 305 27.55 -31.23 -4.35
N ALA D 306 26.23 -31.39 -4.57
CA ALA D 306 25.43 -30.49 -5.42
C ALA D 306 25.57 -29.03 -4.94
N ASN D 307 25.53 -28.82 -3.61
CA ASN D 307 25.68 -27.50 -3.01
C ASN D 307 27.06 -26.91 -3.24
N ILE D 308 28.13 -27.73 -3.13
CA ILE D 308 29.51 -27.30 -3.38
C ILE D 308 29.59 -26.86 -4.86
N ILE D 309 29.06 -27.68 -5.79
CA ILE D 309 29.02 -27.37 -7.23
C ILE D 309 28.31 -26.05 -7.48
N LEU D 310 27.11 -25.85 -6.86
CA LEU D 310 26.33 -24.61 -7.00
C LEU D 310 27.08 -23.39 -6.52
N ALA D 311 27.63 -23.46 -5.28
CA ALA D 311 28.41 -22.38 -4.67
C ALA D 311 29.62 -22.05 -5.53
N PHE D 312 30.22 -23.07 -6.16
CA PHE D 312 31.35 -22.87 -7.04
C PHE D 312 30.94 -22.07 -8.27
N LEU D 313 29.83 -22.46 -8.94
CA LEU D 313 29.33 -21.78 -10.14
C LEU D 313 28.92 -20.35 -9.89
N PHE D 314 28.31 -20.07 -8.72
CA PHE D 314 27.86 -18.72 -8.43
C PHE D 314 28.91 -17.82 -7.79
N PHE D 315 29.88 -18.42 -7.03
CA PHE D 315 30.94 -17.66 -6.31
C PHE D 315 32.37 -18.08 -6.61
N VAL E 5 16.27 40.33 2.80
CA VAL E 5 16.72 40.55 4.19
C VAL E 5 17.97 39.71 4.49
N SER E 6 18.90 40.29 5.26
CA SER E 6 20.16 39.68 5.69
C SER E 6 20.08 39.33 7.19
N PRO E 7 21.01 38.52 7.76
CA PRO E 7 20.91 38.19 9.20
C PRO E 7 21.24 39.36 10.13
N PRO E 8 20.82 39.33 11.44
CA PRO E 8 21.15 40.44 12.34
C PRO E 8 22.64 40.64 12.50
N PRO E 9 23.14 41.90 12.51
CA PRO E 9 24.58 42.11 12.66
C PRO E 9 25.04 41.97 14.12
N PRO E 10 26.24 41.40 14.39
CA PRO E 10 26.68 41.25 15.78
C PRO E 10 27.18 42.54 16.41
N ILE E 11 27.01 42.66 17.74
CA ILE E 11 27.49 43.82 18.51
C ILE E 11 29.02 43.79 18.56
N ALA E 12 29.57 42.58 18.85
CA ALA E 12 30.98 42.22 18.87
C ALA E 12 31.06 41.04 17.88
N ASP E 13 31.96 40.06 18.07
CA ASP E 13 32.09 38.90 17.17
C ASP E 13 31.36 37.62 17.68
N GLU E 14 30.31 37.80 18.50
CA GLU E 14 29.54 36.68 19.07
C GLU E 14 28.65 35.94 18.05
N PRO E 15 28.38 34.62 18.22
CA PRO E 15 27.46 33.95 17.28
C PRO E 15 26.02 34.27 17.62
N LEU E 16 25.13 34.20 16.62
CA LEU E 16 23.72 34.44 16.87
C LEU E 16 23.09 33.15 17.45
N THR E 17 22.50 33.25 18.67
CA THR E 17 21.84 32.16 19.38
C THR E 17 20.36 32.06 19.01
N VAL E 18 19.93 30.88 18.56
CA VAL E 18 18.53 30.63 18.25
C VAL E 18 18.01 29.67 19.30
N ASN E 19 17.12 30.15 20.16
CA ASN E 19 16.52 29.33 21.19
C ASN E 19 15.39 28.55 20.54
N THR E 20 15.39 27.22 20.74
CA THR E 20 14.42 26.33 20.13
C THR E 20 13.57 25.59 21.16
N GLY E 21 12.47 25.03 20.69
CA GLY E 21 11.54 24.24 21.48
C GLY E 21 10.60 23.45 20.61
N ILE E 22 10.28 22.22 21.01
CA ILE E 22 9.36 21.37 20.28
C ILE E 22 8.32 20.93 21.25
N TYR E 23 7.05 21.15 20.93
CA TYR E 23 5.94 20.72 21.77
C TYR E 23 5.15 19.72 20.92
N LEU E 24 5.17 18.43 21.32
CA LEU E 24 4.47 17.39 20.59
C LEU E 24 2.99 17.42 20.79
N ILE E 25 2.26 17.50 19.67
CA ILE E 25 0.79 17.48 19.66
C ILE E 25 0.33 16.04 19.41
N GLU E 26 0.91 15.37 18.38
CA GLU E 26 0.56 13.99 18.03
CA GLU E 26 0.57 13.98 18.02
C GLU E 26 1.80 13.17 17.65
N CYS E 27 1.74 11.86 17.92
CA CYS E 27 2.71 10.81 17.60
C CYS E 27 1.88 9.68 17.08
N TYR E 28 2.21 9.25 15.88
CA TYR E 28 1.46 8.18 15.25
C TYR E 28 2.39 7.43 14.32
N SER E 29 1.87 6.34 13.74
CA SER E 29 2.51 5.48 12.75
C SER E 29 3.99 5.14 13.04
N LEU E 30 4.26 4.47 14.18
CA LEU E 30 5.61 3.98 14.42
C LEU E 30 5.71 2.65 13.67
N ASP E 31 6.35 2.70 12.49
CA ASP E 31 6.60 1.58 11.59
C ASP E 31 7.94 0.95 11.99
N ASP E 32 7.90 -0.27 12.54
CA ASP E 32 9.10 -1.01 12.99
C ASP E 32 9.97 -1.47 11.83
N LYS E 33 9.32 -2.02 10.79
CA LYS E 33 10.00 -2.50 9.60
C LYS E 33 10.70 -1.34 8.89
N ALA E 34 10.03 -0.18 8.78
CA ALA E 34 10.56 1.02 8.13
C ALA E 34 11.44 1.87 9.01
N GLU E 35 11.40 1.66 10.34
CA GLU E 35 12.12 2.41 11.37
C GLU E 35 11.80 3.93 11.29
N THR E 36 10.50 4.24 11.05
CA THR E 36 9.98 5.61 10.94
C THR E 36 8.78 5.82 11.88
N PHE E 37 8.50 7.10 12.17
CA PHE E 37 7.35 7.55 12.95
C PHE E 37 6.89 8.94 12.46
N LYS E 38 5.60 9.24 12.62
CA LYS E 38 5.06 10.54 12.22
C LYS E 38 4.80 11.38 13.45
N VAL E 39 5.02 12.64 13.30
CA VAL E 39 4.92 13.61 14.37
C VAL E 39 4.20 14.85 13.88
N ASN E 40 3.35 15.40 14.73
CA ASN E 40 2.65 16.68 14.51
C ASN E 40 2.99 17.50 15.74
N ALA E 41 3.72 18.60 15.55
CA ALA E 41 4.24 19.38 16.69
C ALA E 41 4.29 20.86 16.44
N PHE E 42 4.62 21.62 17.51
CA PHE E 42 4.90 23.04 17.44
C PHE E 42 6.41 23.19 17.46
N LEU E 43 6.95 24.04 16.58
CA LEU E 43 8.37 24.36 16.62
C LEU E 43 8.41 25.82 16.98
N SER E 44 9.05 26.12 18.10
CA SER E 44 9.18 27.47 18.59
C SER E 44 10.64 27.91 18.44
N LEU E 45 10.85 29.13 17.91
CA LEU E 45 12.17 29.72 17.70
C LEU E 45 12.20 31.12 18.31
N SER E 46 13.37 31.52 18.82
CA SER E 46 13.57 32.84 19.41
C SER E 46 15.01 33.31 19.28
N TRP E 47 15.20 34.55 18.83
CA TRP E 47 16.50 35.17 18.62
C TRP E 47 16.31 36.69 18.70
N LYS E 48 17.41 37.43 18.92
CA LYS E 48 17.40 38.89 18.97
C LYS E 48 17.83 39.51 17.63
N ASP E 49 17.05 40.48 17.13
CA ASP E 49 17.34 41.27 15.94
C ASP E 49 17.24 42.75 16.34
N ARG E 50 18.38 43.40 16.66
CA ARG E 50 18.44 44.80 17.10
C ARG E 50 17.81 45.79 16.12
N ARG E 51 17.84 45.48 14.81
CA ARG E 51 17.22 46.25 13.74
C ARG E 51 15.69 46.36 13.93
N LEU E 52 15.09 45.40 14.64
CA LEU E 52 13.65 45.34 14.90
C LEU E 52 13.22 45.99 16.24
N ALA E 53 14.18 46.53 17.01
CA ALA E 53 13.94 47.20 18.29
C ALA E 53 13.11 48.48 18.13
N PHE E 54 12.36 48.85 19.19
CA PHE E 54 11.48 50.03 19.22
C PHE E 54 11.23 50.53 20.66
N ASP E 55 10.67 51.75 20.79
CA ASP E 55 10.34 52.34 22.07
C ASP E 55 8.87 52.01 22.40
N PRO E 56 8.58 51.33 23.53
CA PRO E 56 7.18 50.97 23.83
C PRO E 56 6.31 52.14 24.29
N VAL E 57 6.94 53.25 24.72
CA VAL E 57 6.29 54.48 25.17
C VAL E 57 5.78 55.26 23.95
N ARG E 58 6.69 55.52 22.99
CA ARG E 58 6.44 56.23 21.73
C ARG E 58 5.52 55.44 20.78
N SER E 59 5.79 54.13 20.59
CA SER E 59 5.02 53.25 19.70
C SER E 59 3.62 52.91 20.23
N GLY E 60 3.40 53.09 21.54
CA GLY E 60 2.13 52.80 22.20
C GLY E 60 1.81 51.32 22.35
N VAL E 61 2.52 50.49 21.57
CA VAL E 61 2.40 49.03 21.54
C VAL E 61 3.54 48.37 22.34
N ARG E 62 3.23 47.26 23.01
CA ARG E 62 4.18 46.48 23.80
C ARG E 62 4.84 45.40 22.93
N VAL E 63 4.15 44.96 21.86
CA VAL E 63 4.58 43.90 20.95
C VAL E 63 4.19 44.25 19.50
N LYS E 64 5.07 43.93 18.54
CA LYS E 64 4.81 44.08 17.11
C LYS E 64 4.68 42.69 16.45
N THR E 65 3.67 42.52 15.59
CA THR E 65 3.44 41.27 14.84
C THR E 65 3.97 41.46 13.42
N TYR E 66 4.61 40.44 12.85
CA TYR E 66 5.15 40.50 11.50
C TYR E 66 4.74 39.30 10.66
N GLU E 67 4.92 39.43 9.34
CA GLU E 67 4.68 38.35 8.39
C GLU E 67 6.05 37.75 8.08
N PRO E 68 6.19 36.41 7.90
CA PRO E 68 7.53 35.82 7.70
C PRO E 68 8.41 36.52 6.65
N GLU E 69 7.80 36.92 5.53
CA GLU E 69 8.42 37.62 4.40
C GLU E 69 8.97 39.00 4.78
N ALA E 70 8.34 39.66 5.77
CA ALA E 70 8.73 41.00 6.23
C ALA E 70 10.08 41.05 6.96
N ILE E 71 10.47 39.97 7.67
CA ILE E 71 11.72 39.97 8.45
C ILE E 71 12.63 38.77 8.14
N TRP E 72 13.86 38.80 8.70
CA TRP E 72 14.82 37.71 8.56
C TRP E 72 14.46 36.62 9.56
N ILE E 73 14.40 35.37 9.07
CA ILE E 73 14.11 34.17 9.86
C ILE E 73 15.21 33.13 9.59
N PRO E 74 15.78 32.49 10.64
CA PRO E 74 16.84 31.49 10.40
C PRO E 74 16.30 30.22 9.73
N GLU E 75 17.06 29.69 8.77
CA GLU E 75 16.68 28.46 8.07
C GLU E 75 17.05 27.26 8.95
N ILE E 76 16.06 26.78 9.71
CA ILE E 76 16.15 25.63 10.61
C ILE E 76 15.55 24.43 9.88
N ARG E 77 16.31 23.33 9.78
CA ARG E 77 15.86 22.10 9.14
C ARG E 77 15.99 20.90 10.09
N PHE E 78 15.32 19.79 9.74
CA PHE E 78 15.46 18.55 10.48
C PHE E 78 16.44 17.68 9.70
N VAL E 79 17.36 17.02 10.42
CA VAL E 79 18.34 16.13 9.80
C VAL E 79 17.67 14.83 9.33
N ASN E 80 17.01 14.12 10.25
CA ASN E 80 16.46 12.79 10.01
C ASN E 80 14.98 12.74 9.56
N VAL E 81 14.64 13.54 8.55
CA VAL E 81 13.29 13.51 7.97
C VAL E 81 13.35 12.84 6.59
N GLU E 82 12.21 12.25 6.17
CA GLU E 82 12.08 11.64 4.85
C GLU E 82 12.13 12.82 3.82
N ASN E 83 11.10 13.66 3.89
CA ASN E 83 10.99 14.86 3.09
C ASN E 83 10.94 16.04 4.05
N ALA E 84 11.25 17.23 3.58
CA ALA E 84 11.19 18.44 4.40
C ALA E 84 9.79 18.57 5.02
N ARG E 85 9.72 19.04 6.28
CA ARG E 85 8.48 19.23 7.03
C ARG E 85 7.44 20.13 6.34
N ASP E 86 6.17 19.84 6.61
CA ASP E 86 4.98 20.54 6.15
C ASP E 86 4.73 21.49 7.31
N ALA E 87 5.03 22.80 7.14
CA ALA E 87 4.89 23.78 8.21
C ALA E 87 3.95 24.96 7.90
N ASP E 88 3.31 25.47 8.96
CA ASP E 88 2.36 26.57 8.92
C ASP E 88 2.73 27.53 10.06
N VAL E 89 3.13 28.77 9.71
CA VAL E 89 3.52 29.77 10.71
C VAL E 89 2.26 30.16 11.49
N VAL E 90 2.32 30.04 12.82
CA VAL E 90 1.22 30.37 13.72
C VAL E 90 1.35 31.85 14.11
N ASP E 91 2.56 32.30 14.53
CA ASP E 91 2.79 33.67 14.97
C ASP E 91 4.25 34.08 14.96
N ILE E 92 4.51 35.37 14.69
CA ILE E 92 5.82 36.05 14.77
C ILE E 92 5.57 37.32 15.58
N SER E 93 6.27 37.47 16.71
CA SER E 93 6.12 38.58 17.64
C SER E 93 7.46 39.17 18.07
N VAL E 94 7.58 40.51 17.97
CA VAL E 94 8.80 41.24 18.34
C VAL E 94 8.56 42.10 19.58
N SER E 95 9.48 42.02 20.55
CA SER E 95 9.43 42.78 21.79
C SER E 95 10.26 44.08 21.60
N PRO E 96 10.10 45.14 22.47
CA PRO E 96 10.83 46.39 22.26
C PRO E 96 12.34 46.28 22.04
N ASP E 97 13.02 45.34 22.73
CA ASP E 97 14.48 45.15 22.56
C ASP E 97 14.85 44.42 21.26
N GLY E 98 13.84 43.98 20.50
CA GLY E 98 14.04 43.29 19.23
C GLY E 98 14.14 41.79 19.36
N THR E 99 13.61 41.24 20.47
CA THR E 99 13.57 39.79 20.68
C THR E 99 12.41 39.23 19.88
N VAL E 100 12.73 38.41 18.88
CA VAL E 100 11.75 37.78 17.99
C VAL E 100 11.30 36.46 18.59
N GLN E 101 9.99 36.20 18.56
CA GLN E 101 9.37 34.96 19.02
C GLN E 101 8.53 34.39 17.88
N TYR E 102 9.08 33.36 17.24
CA TYR E 102 8.48 32.65 16.11
C TYR E 102 7.85 31.33 16.57
N LEU E 103 6.71 30.97 16.00
CA LEU E 103 6.02 29.70 16.30
C LEU E 103 5.35 29.18 15.05
N GLU E 104 5.60 27.91 14.74
CA GLU E 104 5.02 27.21 13.60
C GLU E 104 4.51 25.89 14.04
N ARG E 105 3.51 25.37 13.34
CA ARG E 105 3.02 24.02 13.57
C ARG E 105 3.44 23.22 12.37
N PHE E 106 4.09 22.08 12.60
CA PHE E 106 4.55 21.25 11.51
C PHE E 106 4.13 19.80 11.67
N SER E 107 4.24 19.04 10.58
CA SER E 107 4.06 17.59 10.51
C SER E 107 5.26 17.02 9.70
N ALA E 108 5.82 15.89 10.13
CA ALA E 108 6.99 15.29 9.50
C ALA E 108 7.07 13.79 9.73
N ARG E 109 7.70 13.05 8.80
CA ARG E 109 7.97 11.63 8.92
C ARG E 109 9.46 11.53 9.26
N VAL E 110 9.74 11.07 10.47
CA VAL E 110 11.07 10.98 11.07
C VAL E 110 11.66 9.57 10.92
N LEU E 111 12.95 9.49 10.52
CA LEU E 111 13.75 8.27 10.35
C LEU E 111 14.54 8.11 11.61
N SER E 112 14.25 7.09 12.40
CA SER E 112 15.01 6.87 13.62
C SER E 112 15.24 5.36 13.81
N PRO E 113 16.53 4.92 13.83
CA PRO E 113 16.83 3.47 13.99
C PRO E 113 16.43 2.87 15.34
N LEU E 114 16.00 1.60 15.30
CA LEU E 114 15.53 0.88 16.48
C LEU E 114 16.39 -0.32 16.82
N ASP E 115 16.51 -0.65 18.13
CA ASP E 115 17.26 -1.81 18.61
C ASP E 115 16.30 -2.95 18.95
N PHE E 116 16.23 -3.96 18.07
CA PHE E 116 15.29 -5.07 18.24
C PHE E 116 15.80 -6.25 19.07
N ARG E 117 17.03 -6.17 19.64
CA ARG E 117 17.64 -7.21 20.47
C ARG E 117 16.70 -7.78 21.54
N ARG E 118 15.95 -6.92 22.26
CA ARG E 118 15.04 -7.37 23.33
C ARG E 118 13.58 -7.52 22.91
N TYR E 119 13.27 -7.37 21.61
CA TYR E 119 11.89 -7.44 21.09
C TYR E 119 11.15 -8.73 21.53
N PRO E 120 9.87 -8.66 22.04
CA PRO E 120 8.98 -7.50 22.18
C PRO E 120 8.99 -6.81 23.55
N PHE E 121 10.04 -7.07 24.36
CA PHE E 121 10.16 -6.46 25.69
C PHE E 121 11.24 -5.36 25.59
N ASP E 122 11.19 -4.61 24.48
CA ASP E 122 12.15 -3.58 24.15
C ASP E 122 11.64 -2.17 24.40
N SER E 123 12.61 -1.27 24.51
CA SER E 123 12.44 0.14 24.74
C SER E 123 13.29 0.86 23.71
N GLN E 124 12.84 2.05 23.30
CA GLN E 124 13.53 2.81 22.28
C GLN E 124 13.68 4.25 22.68
N THR E 125 14.70 4.89 22.12
CA THR E 125 14.93 6.34 22.21
C THR E 125 14.85 6.84 20.78
N LEU E 126 13.73 7.48 20.45
CA LEU E 126 13.50 8.10 19.15
C LEU E 126 14.17 9.48 19.16
N HIS E 127 14.80 9.88 18.04
CA HIS E 127 15.46 11.18 17.93
C HIS E 127 14.86 12.07 16.85
N ILE E 128 14.87 13.37 17.12
CA ILE E 128 14.48 14.44 16.20
C ILE E 128 15.68 15.38 16.23
N TYR E 129 16.44 15.43 15.13
CA TYR E 129 17.63 16.28 15.08
C TYR E 129 17.37 17.60 14.38
N LEU E 130 17.48 18.70 15.13
CA LEU E 130 17.29 20.06 14.63
C LEU E 130 18.64 20.59 14.19
N ILE E 131 18.71 21.24 13.01
CA ILE E 131 19.97 21.77 12.51
C ILE E 131 19.85 23.18 11.89
N VAL E 132 20.91 23.97 12.04
CA VAL E 132 21.03 25.29 11.44
C VAL E 132 22.39 25.41 10.75
N ARG E 133 22.43 26.01 9.55
CA ARG E 133 23.69 26.22 8.85
C ARG E 133 24.08 27.70 8.94
N SER E 134 25.33 27.97 9.35
CA SER E 134 25.89 29.31 9.47
C SER E 134 25.94 29.99 8.11
N VAL E 135 25.65 31.29 8.10
CA VAL E 135 25.71 32.13 6.89
C VAL E 135 27.14 32.72 6.77
N ASP E 136 27.49 33.28 5.60
CA ASP E 136 28.84 33.85 5.42
C ASP E 136 29.10 35.08 6.30
N THR E 137 28.04 35.84 6.60
CA THR E 137 28.09 37.05 7.42
C THR E 137 28.41 36.67 8.89
N ARG E 138 27.65 35.72 9.50
CA ARG E 138 27.94 35.29 10.87
C ARG E 138 27.51 33.86 11.18
N ASN E 139 27.99 33.35 12.30
CA ASN E 139 27.71 32.01 12.79
C ASN E 139 26.43 31.95 13.60
N ILE E 140 25.61 30.93 13.33
CA ILE E 140 24.37 30.68 14.05
C ILE E 140 24.54 29.44 14.91
N VAL E 141 24.10 29.54 16.17
CA VAL E 141 24.17 28.48 17.18
C VAL E 141 22.78 28.19 17.77
N LEU E 142 22.45 26.91 17.97
CA LEU E 142 21.16 26.52 18.54
C LEU E 142 21.22 26.38 20.06
N ALA E 143 20.08 26.59 20.72
CA ALA E 143 19.91 26.48 22.16
C ALA E 143 18.54 25.91 22.46
N VAL E 144 18.36 25.37 23.68
CA VAL E 144 17.09 24.79 24.10
C VAL E 144 16.44 25.68 25.15
N ASP E 145 15.20 26.15 24.89
CA ASP E 145 14.38 26.88 25.86
C ASP E 145 13.50 25.79 26.47
N LEU E 146 13.93 25.24 27.62
CA LEU E 146 13.25 24.13 28.32
C LEU E 146 11.79 24.43 28.66
N GLU E 147 11.44 25.71 28.83
CA GLU E 147 10.09 26.17 29.13
C GLU E 147 9.17 25.98 27.88
N LYS E 148 9.76 25.64 26.72
CA LYS E 148 9.04 25.48 25.47
C LYS E 148 9.19 24.08 24.83
N VAL E 149 9.70 23.11 25.61
CA VAL E 149 9.85 21.70 25.24
C VAL E 149 8.81 20.91 26.06
N GLY E 150 8.03 20.07 25.39
CA GLY E 150 7.01 19.27 26.03
C GLY E 150 6.18 18.44 25.06
N LYS E 151 5.09 17.86 25.58
CA LYS E 151 4.15 17.02 24.83
CA LYS E 151 4.14 17.03 24.83
C LYS E 151 2.74 17.10 25.43
N ASN E 152 1.72 16.91 24.59
CA ASN E 152 0.33 16.91 25.01
C ASN E 152 0.06 15.62 25.82
N ASP E 153 -0.78 15.72 26.88
CA ASP E 153 -1.16 14.63 27.79
C ASP E 153 -1.83 13.46 27.03
N ASP E 154 -2.64 13.81 26.01
CA ASP E 154 -3.38 12.90 25.13
C ASP E 154 -2.47 12.08 24.20
N VAL E 155 -1.25 12.62 23.80
CA VAL E 155 -0.26 11.98 22.90
C VAL E 155 -0.17 10.48 23.20
N PHE E 156 -0.68 9.69 22.25
CA PHE E 156 -0.73 8.24 22.31
C PHE E 156 -0.06 7.65 21.05
N LEU E 157 0.92 6.78 21.27
CA LEU E 157 1.58 6.08 20.19
C LEU E 157 1.08 4.63 20.38
N THR E 158 0.15 4.20 19.51
CA THR E 158 -0.49 2.89 19.53
C THR E 158 0.56 1.78 19.72
N GLY E 159 0.39 1.00 20.79
CA GLY E 159 1.29 -0.10 21.15
C GLY E 159 2.54 0.30 21.90
N TRP E 160 2.63 1.57 22.30
CA TRP E 160 3.80 2.07 23.03
C TRP E 160 3.41 2.92 24.21
N ASP E 161 4.30 2.98 25.19
CA ASP E 161 4.17 3.84 26.36
C ASP E 161 5.19 4.96 26.18
N ILE E 162 4.74 6.22 26.24
CA ILE E 162 5.66 7.35 26.13
C ILE E 162 6.22 7.69 27.53
N GLU E 163 7.51 7.44 27.73
CA GLU E 163 8.17 7.68 29.01
C GLU E 163 8.53 9.15 29.21
N SER E 164 9.25 9.78 28.24
CA SER E 164 9.69 11.17 28.33
C SER E 164 10.06 11.77 26.97
N PHE E 165 9.97 13.11 26.87
CA PHE E 165 10.39 13.87 25.70
C PHE E 165 11.26 15.00 26.22
N THR E 166 12.57 14.86 26.03
CA THR E 166 13.56 15.82 26.50
C THR E 166 14.53 16.19 25.39
N ALA E 167 15.33 17.25 25.59
CA ALA E 167 16.35 17.68 24.65
C ALA E 167 17.70 17.71 25.34
N VAL E 168 18.75 17.27 24.61
CA VAL E 168 20.14 17.35 25.05
C VAL E 168 20.46 18.83 24.77
N VAL E 169 20.57 19.64 25.84
CA VAL E 169 20.71 21.11 25.82
C VAL E 169 22.00 21.63 25.11
N LYS E 170 23.07 20.82 25.07
CA LYS E 170 24.32 21.22 24.43
C LYS E 170 24.26 20.82 22.94
N PRO E 171 24.30 21.79 22.00
CA PRO E 171 24.29 21.42 20.58
C PRO E 171 25.63 20.84 20.13
N ALA E 172 25.61 20.06 19.05
CA ALA E 172 26.81 19.52 18.44
C ALA E 172 27.19 20.53 17.34
N ASN E 173 28.25 21.30 17.57
CA ASN E 173 28.73 22.30 16.61
C ASN E 173 29.92 21.69 15.83
N PHE E 174 29.79 21.60 14.50
CA PHE E 174 30.79 20.98 13.63
C PHE E 174 30.79 21.62 12.25
N ALA E 175 31.90 21.46 11.51
CA ALA E 175 32.00 21.99 10.17
C ALA E 175 31.46 20.97 9.18
N LEU E 176 30.75 21.47 8.17
CA LEU E 176 30.17 20.65 7.12
C LEU E 176 30.17 21.46 5.84
N GLU E 177 30.96 21.00 4.85
CA GLU E 177 31.14 21.65 3.54
C GLU E 177 31.55 23.12 3.70
N ASP E 178 32.62 23.33 4.48
CA ASP E 178 33.29 24.60 4.76
C ASP E 178 32.43 25.66 5.47
N ARG E 179 31.40 25.24 6.23
CA ARG E 179 30.54 26.12 7.06
C ARG E 179 30.15 25.42 8.35
N LEU E 180 29.94 26.21 9.42
CA LEU E 180 29.53 25.70 10.72
C LEU E 180 28.06 25.25 10.71
N GLU E 181 27.76 24.17 11.46
CA GLU E 181 26.42 23.64 11.63
C GLU E 181 26.17 23.41 13.10
N SER E 182 24.99 23.81 13.60
CA SER E 182 24.62 23.60 15.00
C SER E 182 23.45 22.62 15.03
N LYS E 183 23.66 21.46 15.70
CA LYS E 183 22.70 20.36 15.75
C LYS E 183 22.19 20.08 17.16
N LEU E 184 20.85 19.99 17.34
CA LEU E 184 20.23 19.67 18.63
C LEU E 184 19.53 18.34 18.57
N ASP E 185 19.63 17.56 19.67
CA ASP E 185 19.03 16.23 19.80
C ASP E 185 17.82 16.22 20.74
N TYR E 186 16.63 16.04 20.17
CA TYR E 186 15.39 15.92 20.93
C TYR E 186 15.08 14.45 20.99
N GLN E 187 15.06 13.89 22.21
CA GLN E 187 14.87 12.47 22.45
C GLN E 187 13.54 12.10 23.07
N LEU E 188 12.81 11.21 22.39
CA LEU E 188 11.53 10.68 22.85
C LEU E 188 11.72 9.21 23.30
N ARG E 189 11.69 8.97 24.62
CA ARG E 189 11.86 7.66 25.21
C ARG E 189 10.53 6.92 25.27
N ILE E 190 10.48 5.75 24.63
CA ILE E 190 9.27 4.94 24.55
C ILE E 190 9.54 3.47 24.92
N SER E 191 8.52 2.77 25.43
CA SER E 191 8.65 1.35 25.72
C SER E 191 7.44 0.61 25.18
N ARG E 192 7.70 -0.56 24.60
CA ARG E 192 6.69 -1.38 23.96
C ARG E 192 5.71 -2.03 24.91
N GLN E 193 4.41 -1.96 24.57
CA GLN E 193 3.34 -2.60 25.31
C GLN E 193 3.34 -4.07 24.84
N TYR E 194 4.12 -4.89 25.60
CA TYR E 194 4.33 -6.31 25.35
C TYR E 194 3.12 -7.21 25.69
N PHE E 195 2.07 -6.70 26.39
CA PHE E 195 0.86 -7.45 26.80
C PHE E 195 0.37 -8.45 25.75
N SER E 196 -0.14 -7.95 24.61
CA SER E 196 -0.74 -8.71 23.50
C SER E 196 0.09 -9.87 23.01
N TYR E 197 1.43 -9.71 22.99
CA TYR E 197 2.35 -10.78 22.57
C TYR E 197 2.17 -12.09 23.35
N ILE E 198 1.83 -11.99 24.64
CA ILE E 198 1.63 -13.14 25.52
C ILE E 198 0.42 -14.01 25.06
N PRO E 199 -0.86 -13.53 25.07
CA PRO E 199 -1.95 -14.39 24.63
C PRO E 199 -2.01 -14.67 23.12
N ASN E 200 -1.48 -13.78 22.28
CA ASN E 200 -1.61 -13.91 20.84
C ASN E 200 -0.51 -14.70 20.15
N ILE E 201 0.72 -14.72 20.71
CA ILE E 201 1.84 -15.39 20.07
C ILE E 201 2.55 -16.38 20.99
N ILE E 202 3.03 -15.94 22.16
CA ILE E 202 3.77 -16.78 23.13
C ILE E 202 2.99 -17.99 23.59
N LEU E 203 1.79 -17.79 24.16
CA LEU E 203 0.99 -18.90 24.67
C LEU E 203 0.54 -19.85 23.54
N PRO E 204 0.06 -19.37 22.35
CA PRO E 204 -0.26 -20.33 21.27
C PRO E 204 0.92 -21.22 20.88
N MET E 205 2.14 -20.65 20.77
CA MET E 205 3.37 -21.40 20.47
C MET E 205 3.61 -22.51 21.48
N LEU E 206 3.46 -22.21 22.80
CA LEU E 206 3.61 -23.20 23.88
C LEU E 206 2.60 -24.31 23.79
N PHE E 207 1.31 -23.95 23.58
CA PHE E 207 0.23 -24.93 23.45
C PHE E 207 0.51 -25.93 22.35
N ILE E 208 0.91 -25.45 21.15
CA ILE E 208 1.18 -26.37 20.04
C ILE E 208 2.44 -27.21 20.33
N LEU E 209 3.44 -26.63 21.04
CA LEU E 209 4.66 -27.36 21.43
C LEU E 209 4.32 -28.51 22.39
N PHE E 210 3.45 -28.24 23.39
CA PHE E 210 2.99 -29.25 24.35
C PHE E 210 2.19 -30.34 23.67
N ILE E 211 1.40 -29.99 22.62
CA ILE E 211 0.64 -30.95 21.80
C ILE E 211 1.62 -31.92 21.12
N SER E 212 2.72 -31.38 20.56
CA SER E 212 3.77 -32.21 19.94
C SER E 212 4.41 -33.19 20.94
N TRP E 213 4.47 -32.81 22.24
CA TRP E 213 5.05 -33.60 23.32
C TRP E 213 4.19 -34.77 23.77
N THR E 214 2.89 -34.80 23.38
CA THR E 214 1.99 -35.92 23.67
C THR E 214 2.50 -37.19 22.92
N ALA E 215 3.35 -37.01 21.88
CA ALA E 215 3.98 -38.09 21.11
C ALA E 215 4.91 -38.95 22.03
N PHE E 216 5.30 -38.39 23.21
CA PHE E 216 6.12 -39.13 24.17
C PHE E 216 5.26 -40.11 25.01
N TRP E 217 3.93 -40.11 24.83
CA TRP E 217 3.00 -41.02 25.51
C TRP E 217 2.29 -41.89 24.47
N SER E 218 2.91 -42.06 23.30
CA SER E 218 2.35 -42.85 22.20
C SER E 218 3.42 -43.71 21.56
N THR E 219 3.01 -44.93 21.17
CA THR E 219 3.86 -45.94 20.52
C THR E 219 3.52 -46.02 19.02
N SER E 220 2.48 -45.26 18.60
CA SER E 220 1.96 -45.22 17.23
C SER E 220 2.74 -44.25 16.36
N TYR E 221 3.73 -44.78 15.58
CA TYR E 221 4.59 -43.97 14.69
C TYR E 221 3.79 -43.07 13.74
N GLU E 222 2.79 -43.62 13.06
CA GLU E 222 1.94 -42.88 12.13
C GLU E 222 1.30 -41.64 12.79
N ALA E 223 0.74 -41.84 14.00
CA ALA E 223 0.11 -40.78 14.80
C ALA E 223 1.15 -39.77 15.26
N ASN E 224 2.31 -40.26 15.74
CA ASN E 224 3.44 -39.44 16.21
C ASN E 224 3.94 -38.52 15.11
N VAL E 225 4.14 -39.08 13.90
CA VAL E 225 4.58 -38.35 12.71
C VAL E 225 3.58 -37.23 12.42
N THR E 226 2.27 -37.54 12.44
CA THR E 226 1.18 -36.58 12.24
C THR E 226 1.26 -35.45 13.30
N LEU E 227 1.34 -35.79 14.60
CA LEU E 227 1.45 -34.82 15.71
C LEU E 227 2.60 -33.87 15.53
N VAL E 228 3.85 -34.40 15.39
CA VAL E 228 5.05 -33.58 15.30
C VAL E 228 5.11 -32.71 14.03
N VAL E 229 4.77 -33.28 12.88
CA VAL E 229 4.83 -32.58 11.60
C VAL E 229 3.72 -31.53 11.48
N SER E 230 2.49 -31.84 11.95
CA SER E 230 1.38 -30.88 11.90
C SER E 230 1.62 -29.69 12.82
N THR E 231 2.06 -29.94 14.07
CA THR E 231 2.38 -28.87 15.02
C THR E 231 3.54 -28.03 14.48
N LEU E 232 4.52 -28.68 13.80
CA LEU E 232 5.61 -27.93 13.17
C LEU E 232 5.06 -26.95 12.13
N ILE E 233 4.07 -27.39 11.30
CA ILE E 233 3.47 -26.48 10.31
C ILE E 233 2.79 -25.26 11.00
N ALA E 234 2.05 -25.50 12.12
CA ALA E 234 1.41 -24.42 12.89
C ALA E 234 2.44 -23.47 13.44
N GLN E 235 3.58 -23.98 13.96
CA GLN E 235 4.69 -23.16 14.46
C GLN E 235 5.23 -22.29 13.34
N ILE E 236 5.44 -22.88 12.13
CA ILE E 236 5.94 -22.12 10.98
C ILE E 236 5.01 -20.92 10.68
N ALA E 237 3.66 -21.14 10.72
CA ALA E 237 2.66 -20.07 10.52
C ALA E 237 2.88 -18.91 11.48
N PHE E 238 3.13 -19.21 12.77
CA PHE E 238 3.41 -18.21 13.81
C PHE E 238 4.74 -17.53 13.60
N ASN E 239 5.78 -18.27 13.18
CA ASN E 239 7.13 -17.72 12.90
C ASN E 239 7.05 -16.67 11.82
N ILE E 240 6.39 -16.99 10.69
CA ILE E 240 6.20 -16.08 9.56
C ILE E 240 5.44 -14.86 10.07
N LEU E 241 4.32 -15.07 10.78
CA LEU E 241 3.47 -14.00 11.32
C LEU E 241 4.27 -13.01 12.17
N VAL E 242 5.05 -13.54 13.10
CA VAL E 242 5.94 -12.78 13.96
C VAL E 242 6.93 -11.95 13.09
N GLU E 243 7.83 -12.62 12.32
CA GLU E 243 8.96 -12.04 11.62
C GLU E 243 8.57 -11.06 10.50
N THR E 244 7.31 -11.06 10.03
CA THR E 244 6.82 -10.10 9.03
C THR E 244 6.76 -8.69 9.61
N ASN E 245 6.52 -8.55 10.93
CA ASN E 245 6.47 -7.26 11.63
C ASN E 245 7.87 -6.73 12.05
N LEU E 246 8.93 -7.45 11.71
CA LEU E 246 10.29 -7.06 12.05
C LEU E 246 11.16 -6.83 10.81
N PRO E 247 12.12 -5.87 10.85
CA PRO E 247 13.07 -5.78 9.73
C PRO E 247 14.16 -6.85 9.88
N LYS E 248 14.94 -7.08 8.82
CA LYS E 248 16.07 -8.02 8.82
C LYS E 248 17.26 -7.34 9.53
N THR E 249 17.60 -7.86 10.74
CA THR E 249 18.65 -7.29 11.58
C THR E 249 20.02 -8.02 11.46
N PRO E 250 21.15 -7.28 11.53
CA PRO E 250 22.47 -7.95 11.49
C PRO E 250 22.89 -8.52 12.87
N TYR E 251 21.90 -8.90 13.68
CA TYR E 251 22.09 -9.42 15.01
C TYR E 251 20.96 -10.37 15.35
N MET E 252 21.15 -11.15 16.42
CA MET E 252 20.12 -12.05 16.91
C MET E 252 19.20 -11.24 17.83
N THR E 253 17.87 -11.40 17.67
CA THR E 253 16.86 -10.79 18.54
C THR E 253 16.39 -11.87 19.52
N TYR E 254 15.75 -11.46 20.62
CA TYR E 254 15.25 -12.39 21.63
C TYR E 254 14.24 -13.40 21.03
N THR E 255 13.28 -12.89 20.26
CA THR E 255 12.27 -13.61 19.49
C THR E 255 12.91 -14.61 18.50
N GLY E 256 13.93 -14.14 17.78
CA GLY E 256 14.62 -14.92 16.78
C GLY E 256 15.31 -16.12 17.37
N ALA E 257 15.94 -15.93 18.54
CA ALA E 257 16.63 -16.94 19.33
C ALA E 257 15.65 -18.03 19.76
N ILE E 258 14.49 -17.60 20.31
CA ILE E 258 13.41 -18.46 20.76
C ILE E 258 12.86 -19.28 19.62
N ILE E 259 12.58 -18.62 18.48
CA ILE E 259 12.08 -19.29 17.27
C ILE E 259 13.08 -20.36 16.80
N PHE E 260 14.37 -20.02 16.80
CA PHE E 260 15.43 -20.93 16.39
C PHE E 260 15.49 -22.14 17.29
N MET E 261 15.43 -21.90 18.61
CA MET E 261 15.45 -22.91 19.66
C MET E 261 14.28 -23.86 19.49
N ILE E 262 13.07 -23.34 19.22
CA ILE E 262 11.88 -24.16 19.01
C ILE E 262 12.09 -25.13 17.82
N TYR E 263 12.70 -24.65 16.71
CA TYR E 263 13.02 -25.50 15.54
C TYR E 263 13.88 -26.70 15.95
N LEU E 264 14.90 -26.47 16.81
CA LEU E 264 15.77 -27.52 17.30
C LEU E 264 14.99 -28.56 18.07
N PHE E 265 14.11 -28.11 18.97
CA PHE E 265 13.25 -28.97 19.77
C PHE E 265 12.35 -29.82 18.90
N TYR E 266 11.79 -29.26 17.81
CA TYR E 266 10.96 -30.03 16.88
C TYR E 266 11.81 -31.06 16.14
N PHE E 267 13.03 -30.67 15.77
CA PHE E 267 13.98 -31.54 15.08
C PHE E 267 14.37 -32.73 15.94
N VAL E 268 14.74 -32.47 17.22
CA VAL E 268 15.10 -33.50 18.19
C VAL E 268 13.90 -34.44 18.49
N ALA E 269 12.66 -33.92 18.58
CA ALA E 269 11.49 -34.77 18.81
C ALA E 269 11.24 -35.70 17.61
N VAL E 270 11.59 -35.29 16.37
CA VAL E 270 11.48 -36.15 15.18
C VAL E 270 12.51 -37.28 15.32
N ILE E 271 13.73 -36.95 15.78
CA ILE E 271 14.77 -37.95 16.02
C ILE E 271 14.25 -38.97 17.03
N GLU E 272 13.75 -38.51 18.20
CA GLU E 272 13.17 -39.38 19.23
C GLU E 272 12.11 -40.30 18.62
N VAL E 273 11.06 -39.72 17.99
CA VAL E 273 9.97 -40.45 17.34
C VAL E 273 10.49 -41.52 16.35
N THR E 274 11.52 -41.17 15.53
CA THR E 274 12.16 -42.04 14.54
C THR E 274 12.89 -43.21 15.25
N VAL E 275 13.72 -42.89 16.27
CA VAL E 275 14.54 -43.83 17.04
C VAL E 275 13.63 -44.87 17.72
N GLN E 276 12.61 -44.38 18.46
CA GLN E 276 11.62 -45.20 19.14
C GLN E 276 11.00 -46.23 18.17
N HIS E 277 10.54 -45.79 17.01
CA HIS E 277 9.94 -46.66 15.99
C HIS E 277 10.93 -47.68 15.44
N TYR E 278 12.18 -47.26 15.15
CA TYR E 278 13.25 -48.13 14.64
C TYR E 278 13.49 -49.32 15.59
N LEU E 279 13.54 -49.04 16.91
CA LEU E 279 13.74 -50.04 17.97
C LEU E 279 12.59 -51.02 18.06
N LYS E 280 11.33 -50.51 18.00
CA LYS E 280 10.13 -51.36 18.05
CA LYS E 280 10.09 -51.31 18.02
C LYS E 280 10.11 -52.32 16.87
N VAL E 281 10.55 -51.86 15.68
CA VAL E 281 10.63 -52.70 14.48
C VAL E 281 11.76 -53.76 14.63
N GLU E 282 12.91 -53.37 15.25
CA GLU E 282 14.08 -54.21 15.54
C GLU E 282 13.81 -55.16 16.72
N SER E 283 12.56 -55.20 17.21
CA SER E 283 12.09 -56.02 18.34
C SER E 283 12.84 -55.70 19.64
N GLN E 284 13.04 -54.40 19.88
CA GLN E 284 13.66 -53.86 21.09
C GLN E 284 12.73 -52.83 21.78
N PRO E 285 11.42 -53.15 22.06
CA PRO E 285 10.54 -52.15 22.68
C PRO E 285 10.94 -51.69 24.08
N ALA E 286 11.68 -52.53 24.80
CA ALA E 286 12.15 -52.21 26.14
C ALA E 286 13.11 -51.03 26.11
N ARG E 287 14.01 -50.99 25.09
CA ARG E 287 15.00 -49.92 24.92
C ARG E 287 14.31 -48.61 24.50
N ALA E 288 13.35 -48.70 23.57
CA ALA E 288 12.55 -47.59 23.09
C ALA E 288 11.77 -47.00 24.26
N ALA E 289 11.11 -47.85 25.08
CA ALA E 289 10.35 -47.42 26.27
C ALA E 289 11.19 -46.58 27.25
N SER E 290 12.50 -46.92 27.38
CA SER E 290 13.44 -46.20 28.25
C SER E 290 13.68 -44.78 27.73
N ILE E 291 13.88 -44.64 26.40
CA ILE E 291 14.12 -43.39 25.73
C ILE E 291 12.87 -42.47 25.86
N THR E 292 11.66 -42.95 25.53
CA THR E 292 10.45 -42.13 25.66
C THR E 292 10.24 -41.68 27.10
N ARG E 293 10.35 -42.60 28.06
CA ARG E 293 10.14 -42.25 29.45
C ARG E 293 11.06 -41.12 29.86
N ALA E 294 12.32 -41.15 29.36
CA ALA E 294 13.32 -40.12 29.61
C ALA E 294 12.89 -38.81 28.94
N SER E 295 12.47 -38.90 27.66
CA SER E 295 12.01 -37.77 26.85
C SER E 295 10.89 -36.99 27.52
N ARG E 296 9.98 -37.69 28.21
CA ARG E 296 8.85 -37.10 28.96
C ARG E 296 9.30 -36.06 29.98
N ILE E 297 10.48 -36.26 30.60
CA ILE E 297 11.06 -35.32 31.57
C ILE E 297 12.09 -34.41 30.89
N ALA E 298 13.02 -34.99 30.11
CA ALA E 298 14.10 -34.28 29.44
C ALA E 298 13.64 -33.09 28.61
N PHE E 299 12.67 -33.29 27.68
CA PHE E 299 12.14 -32.21 26.83
C PHE E 299 11.61 -31.00 27.63
N PRO E 300 10.65 -31.11 28.59
CA PRO E 300 10.23 -29.92 29.35
C PRO E 300 11.37 -29.29 30.18
N VAL E 301 12.24 -30.11 30.80
CA VAL E 301 13.35 -29.64 31.64
C VAL E 301 14.36 -28.82 30.82
N VAL E 302 14.80 -29.37 29.67
CA VAL E 302 15.74 -28.69 28.78
C VAL E 302 15.07 -27.46 28.16
N PHE E 303 13.76 -27.53 27.89
CA PHE E 303 13.05 -26.38 27.35
C PHE E 303 13.05 -25.22 28.33
N LEU E 304 12.76 -25.51 29.60
CA LEU E 304 12.72 -24.54 30.68
C LEU E 304 14.12 -23.96 30.95
N LEU E 305 15.16 -24.81 31.03
CA LEU E 305 16.53 -24.35 31.28
C LEU E 305 17.08 -23.50 30.14
N ALA E 306 16.91 -23.96 28.87
CA ALA E 306 17.35 -23.20 27.68
C ALA E 306 16.72 -21.80 27.66
N ASN E 307 15.43 -21.70 28.01
CA ASN E 307 14.72 -20.42 28.10
C ASN E 307 15.29 -19.50 29.18
N ILE E 308 15.62 -20.05 30.36
CA ILE E 308 16.23 -19.30 31.45
C ILE E 308 17.56 -18.74 30.97
N ILE E 309 18.40 -19.60 30.35
CA ILE E 309 19.71 -19.21 29.77
C ILE E 309 19.53 -18.07 28.75
N LEU E 310 18.55 -18.22 27.80
CA LEU E 310 18.26 -17.18 26.80
C LEU E 310 17.87 -15.85 27.40
N ALA E 311 16.87 -15.87 28.33
CA ALA E 311 16.39 -14.68 29.02
C ALA E 311 17.51 -14.02 29.79
N PHE E 312 18.44 -14.82 30.33
CA PHE E 312 19.59 -14.30 31.05
C PHE E 312 20.50 -13.53 30.12
N LEU E 313 20.85 -14.12 28.95
CA LEU E 313 21.72 -13.49 27.94
C LEU E 313 21.13 -12.22 27.36
N PHE E 314 19.82 -12.18 27.13
CA PHE E 314 19.19 -11.01 26.55
C PHE E 314 18.80 -9.90 27.55
N PHE E 315 18.50 -10.25 28.83
CA PHE E 315 18.04 -9.26 29.82
C PHE E 315 18.86 -9.19 31.12
C1 PLC F . -25.13 -6.57 22.57
C2 PLC F . -24.36 -7.72 21.92
C3 PLC F . -24.05 -8.96 22.82
C4 PLC F . -25.09 -2.79 25.86
C5 PLC F . -26.00 -3.25 27.04
C6 PLC F . -27.08 -2.98 29.36
C7 PLC F . -24.71 -2.35 29.07
C8 PLC F . -26.55 -0.95 28.08
C' PLC F . -25.89 -9.14 20.34
C1' PLC F . -25.12 -10.24 19.63
C2' PLC F . -25.97 -11.30 18.91
C3' PLC F . -24.98 -12.25 18.27
C4' PLC F . -25.49 -13.69 18.14
C5' PLC F . -24.30 -14.65 18.01
C6' PLC F . -24.75 -16.03 17.55
C7' PLC F . -23.61 -17.06 17.58
CB PLC F . -22.99 -11.17 22.48
C1B PLC F . -21.77 -11.86 21.89
C2B PLC F . -22.16 -12.84 20.76
C3B PLC F . -22.09 -14.32 21.16
C4B PLC F . -20.74 -14.96 20.82
C5B PLC F . -20.74 -16.50 21.01
C6B PLC F . -19.28 -16.99 21.03
C7B PLC F . -19.08 -18.51 20.82
O' PLC F . -27.08 -9.09 20.62
OB PLC F . -23.90 -11.72 23.06
O2 PLC F . -25.05 -8.02 20.64
O3 PLC F . -22.95 -9.76 22.33
O1P PLC F . -23.36 -3.56 22.96
O2P PLC F . -25.85 -3.72 23.08
O3P PLC F . -24.38 -5.85 23.54
O4P PLC F . -24.46 -3.91 25.31
N PLC F . -26.09 -2.39 28.36
P PLC F . -24.46 -4.23 23.68
C' PLC G . -21.51 -31.00 19.37
C1' PLC G . -21.18 -31.75 18.09
C2' PLC G . -20.54 -33.12 18.42
C3' PLC G . -20.50 -34.07 17.21
C4' PLC G . -21.73 -35.02 17.10
C5' PLC G . -21.28 -36.51 17.06
C6' PLC G . -22.40 -37.46 16.54
C7' PLC G . -22.11 -38.90 16.95
C8' PLC G . -23.15 -39.89 16.44
C9' PLC G . -23.06 -41.23 17.19
CA' PLC G . -23.93 -42.35 16.55
CB' PLC G . -25.02 -42.87 17.48
CB PLC G . -25.03 -27.42 15.69
C1B PLC G . -25.88 -28.54 16.23
C2B PLC G . -25.15 -29.90 16.10
C3B PLC G . -26.11 -31.07 16.34
C4B PLC G . -25.44 -32.43 16.05
C5B PLC G . -26.49 -33.55 16.08
C6B PLC G . -25.92 -34.88 15.51
C7B PLC G . -27.09 -35.83 15.16
C8B PLC G . -26.60 -37.27 15.00
C9B PLC G . -27.76 -38.27 15.15
CAA PLC G . -27.19 -39.69 15.35
CBA PLC G . -28.29 -40.75 15.38
C' PLC H . -25.07 -20.74 20.01
C1' PLC H . -24.68 -19.36 20.45
C2' PLC H . -25.97 -18.61 20.87
C3' PLC H . -25.61 -17.26 21.51
C4' PLC H . -26.79 -16.28 21.50
C5' PLC H . -26.36 -14.94 22.12
C6' PLC H . -27.52 -13.95 22.18
C7' PLC H . -27.14 -12.72 23.02
C8' PLC H . -28.27 -11.67 23.01
C9' PLC H . -27.94 -10.43 23.85
CA' PLC H . -29.11 -9.44 23.84
CB' PLC H . -28.71 -8.10 24.43
CL CL I . -5.90 21.97 10.46
CL CL J . -3.29 34.78 26.54
CL CL K . -4.56 26.73 32.60
NA NA L . -6.78 37.31 6.57
C ACT M . -8.71 29.36 8.76
O ACT M . -8.81 30.55 8.86
OXT ACT M . -9.05 28.56 9.64
CH3 ACT M . -8.10 28.83 7.46
C1 LMT N . -1.33 -13.11 2.34
C2 LMT N . -1.10 -14.21 3.41
C3 LMT N . -1.28 -15.60 2.77
C4 LMT N . -1.25 -16.67 3.85
C5 LMT N . -1.48 -18.05 3.22
C6 LMT N . -1.19 -19.13 4.23
C7 LMT N . -1.72 -20.54 3.80
C8 LMT N . -1.22 -21.60 4.79
C9 LMT N . -1.88 -22.97 4.50
C10 LMT N . -1.13 -24.15 5.21
C11 LMT N . -1.96 -25.40 5.06
C12 LMT N . -1.20 -26.65 5.52
C1 LMT O . -5.86 -10.13 2.96
C2 LMT O . -6.15 -11.13 4.13
C3 LMT O . -5.31 -12.44 4.08
C4 LMT O . -5.32 -13.16 5.46
C5 LMT O . -4.82 -14.62 5.36
C6 LMT O . -4.51 -15.27 6.74
C7 LMT O . -4.01 -16.73 6.54
C8 LMT O . -3.62 -17.45 7.84
C9 LMT O . -3.15 -18.88 7.53
C10 LMT O . -2.84 -19.76 8.78
C11 LMT O . -2.59 -21.21 8.30
C12 LMT O . -2.24 -22.21 9.40
C ACT P . -21.18 21.39 -1.27
O ACT P . -21.82 22.47 -1.51
OXT ACT P . -19.95 21.23 -1.51
CH3 ACT P . -21.95 20.16 -0.69
O1 PFL Q . -16.58 -11.90 16.41
C1 PFL Q . -15.50 -12.56 16.85
C2 PFL Q . -14.44 -12.47 15.96
C6 PFL Q . -15.55 -13.49 17.89
C3 PFL Q . -13.45 -13.46 16.03
C7 PFL Q . -14.35 -11.27 15.03
C4 PFL Q . -13.51 -14.45 17.00
C5 PFL Q . -14.53 -14.44 17.95
C10 PFL Q . -16.71 -13.49 18.87
C8 PFL Q . -13.33 -10.25 15.45
C9 PFL Q . -14.18 -11.64 13.56
C11 PFL Q . -17.03 -14.90 19.37
C12 PFL Q . -16.49 -12.53 20.03
NA NA R . -3.05 -38.20 7.56
C1 PLC S . -27.92 -13.56 -14.12
C2 PLC S . -27.04 -14.53 -13.28
C3 PLC S . -27.74 -15.62 -12.39
C4 PLC S . -31.92 -10.22 -13.34
C5 PLC S . -33.18 -11.02 -12.89
C6 PLC S . -35.76 -10.96 -13.20
C7 PLC S . -34.78 -10.39 -11.03
C8 PLC S . -34.59 -8.81 -12.93
C' PLC S . -26.16 -16.12 -15.14
C1' PLC S . -25.74 -17.56 -14.76
C2' PLC S . -24.39 -17.96 -15.39
C3' PLC S . -23.48 -18.68 -14.37
C4' PLC S . -23.64 -20.21 -14.34
C5' PLC S . -22.62 -20.88 -13.39
C6' PLC S . -22.49 -22.38 -13.67
C7' PLC S . -21.59 -23.15 -12.67
CB PLC S . -26.83 -17.64 -11.34
C1B PLC S . -25.84 -18.14 -10.32
C2B PLC S . -24.84 -19.16 -10.93
C3B PLC S . -24.88 -20.54 -10.26
C4B PLC S . -23.96 -20.63 -9.02
C5B PLC S . -23.88 -22.07 -8.45
C6B PLC S . -22.91 -22.07 -7.24
C7B PLC S . -22.67 -23.46 -6.66
O' PLC S . -26.60 -15.74 -16.24
OB PLC S . -27.57 -18.35 -12.00
O2 PLC S . -25.97 -15.16 -14.10
O3 PLC S . -26.84 -16.25 -11.45
O1P PLC S . -28.86 -10.42 -14.73
O2P PLC S . -30.50 -12.24 -15.23
O3P PLC S . -28.71 -12.63 -13.36
O4P PLC S . -30.74 -10.94 -12.98
N PLC S . -34.55 -10.30 -12.54
P PLC S . -29.65 -11.52 -14.10
C' PLC T . -20.52 -36.46 -7.11
C1' PLC T . -19.11 -37.02 -7.09
C2' PLC T . -19.02 -38.22 -6.10
C3' PLC T . -17.72 -39.04 -6.26
C4' PLC T . -17.85 -40.27 -7.23
C5' PLC T . -17.49 -41.62 -6.53
C6' PLC T . -17.24 -42.75 -7.54
C7' PLC T . -17.37 -44.13 -6.86
C8' PLC T . -17.08 -45.31 -7.80
C9' PLC T . -17.61 -46.62 -7.19
CA' PLC T . -17.12 -47.87 -7.96
CB' PLC T . -18.29 -48.71 -8.46
CB PLC T . -18.65 -33.57 -12.28
C1B PLC T . -19.23 -34.92 -12.64
C2B PLC T . -18.60 -36.02 -11.76
C3B PLC T . -18.97 -37.41 -12.33
C4B PLC T . -18.33 -38.56 -11.53
C5B PLC T . -18.61 -39.89 -12.26
C6B PLC T . -17.81 -41.06 -11.65
C7B PLC T . -17.79 -42.25 -12.64
C8B PLC T . -17.28 -43.52 -11.95
C9B PLC T . -17.55 -44.78 -12.79
CAA PLC T . -17.76 -46.00 -11.87
CBA PLC T . -17.81 -47.31 -12.65
C' PLC U . -24.36 -27.24 -10.97
C1' PLC U . -24.65 -25.76 -11.05
C2' PLC U . -25.08 -25.41 -12.50
C3' PLC U . -26.07 -24.25 -12.48
C4' PLC U . -26.26 -23.62 -13.88
C5' PLC U . -27.20 -22.42 -13.75
C6' PLC U . -27.37 -21.66 -15.07
C7' PLC U . -28.26 -20.42 -14.86
C8' PLC U . -28.55 -19.69 -16.18
C9' PLC U . -29.54 -18.52 -15.95
CA' PLC U . -29.91 -17.84 -17.27
CB' PLC U . -30.49 -16.44 -17.02
CL CL V . -14.62 18.92 -6.41
NA NA W . -12.93 33.77 -11.14
C ACT X . -14.82 25.89 -10.73
O ACT X . -15.54 26.50 -11.51
OXT ACT X . -15.19 24.91 -10.12
CH3 ACT X . -13.39 26.40 -10.52
C1 LMT Y . -3.73 -11.67 -2.50
C2 LMT Y . -3.25 -12.88 -1.62
C3 LMT Y . -4.45 -13.67 -1.02
C4 LMT Y . -3.97 -14.79 -0.07
C5 LMT Y . -5.13 -15.72 0.39
C6 LMT Y . -4.60 -16.87 1.31
C7 LMT Y . -5.74 -17.65 2.05
C8 LMT Y . -5.11 -18.55 3.16
C9 LMT Y . -6.06 -19.67 3.64
C10 LMT Y . -5.43 -20.66 4.65
C11 LMT Y . -6.40 -21.90 4.79
C12 LMT Y . -5.96 -22.94 5.81
C ACT Z . -8.50 15.64 -24.30
O ACT Z . -8.51 16.69 -25.12
OXT ACT Z . -7.82 15.51 -23.24
CH3 ACT Z . -9.41 14.40 -24.62
C1 PLC AA . 6.44 -19.03 -27.79
C2 PLC AA . 6.01 -19.80 -26.54
C3 PLC AA . 5.13 -21.08 -26.69
C4 PLC AA . 3.85 -16.46 -31.50
C5 PLC AA . 3.38 -17.60 -32.44
C6 PLC AA . 2.95 -18.18 -34.93
C7 PLC AA . 1.06 -17.62 -33.45
C8 PLC AA . 2.63 -15.84 -34.21
C' PLC AA . 8.28 -20.90 -25.92
C1' PLC AA . 8.26 -22.24 -25.18
C2' PLC AA . 9.34 -22.28 -24.08
C3' PLC AA . 8.79 -22.70 -22.72
C4' PLC AA . 8.92 -24.21 -22.48
C5' PLC AA . 8.41 -24.63 -21.08
C6' PLC AA . 8.79 -26.09 -20.78
C7' PLC AA . 8.20 -26.63 -19.46
CB PLC AA . 4.62 -22.82 -25.07
C1B PLC AA . 4.06 -23.09 -23.70
C2B PLC AA . 5.15 -23.64 -22.75
C3B PLC AA . 4.82 -25.04 -22.21
C4B PLC AA . 4.04 -25.00 -20.89
C5B PLC AA . 4.06 -26.35 -20.14
C6B PLC AA . 2.69 -26.63 -19.49
C7B PLC AA . 2.69 -27.77 -18.48
O' PLC AA . 9.17 -20.47 -26.66
OB PLC AA . 5.05 -23.67 -25.82
O2 PLC AA . 7.16 -20.09 -25.64
O3 PLC AA . 4.60 -21.48 -25.43
O1P PLC AA . 6.24 -15.97 -29.16
O2P PLC AA . 6.43 -17.95 -30.69
O3P PLC AA . 5.36 -18.26 -28.34
O4P PLC AA . 4.04 -16.97 -30.18
N PLC AA . 2.54 -17.30 -33.73
P PLC AA . 5.56 -17.22 -29.57
C' PLC BA . 5.39 -39.71 -13.97
C1' PLC BA . 5.87 -39.93 -12.56
C2' PLC BA . 5.13 -41.15 -11.92
C3' PLC BA . 5.81 -41.62 -10.61
C4' PLC BA . 6.86 -42.75 -10.81
C5' PLC BA . 6.51 -44.02 -9.99
C6' PLC BA . 7.70 -44.99 -9.83
C7' PLC BA . 7.20 -46.38 -9.40
C8' PLC BA . 8.33 -47.38 -9.14
C9' PLC BA . 7.78 -48.83 -9.14
CA' PLC BA . 8.85 -49.87 -8.72
CB' PLC BA . 9.14 -50.89 -9.82
CB PLC BA . 10.38 -36.14 -14.55
C1B PLC BA . 10.73 -37.55 -14.93
C2B PLC BA . 10.29 -38.53 -13.82
C3B PLC BA . 10.93 -39.92 -14.01
C4B PLC BA . 10.54 -40.91 -12.90
C5B PLC BA . 11.41 -42.16 -13.03
C6B PLC BA . 11.22 -43.17 -11.88
C7B PLC BA . 12.37 -44.20 -11.85
C8B PLC BA . 11.96 -45.42 -11.02
C9B PLC BA . 12.93 -46.60 -11.14
CAA PLC BA . 12.20 -47.88 -10.71
CBA PLC BA . 13.13 -49.06 -10.52
C' PLC CA . 6.47 -31.39 -20.51
C1' PLC CA . 6.30 -30.01 -21.10
C2' PLC CA . 7.52 -29.62 -21.98
C3' PLC CA . 7.04 -28.81 -23.18
C4' PLC CA . 8.18 -28.16 -23.98
C5' PLC CA . 7.53 -27.28 -25.07
C6' PLC CA . 8.54 -26.49 -25.89
C7' PLC CA . 7.78 -25.66 -26.97
C8' PLC CA . 8.75 -24.89 -27.88
C9' PLC CA . 7.99 -23.99 -28.89
CA' PLC CA . 8.95 -23.08 -29.65
CB' PLC CA . 8.19 -22.01 -30.44
CL CL DA . -1.26 15.36 -19.60
NA NA EA . 1.41 30.29 -23.46
C ACT FA . 1.90 22.39 -22.66
O ACT FA . 2.92 22.69 -23.27
OXT ACT FA . 1.06 21.58 -23.05
CH3 ACT FA . 1.67 23.10 -21.32
C1 LMT GA . 2.39 -11.67 -1.68
C2 LMT GA . 2.44 -13.22 -1.34
C3 LMT GA . 1.07 -13.94 -1.47
C4 LMT GA . 1.19 -15.49 -1.54
C5 LMT GA . -0.03 -16.19 -0.85
C6 LMT GA . -0.33 -17.62 -1.35
C7 LMT GA . -1.32 -18.31 -0.38
C8 LMT GA . -1.90 -19.60 -0.95
C9 LMT GA . -2.59 -20.45 0.19
C10 LMT GA . -3.28 -21.75 -0.35
C11 LMT GA . -3.52 -22.75 0.79
C12 LMT GA . -4.04 -24.11 0.31
O1 PFL HA . 3.58 -19.97 -16.52
C1 PFL HA . 2.44 -20.51 -16.02
C2 PFL HA . 1.89 -19.90 -14.89
C6 PFL HA . 1.95 -21.70 -16.54
C3 PFL HA . 0.92 -20.62 -14.18
C7 PFL HA . 2.20 -18.45 -14.59
C4 PFL HA . 0.50 -21.87 -14.61
C5 PFL HA . 1.00 -22.41 -15.79
C10 PFL HA . 2.19 -22.04 -18.00
C8 PFL HA . 0.95 -17.59 -14.53
C9 PFL HA . 3.03 -18.26 -13.33
C11 PFL HA . 2.28 -23.54 -18.26
C12 PFL HA . 1.12 -21.40 -18.89
C ACT IA . 17.78 15.21 -19.03
O ACT IA . 18.34 16.28 -19.41
OXT ACT IA . 17.02 15.11 -18.06
CH3 ACT IA . 18.11 13.90 -19.79
C1 PLC JA . 30.80 -14.68 0.37
C2 PLC JA . 29.79 -15.79 0.77
C3 PLC JA . 29.59 -16.91 -0.29
C4 PLC JA . 33.34 -13.18 -3.91
C5 PLC JA . 34.29 -14.39 -4.17
C6 PLC JA . 36.44 -15.34 -5.25
C7 PLC JA . 34.44 -14.97 -6.64
C8 PLC JA . 35.79 -13.05 -5.82
C' PLC JA . 29.88 -15.95 3.29
C1' PLC JA . 28.60 -16.56 3.88
C2' PLC JA . 28.82 -17.78 4.79
C3' PLC JA . 27.45 -18.30 5.22
C4' PLC JA . 27.49 -19.79 5.59
C5' PLC JA . 26.10 -20.44 5.50
C6' PLC JA . 25.98 -21.58 6.56
C7' PLC JA . 24.62 -22.30 6.52
CB PLC JA . 28.21 -18.81 0.39
C1B PLC JA . 26.80 -19.37 0.38
C2B PLC JA . 26.36 -19.97 1.73
C3B PLC JA . 26.13 -21.48 1.63
C4B PLC JA . 24.64 -21.83 1.66
C5B PLC JA . 24.38 -23.37 1.80
C6B PLC JA . 22.88 -23.68 1.62
C7B PLC JA . 22.53 -25.17 1.74
O' PLC JA . 30.59 -15.07 3.80
OB PLC JA . 29.20 -19.35 0.85
O2 PLC JA . 30.23 -16.45 2.00
O3 PLC JA . 28.30 -17.55 -0.21
O1P PLC JA . 31.81 -11.92 -1.28
O2P PLC JA . 33.37 -13.84 -0.94
O3P PLC JA . 30.79 -14.28 -1.01
O4P PLC JA . 32.17 -13.60 -3.22
N PLC JA . 35.23 -14.43 -5.44
P PLC JA . 32.01 -13.36 -1.60
C' PLC KA . 20.46 -36.23 8.19
C1' PLC KA . 19.32 -36.41 9.16
C2' PLC KA . 18.64 -37.80 8.97
C3' PLC KA . 17.71 -38.18 10.14
C4' PLC KA . 18.40 -39.04 11.25
C5' PLC KA . 17.68 -40.40 11.48
C6' PLC KA . 18.08 -41.08 12.81
C7' PLC KA . 17.74 -42.58 12.75
C8' PLC KA . 18.03 -43.29 14.08
C9' PLC KA . 17.97 -44.84 13.91
CA' PLC KA . 18.00 -45.57 15.27
CB' PLC KA . 19.20 -46.48 15.40
CB PLC KA . 22.26 -31.57 11.76
C1B PLC KA . 22.92 -32.87 12.19
C2B PLC KA . 21.85 -33.96 12.42
C3B PLC KA . 22.43 -35.15 13.21
C4B PLC KA . 21.36 -36.22 13.47
C5B PLC KA . 21.92 -37.26 14.48
C6B PLC KA . 20.85 -38.27 14.95
C7B PLC KA . 21.35 -39.03 16.21
C8B PLC KA . 20.60 -40.36 16.40
C9B PLC KA . 21.33 -41.32 17.35
CAA PLC KA . 20.98 -42.79 17.00
CBA PLC KA . 21.51 -43.77 18.04
C' PLC LA . 26.02 -27.49 5.74
C1' PLC LA . 26.29 -26.05 5.40
C2' PLC LA . 27.70 -25.62 5.90
C3' PLC LA . 28.52 -24.90 4.80
C4' PLC LA . 29.24 -23.63 5.32
C5' PLC LA . 29.93 -22.93 4.15
C6' PLC LA . 30.61 -21.62 4.56
C7' PLC LA . 31.29 -20.95 3.35
C8' PLC LA . 32.25 -19.81 3.78
C9' PLC LA . 32.90 -19.16 2.54
CA' PLC LA . 34.03 -18.20 2.95
CB' PLC LA . 34.32 -17.19 1.83
CL CL MA . 15.71 16.07 -10.85
NA NA NA . 17.71 31.52 -12.33
C ACT OA . 18.54 23.69 -10.49
O ACT OA . 19.64 24.02 -10.02
OXT ACT OA . 18.20 22.52 -10.71
CH3 ACT OA . 17.55 24.78 -10.86
C1 LMT PA . 3.72 -10.66 4.20
C2 LMT PA . 4.23 -12.14 4.44
C3 LMT PA . 3.35 -13.21 3.75
C4 LMT PA . 4.03 -14.62 3.61
C5 LMT PA . 3.01 -15.67 3.12
C6 LMT PA . 3.63 -17.03 2.77
C7 LMT PA . 2.50 -18.03 2.47
C8 LMT PA . 3.04 -19.38 2.01
C9 LMT PA . 1.88 -20.44 1.95
C10 LMT PA . 2.35 -21.82 1.32
C11 LMT PA . 1.44 -22.97 1.81
C12 LMT PA . 1.86 -24.33 1.29
C ACT QA . 21.27 20.17 7.04
O ACT QA . 21.84 21.30 7.27
OXT ACT QA . 20.11 20.05 6.54
CH3 ACT QA . 22.04 18.85 7.38
O1 PFL RA . 19.78 -17.39 1.64
C1 PFL RA . 18.99 -18.20 0.90
C2 PFL RA . 17.64 -17.88 0.79
C6 PFL RA . 19.51 -19.41 0.43
C3 PFL RA . 16.76 -18.89 0.38
C7 PFL RA . 17.19 -16.46 1.06
C4 PFL RA . 17.24 -20.16 0.07
C5 PFL RA . 18.60 -20.42 0.08
C10 PFL RA . 20.95 -19.44 -0.04
C8 PFL RA . 16.06 -15.98 0.16
C9 PFL RA . 16.84 -16.27 2.52
C11 PFL RA . 21.76 -20.59 0.56
C12 PFL RA . 21.02 -19.45 -1.56
C ACT SA . -2.73 23.89 18.16
O ACT SA . -3.03 25.12 18.42
OXT ACT SA . -2.66 23.41 17.00
CH3 ACT SA . -2.46 22.92 19.34
C1 PLC TA . 11.21 -7.13 31.41
C2 PLC TA . 10.81 -8.33 30.52
C3 PLC TA . 11.61 -9.65 30.64
C4 PLC TA . 15.62 -4.34 31.89
C5 PLC TA . 16.54 -5.24 32.76
C6 PLC TA . 18.42 -5.17 34.54
C7 PLC TA . 18.99 -5.55 32.18
C8 PLC TA . 18.29 -3.29 32.95
C' PLC TA . 8.59 -9.00 31.72
C1' PLC TA . 8.25 -10.49 31.78
C2' PLC TA . 6.73 -10.73 31.67
C3' PLC TA . 6.36 -11.67 30.53
C4' PLC TA . 6.16 -13.12 31.00
C5' PLC TA . 5.74 -14.06 29.84
C6' PLC TA . 5.33 -15.46 30.37
C7' PLC TA . 4.91 -16.44 29.27
CB PLC TA . 11.07 -11.90 29.91
C1B PLC TA . 10.72 -12.72 28.71
C2B PLC TA . 9.32 -13.34 28.85
C3B PLC TA . 9.34 -14.88 28.89
C4B PLC TA . 9.13 -15.51 27.51
C5B PLC TA . 9.01 -17.05 27.65
C6B PLC TA . 8.87 -17.65 26.24
C7B PLC TA . 8.76 -19.17 26.22
O' PLC TA . 8.24 -8.12 32.50
OB PLC TA . 11.19 -12.29 31.05
O2 PLC TA . 9.35 -8.63 30.58
O3 PLC TA . 11.29 -10.56 29.59
O1P PLC TA . 12.28 -4.05 31.32
O2P PLC TA . 13.06 -5.35 33.28
O3P PLC TA . 12.52 -6.63 31.10
O4P PLC TA . 14.66 -5.14 31.22
N PLC TA . 18.02 -4.80 33.11
P PLC TA . 13.09 -5.23 31.71
C' PLC UA . 3.83 -30.89 28.79
C1' PLC UA . 2.57 -31.40 28.10
C2' PLC UA . 2.77 -32.88 27.70
C3' PLC UA . 1.44 -33.55 27.31
C4' PLC UA . 0.73 -34.28 28.48
C5' PLC UA . 0.49 -35.79 28.17
C6' PLC UA . -0.55 -36.45 29.10
C7' PLC UA . -0.39 -37.97 29.11
C8' PLC UA . -1.46 -38.69 29.94
C9' PLC UA . -1.02 -40.16 30.20
CA' PLC UA . -2.12 -40.96 30.97
CB' PLC UA . -1.64 -41.52 32.30
CB PLC UA . 0.26 -26.16 30.66
C1B PLC UA . 0.25 -27.29 31.66
C2B PLC UA . -0.12 -28.61 30.96
C3B PLC UA . -0.58 -29.65 31.98
C4B PLC UA . -0.94 -31.00 31.32
C5B PLC UA . -1.56 -31.93 32.37
C6B PLC UA . -2.15 -33.22 31.78
C7B PLC UA . -2.97 -33.95 32.86
C8B PLC UA . -3.20 -35.42 32.50
C9B PLC UA . -3.77 -36.22 33.68
CAA PLC UA . -3.28 -37.67 33.62
CBA PLC UA . -3.94 -38.56 34.66
C' PLC VA . 6.99 -20.74 31.07
C1' PLC VA . 6.79 -19.23 31.05
C2' PLC VA . 7.05 -18.62 32.46
C3' PLC VA . 8.04 -17.45 32.36
C4' PLC VA . 7.84 -16.40 33.46
C5' PLC VA . 8.86 -15.25 33.26
C6' PLC VA . 8.59 -14.07 34.20
C7' PLC VA . 9.79 -13.10 34.19
C8' PLC VA . 9.54 -11.89 35.09
C9' PLC VA . 10.67 -10.86 35.00
CA' PLC VA . 10.26 -9.56 35.72
CB' PLC VA . 11.25 -8.43 35.46
CL CL WA . 12.73 19.97 7.63
NA NA XA . 12.67 35.60 5.89
C ACT YA . 12.43 28.06 9.08
O ACT YA . 11.55 28.75 9.60
OXT ACT YA . 13.00 27.11 9.64
CH3 ACT YA . 12.83 28.40 7.64
C1 LMT ZA . -1.37 -9.96 7.01
C2 LMT ZA . -1.04 -11.26 7.84
C3 LMT ZA . -0.66 -12.49 6.94
C4 LMT ZA . 0.16 -13.55 7.72
C5 LMT ZA . 0.03 -14.93 7.07
C6 LMT ZA . 1.10 -15.94 7.59
C7 LMT ZA . 0.90 -17.29 6.86
C8 LMT ZA . 2.14 -18.21 6.87
C9 LMT ZA . 1.74 -19.67 6.39
C10 LMT ZA . 2.76 -20.77 6.76
C11 LMT ZA . 2.16 -22.14 6.33
C12 LMT ZA . 2.99 -23.36 6.74
O1 PFL AB . 8.24 -11.93 21.94
C1 PFL AB . 8.21 -12.97 21.10
C2 PFL AB . 7.65 -12.84 19.83
C6 PFL AB . 8.82 -14.14 21.55
C3 PFL AB . 7.62 -13.97 19.03
C7 PFL AB . 7.37 -11.46 19.28
C4 PFL AB . 8.20 -15.16 19.44
C5 PFL AB . 8.81 -15.25 20.69
C10 PFL AB . 9.62 -14.12 22.83
C8 PFL AB . 7.44 -11.36 17.76
C9 PFL AB . 6.07 -10.89 19.79
C11 PFL AB . 9.55 -15.43 23.62
C12 PFL AB . 11.06 -13.75 22.56
#